data_5GL2
#
_entry.id   5GL2
#
_cell.length_a   106.840
_cell.length_b   106.840
_cell.length_c   364.019
_cell.angle_alpha   90.000
_cell.angle_beta   90.000
_cell.angle_gamma   90.000
#
_symmetry.space_group_name_H-M   'P 43 21 2'
#
loop_
_entity.id
_entity.type
_entity.pdbx_description
1 polymer 'Uncharacterized protein'
2 non-polymer 'CALCIUM ION'
3 water water
#
_entity_poly.entity_id   1
_entity_poly.type   'polypeptide(L)'
_entity_poly.pdbx_seq_one_letter_code
;MIAHLINTDIGNRGVLKVYLDYRRKNFNFLHNSTKMFLDNLERVLIVTGFPIPPMMVAETDGPPGALAIYRAVEMLGGKA
EILTYSEVEKALEPFGVSLARTPEPEDYSLIISVETPGRAADGRYYSMSALEIKRDPLDGIFLKARALGIPTIGVGDGGN
EIGMGKIRELVVGHVPHGEKIASVVETDELIVSAVSNWGAYGLVAQASIEVGRNLLEGWDERRVIEAISSAGLIDGVSKT
LAPSVDGIRLMVHEGIVELLKAVVDEAIL
;
_entity_poly.pdbx_strand_id   A,B,C,D,E,F
#
loop_
_chem_comp.id
_chem_comp.type
_chem_comp.name
_chem_comp.formula
CA non-polymer 'CALCIUM ION' 'Ca 2'
#
# COMPACT_ATOMS: atom_id res chain seq x y z
N MET A 1 -3.46 33.19 5.85
CA MET A 1 -4.63 33.86 5.23
C MET A 1 -4.51 34.00 3.71
N ILE A 2 -5.67 33.92 3.06
CA ILE A 2 -5.80 33.96 1.61
C ILE A 2 -5.19 35.16 0.89
N ALA A 3 -5.53 36.38 1.30
CA ALA A 3 -5.02 37.57 0.64
C ALA A 3 -3.48 37.60 0.62
N HIS A 4 -2.86 37.13 1.69
CA HIS A 4 -1.43 37.13 1.72
C HIS A 4 -0.83 36.07 0.80
N LEU A 5 -1.39 34.87 0.81
CA LEU A 5 -0.88 33.80 -0.05
C LEU A 5 -0.97 34.16 -1.53
N ILE A 6 -2.09 34.74 -1.95
CA ILE A 6 -2.22 35.08 -3.36
C ILE A 6 -1.29 36.22 -3.79
N ASN A 7 -0.55 36.76 -2.82
CA ASN A 7 0.43 37.81 -3.12
C ASN A 7 1.83 37.28 -2.81
N THR A 8 1.96 35.96 -2.76
CA THR A 8 3.25 35.33 -2.49
C THR A 8 4.34 35.97 -3.36
N ASP A 9 5.48 36.24 -2.74
CA ASP A 9 6.62 36.87 -3.39
C ASP A 9 7.08 36.09 -4.62
N ILE A 10 6.93 36.68 -5.80
CA ILE A 10 7.32 36.01 -7.01
C ILE A 10 8.37 36.73 -7.85
N GLY A 11 9.04 37.71 -7.24
CA GLY A 11 10.08 38.43 -7.96
C GLY A 11 9.65 39.76 -8.56
N ASN A 12 8.38 40.11 -8.43
CA ASN A 12 7.88 41.38 -8.95
C ASN A 12 7.76 42.34 -7.77
N ARG A 13 8.89 42.93 -7.38
CA ARG A 13 8.93 43.84 -6.24
C ARG A 13 7.91 44.97 -6.36
N GLY A 14 7.69 45.45 -7.57
CA GLY A 14 6.75 46.53 -7.79
C GLY A 14 5.38 46.24 -7.21
N VAL A 15 4.75 45.21 -7.73
CA VAL A 15 3.42 44.85 -7.27
C VAL A 15 3.41 44.41 -5.81
N LEU A 16 4.51 43.82 -5.35
CA LEU A 16 4.55 43.42 -3.95
C LEU A 16 4.45 44.69 -3.10
N LYS A 17 5.17 45.74 -3.50
CA LYS A 17 5.13 46.99 -2.77
C LYS A 17 3.74 47.60 -2.86
N VAL A 18 3.10 47.47 -4.01
CA VAL A 18 1.73 47.99 -4.16
C VAL A 18 0.86 47.27 -3.13
N TYR A 19 0.94 45.93 -3.14
CA TYR A 19 0.17 45.12 -2.21
C TYR A 19 0.42 45.56 -0.75
N LEU A 20 1.69 45.72 -0.39
CA LEU A 20 2.04 46.12 0.97
C LEU A 20 1.35 47.44 1.36
N ASP A 21 1.43 48.42 0.49
CA ASP A 21 0.80 49.72 0.77
C ASP A 21 -0.70 49.64 0.75
N TYR A 22 -1.23 48.95 -0.24
CA TYR A 22 -2.67 48.79 -0.37
C TYR A 22 -3.23 48.14 0.90
N ARG A 23 -2.61 47.05 1.32
CA ARG A 23 -3.07 46.35 2.49
C ARG A 23 -2.91 47.09 3.82
N ARG A 24 -1.92 47.96 3.90
CA ARG A 24 -1.76 48.71 5.15
C ARG A 24 -3.02 49.53 5.41
N LYS A 25 -3.61 50.07 4.34
CA LYS A 25 -4.81 50.89 4.47
C LYS A 25 -6.13 50.13 4.30
N ASN A 26 -6.14 49.16 3.38
CA ASN A 26 -7.32 48.33 3.10
C ASN A 26 -7.03 46.88 3.52
N PHE A 27 -6.67 46.68 4.77
CA PHE A 27 -6.33 45.34 5.25
C PHE A 27 -7.27 44.21 4.83
N ASN A 28 -8.57 44.48 4.85
CA ASN A 28 -9.55 43.46 4.49
C ASN A 28 -10.12 43.59 3.09
N PHE A 29 -9.34 44.09 2.15
CA PHE A 29 -9.82 44.25 0.79
C PHE A 29 -10.41 42.96 0.19
N LEU A 30 -9.85 41.80 0.56
CA LEU A 30 -10.35 40.54 0.03
C LEU A 30 -11.72 40.22 0.60
N HIS A 31 -11.87 40.36 1.91
CA HIS A 31 -13.15 40.09 2.53
C HIS A 31 -14.23 41.03 1.99
N ASN A 32 -13.89 42.30 1.80
CA ASN A 32 -14.89 43.24 1.29
C ASN A 32 -15.28 42.91 -0.13
N SER A 33 -14.33 42.44 -0.93
CA SER A 33 -14.63 42.05 -2.31
C SER A 33 -15.51 40.80 -2.31
N THR A 34 -15.30 39.91 -1.35
CA THR A 34 -16.07 38.68 -1.24
C THR A 34 -17.51 38.96 -0.84
N LYS A 35 -17.69 39.90 0.09
CA LYS A 35 -19.02 40.26 0.53
C LYS A 35 -19.84 40.81 -0.65
N MET A 36 -19.20 41.63 -1.49
CA MET A 36 -19.91 42.19 -2.64
C MET A 36 -20.24 41.07 -3.62
N PHE A 37 -19.31 40.14 -3.77
CA PHE A 37 -19.50 38.99 -4.66
C PHE A 37 -20.72 38.19 -4.21
N LEU A 38 -20.70 37.73 -2.96
CA LEU A 38 -21.76 36.93 -2.38
C LEU A 38 -23.15 37.58 -2.34
N ASP A 39 -23.19 38.90 -2.29
CA ASP A 39 -24.47 39.61 -2.24
C ASP A 39 -25.07 39.91 -3.61
N ASN A 40 -24.35 39.62 -4.68
CA ASN A 40 -24.83 39.92 -6.02
C ASN A 40 -24.62 38.82 -7.04
N LEU A 41 -25.00 37.59 -6.68
CA LEU A 41 -24.82 36.45 -7.56
C LEU A 41 -25.89 36.15 -8.62
N GLU A 42 -26.99 36.89 -8.65
CA GLU A 42 -28.04 36.56 -9.62
C GLU A 42 -27.55 36.42 -11.05
N ARG A 43 -26.85 37.43 -11.58
CA ARG A 43 -26.35 37.35 -12.93
C ARG A 43 -25.04 38.13 -13.03
N VAL A 44 -23.94 37.38 -12.98
CA VAL A 44 -22.61 37.96 -12.98
C VAL A 44 -21.97 38.00 -14.36
N LEU A 45 -21.40 39.15 -14.70
CA LEU A 45 -20.71 39.30 -15.97
C LEU A 45 -19.22 39.26 -15.60
N ILE A 46 -18.50 38.30 -16.15
CA ILE A 46 -17.08 38.18 -15.88
C ILE A 46 -16.35 38.59 -17.13
N VAL A 47 -15.54 39.63 -17.02
CA VAL A 47 -14.78 40.14 -18.16
C VAL A 47 -13.31 39.74 -18.05
N THR A 48 -12.73 39.26 -19.14
CA THR A 48 -11.33 38.86 -19.11
C THR A 48 -10.77 38.97 -20.53
N GLY A 49 -9.45 38.90 -20.67
CA GLY A 49 -8.84 39.02 -21.98
C GLY A 49 -7.84 40.16 -21.99
N PHE A 50 -6.57 39.84 -22.20
CA PHE A 50 -5.53 40.85 -22.19
C PHE A 50 -4.61 40.68 -23.39
N PRO A 51 -4.73 41.55 -24.41
CA PRO A 51 -3.91 41.48 -25.62
C PRO A 51 -2.44 41.81 -25.32
N ILE A 52 -1.53 40.97 -25.82
CA ILE A 52 -0.10 41.17 -25.56
C ILE A 52 0.67 41.71 -26.76
N PRO A 53 1.13 42.97 -26.69
CA PRO A 53 1.89 43.53 -27.81
C PRO A 53 3.20 42.76 -27.95
N PRO A 54 3.76 42.67 -29.18
CA PRO A 54 3.25 43.23 -30.44
C PRO A 54 2.17 42.44 -31.17
N MET A 55 2.00 41.16 -30.82
CA MET A 55 1.01 40.32 -31.50
C MET A 55 -0.43 40.68 -31.19
N MET A 56 -0.66 41.21 -30.00
CA MET A 56 -2.00 41.60 -29.56
C MET A 56 -2.89 40.39 -29.30
N VAL A 57 -2.27 39.24 -29.07
CA VAL A 57 -2.97 37.99 -28.79
C VAL A 57 -3.28 37.93 -27.29
N ALA A 58 -4.36 37.28 -26.90
CA ALA A 58 -4.71 37.19 -25.47
C ALA A 58 -3.78 36.18 -24.78
N GLU A 59 -3.60 36.37 -23.48
CA GLU A 59 -2.70 35.53 -22.69
C GLU A 59 -3.37 34.58 -21.69
N THR A 60 -2.54 33.74 -21.06
CA THR A 60 -2.99 32.75 -20.10
C THR A 60 -3.37 33.26 -18.72
N ASP A 61 -2.98 34.49 -18.38
CA ASP A 61 -3.38 35.02 -17.09
C ASP A 61 -4.68 35.77 -17.30
N GLY A 62 -5.71 35.35 -16.58
CA GLY A 62 -7.02 35.95 -16.69
C GLY A 62 -8.10 34.93 -16.95
N PRO A 63 -8.07 34.24 -18.11
CA PRO A 63 -9.12 33.25 -18.38
C PRO A 63 -9.29 32.15 -17.33
N PRO A 64 -8.19 31.57 -16.82
CA PRO A 64 -8.35 30.52 -15.81
C PRO A 64 -9.05 31.07 -14.57
N GLY A 65 -8.67 32.29 -14.18
CA GLY A 65 -9.29 32.89 -13.01
C GLY A 65 -10.77 33.17 -13.25
N ALA A 66 -11.09 33.60 -14.46
CA ALA A 66 -12.47 33.89 -14.82
C ALA A 66 -13.26 32.59 -14.76
N LEU A 67 -12.67 31.52 -15.28
CA LEU A 67 -13.33 30.23 -15.26
C LEU A 67 -13.63 29.76 -13.84
N ALA A 68 -12.67 29.91 -12.93
CA ALA A 68 -12.88 29.49 -11.54
C ALA A 68 -14.01 30.26 -10.88
N ILE A 69 -14.10 31.55 -11.18
CA ILE A 69 -15.14 32.40 -10.61
C ILE A 69 -16.50 32.02 -11.20
N TYR A 70 -16.55 31.84 -12.52
CA TYR A 70 -17.77 31.46 -13.23
C TYR A 70 -18.35 30.20 -12.57
N ARG A 71 -17.45 29.24 -12.40
CA ARG A 71 -17.75 27.95 -11.81
C ARG A 71 -18.35 28.08 -10.42
N ALA A 72 -17.79 28.98 -9.60
CA ALA A 72 -18.28 29.17 -8.25
C ALA A 72 -19.65 29.85 -8.24
N VAL A 73 -19.88 30.75 -9.19
CA VAL A 73 -21.18 31.42 -9.25
C VAL A 73 -22.27 30.37 -9.52
N GLU A 74 -22.02 29.49 -10.48
CA GLU A 74 -22.98 28.44 -10.81
C GLU A 74 -23.21 27.53 -9.61
N MET A 75 -22.13 27.11 -8.95
CA MET A 75 -22.25 26.24 -7.79
C MET A 75 -22.99 26.92 -6.66
N LEU A 76 -22.90 28.24 -6.57
CA LEU A 76 -23.59 28.98 -5.52
C LEU A 76 -25.04 29.30 -5.89
N GLY A 77 -25.49 28.73 -7.01
CA GLY A 77 -26.87 28.94 -7.45
C GLY A 77 -27.17 30.16 -8.32
N GLY A 78 -26.13 30.91 -8.69
CA GLY A 78 -26.33 32.09 -9.51
C GLY A 78 -26.05 31.82 -10.98
N LYS A 79 -26.05 32.87 -11.79
CA LYS A 79 -25.76 32.73 -13.21
C LYS A 79 -24.60 33.62 -13.59
N ALA A 80 -23.77 33.14 -14.52
CA ALA A 80 -22.62 33.89 -14.98
C ALA A 80 -22.44 33.83 -16.48
N GLU A 81 -21.86 34.88 -17.03
CA GLU A 81 -21.59 34.96 -18.45
C GLU A 81 -20.21 35.54 -18.61
N ILE A 82 -19.58 35.28 -19.74
CA ILE A 82 -18.24 35.78 -19.95
C ILE A 82 -18.14 36.68 -21.16
N LEU A 83 -17.50 37.83 -20.94
CA LEU A 83 -17.25 38.83 -21.96
C LEU A 83 -15.74 38.81 -22.21
N THR A 84 -15.31 38.44 -23.41
CA THR A 84 -13.88 38.38 -23.68
C THR A 84 -13.61 38.34 -25.18
N TYR A 85 -12.35 38.23 -25.57
CA TYR A 85 -11.99 38.20 -26.98
C TYR A 85 -12.24 36.82 -27.63
N SER A 86 -12.28 36.81 -28.96
CA SER A 86 -12.52 35.61 -29.75
C SER A 86 -11.67 34.40 -29.37
N GLU A 87 -10.35 34.58 -29.39
CA GLU A 87 -9.44 33.49 -29.09
C GLU A 87 -9.60 32.95 -27.67
N VAL A 88 -10.10 33.78 -26.77
CA VAL A 88 -10.31 33.34 -25.40
C VAL A 88 -11.58 32.51 -25.37
N GLU A 89 -12.62 32.99 -26.05
CA GLU A 89 -13.87 32.24 -26.10
C GLU A 89 -13.59 30.84 -26.65
N LYS A 90 -12.72 30.76 -27.64
CA LYS A 90 -12.38 29.47 -28.25
C LYS A 90 -11.65 28.58 -27.25
N ALA A 91 -10.71 29.17 -26.52
CA ALA A 91 -9.92 28.43 -25.53
C ALA A 91 -10.81 27.88 -24.42
N LEU A 92 -11.90 28.58 -24.12
CA LEU A 92 -12.81 28.14 -23.06
C LEU A 92 -13.99 27.31 -23.55
N GLU A 93 -14.08 27.11 -24.87
CA GLU A 93 -15.17 26.35 -25.44
C GLU A 93 -15.38 24.99 -24.77
N PRO A 94 -14.31 24.22 -24.55
CA PRO A 94 -14.45 22.90 -23.92
C PRO A 94 -15.13 22.92 -22.57
N PHE A 95 -15.04 24.05 -21.88
CA PHE A 95 -15.62 24.15 -20.54
C PHE A 95 -17.10 24.54 -20.49
N GLY A 96 -17.70 24.78 -21.65
CA GLY A 96 -19.11 25.11 -21.72
C GLY A 96 -19.61 26.41 -21.11
N VAL A 97 -18.75 27.43 -21.07
CA VAL A 97 -19.16 28.70 -20.49
C VAL A 97 -20.12 29.49 -21.37
N SER A 98 -21.09 30.15 -20.74
CA SER A 98 -22.06 30.99 -21.45
C SER A 98 -21.32 32.25 -21.88
N LEU A 99 -21.42 32.60 -23.15
CA LEU A 99 -20.76 33.79 -23.68
C LEU A 99 -21.77 34.93 -23.75
N ALA A 100 -21.41 36.08 -23.19
CA ALA A 100 -22.28 37.25 -23.21
C ALA A 100 -22.38 37.79 -24.63
N ARG A 101 -23.56 38.30 -24.99
CA ARG A 101 -23.77 38.90 -26.31
C ARG A 101 -24.46 40.25 -26.15
N THR A 102 -23.92 41.28 -26.80
CA THR A 102 -24.46 42.64 -26.71
C THR A 102 -24.81 42.92 -25.25
N PRO A 103 -23.84 42.72 -24.33
CA PRO A 103 -24.11 42.95 -22.92
C PRO A 103 -24.29 44.42 -22.53
N GLU A 104 -25.23 44.65 -21.62
CA GLU A 104 -25.48 45.98 -21.10
C GLU A 104 -25.36 45.81 -19.60
N PRO A 105 -24.61 46.71 -18.94
CA PRO A 105 -24.37 46.70 -17.50
C PRO A 105 -25.61 46.43 -16.66
N GLU A 106 -26.70 47.14 -16.97
CA GLU A 106 -27.96 47.02 -16.25
C GLU A 106 -28.54 45.61 -16.19
N ASP A 107 -28.18 44.78 -17.16
CA ASP A 107 -28.70 43.42 -17.19
C ASP A 107 -28.06 42.50 -16.15
N TYR A 108 -27.02 42.97 -15.46
CA TYR A 108 -26.31 42.17 -14.48
C TYR A 108 -26.34 42.70 -13.05
N SER A 109 -26.18 41.78 -12.10
CA SER A 109 -26.18 42.14 -10.68
C SER A 109 -24.76 42.49 -10.24
N LEU A 110 -23.79 42.04 -11.02
CA LEU A 110 -22.39 42.27 -10.70
C LEU A 110 -21.51 42.14 -11.93
N ILE A 111 -20.46 42.95 -12.00
CA ILE A 111 -19.53 42.86 -13.11
C ILE A 111 -18.14 42.74 -12.52
N ILE A 112 -17.44 41.70 -12.94
CA ILE A 112 -16.10 41.39 -12.44
C ILE A 112 -15.08 41.38 -13.56
N SER A 113 -13.92 41.98 -13.31
CA SER A 113 -12.86 41.98 -14.32
C SER A 113 -11.68 41.17 -13.76
N VAL A 114 -11.12 40.30 -14.59
CA VAL A 114 -9.96 39.50 -14.21
C VAL A 114 -8.92 39.72 -15.31
N GLU A 115 -7.88 40.46 -14.96
CA GLU A 115 -6.81 40.75 -15.91
C GLU A 115 -7.32 41.30 -17.25
N THR A 116 -7.99 42.45 -17.19
CA THR A 116 -8.49 43.09 -18.42
C THR A 116 -7.82 44.46 -18.46
N PRO A 117 -7.34 44.89 -19.64
CA PRO A 117 -6.68 46.19 -19.74
C PRO A 117 -7.59 47.36 -19.40
N GLY A 118 -7.06 48.31 -18.63
CA GLY A 118 -7.83 49.49 -18.27
C GLY A 118 -7.15 50.70 -18.86
N ARG A 119 -7.92 51.63 -19.43
CA ARG A 119 -7.33 52.82 -20.04
C ARG A 119 -6.48 53.61 -19.04
N ALA A 120 -5.34 54.09 -19.51
CA ALA A 120 -4.41 54.86 -18.69
C ALA A 120 -4.80 56.34 -18.66
N ALA A 121 -4.00 57.16 -17.99
CA ALA A 121 -4.29 58.58 -17.87
C ALA A 121 -4.42 59.27 -19.23
N ASP A 122 -3.62 58.84 -20.20
CA ASP A 122 -3.66 59.42 -21.54
C ASP A 122 -4.73 58.78 -22.43
N GLY A 123 -5.61 57.99 -21.81
CA GLY A 123 -6.68 57.36 -22.57
C GLY A 123 -6.26 56.18 -23.43
N ARG A 124 -5.00 55.78 -23.32
CA ARG A 124 -4.50 54.64 -24.09
C ARG A 124 -4.33 53.40 -23.21
N TYR A 125 -4.07 52.28 -23.85
CA TYR A 125 -3.90 50.99 -23.17
C TYR A 125 -2.47 50.48 -23.34
N TYR A 126 -1.83 50.16 -22.22
CA TYR A 126 -0.44 49.70 -22.24
C TYR A 126 -0.20 48.37 -21.51
N SER A 127 0.82 47.64 -21.94
CA SER A 127 1.18 46.38 -21.30
C SER A 127 2.22 46.70 -20.24
N MET A 128 2.63 45.70 -19.46
CA MET A 128 3.62 45.93 -18.41
C MET A 128 4.92 46.56 -18.89
N SER A 129 5.38 46.18 -20.09
CA SER A 129 6.61 46.73 -20.63
C SER A 129 6.37 48.08 -21.28
N ALA A 130 5.18 48.64 -21.04
CA ALA A 130 4.80 49.94 -21.56
C ALA A 130 4.55 50.01 -23.07
N LEU A 131 4.23 48.88 -23.70
CA LEU A 131 3.94 48.87 -25.13
C LEU A 131 2.45 49.13 -25.30
N GLU A 132 2.08 49.91 -26.31
CA GLU A 132 0.68 50.21 -26.51
C GLU A 132 -0.13 49.04 -27.05
N ILE A 133 -1.27 48.79 -26.41
CA ILE A 133 -2.16 47.73 -26.83
C ILE A 133 -3.05 48.28 -27.93
N LYS A 134 -3.00 47.66 -29.10
CA LYS A 134 -3.80 48.07 -30.24
C LYS A 134 -4.89 47.06 -30.48
N ARG A 135 -6.07 47.31 -29.93
CA ARG A 135 -7.21 46.40 -30.09
C ARG A 135 -8.46 46.97 -29.39
N ASP A 136 -9.64 46.56 -29.86
CA ASP A 136 -10.87 47.05 -29.26
C ASP A 136 -10.88 46.75 -27.76
N PRO A 137 -11.04 47.78 -26.93
CA PRO A 137 -11.06 47.67 -25.47
C PRO A 137 -12.29 47.00 -24.88
N LEU A 138 -12.18 46.57 -23.63
CA LEU A 138 -13.26 45.92 -22.91
C LEU A 138 -13.68 46.68 -21.65
N ASP A 139 -12.96 47.75 -21.31
CA ASP A 139 -13.27 48.50 -20.11
C ASP A 139 -14.50 49.43 -20.13
N GLY A 140 -15.01 49.72 -21.33
CA GLY A 140 -16.16 50.60 -21.46
C GLY A 140 -17.36 50.24 -20.60
N ILE A 141 -17.67 48.96 -20.49
CA ILE A 141 -18.82 48.55 -19.70
C ILE A 141 -18.61 48.88 -18.23
N PHE A 142 -17.36 49.01 -17.79
CA PHE A 142 -17.11 49.36 -16.38
C PHE A 142 -17.37 50.84 -16.10
N LEU A 143 -17.07 51.70 -17.07
CA LEU A 143 -17.35 53.12 -16.91
C LEU A 143 -18.86 53.28 -16.80
N LYS A 144 -19.59 52.55 -17.64
CA LYS A 144 -21.03 52.61 -17.63
C LYS A 144 -21.62 52.01 -16.35
N ALA A 145 -21.05 50.90 -15.89
CA ALA A 145 -21.54 50.26 -14.67
C ALA A 145 -21.45 51.20 -13.48
N ARG A 146 -20.33 51.92 -13.39
CA ARG A 146 -20.10 52.84 -12.31
C ARG A 146 -21.11 53.99 -12.36
N ALA A 147 -21.38 54.49 -13.57
CA ALA A 147 -22.34 55.57 -13.74
C ALA A 147 -23.74 55.09 -13.38
N LEU A 148 -23.95 53.77 -13.42
CA LEU A 148 -25.26 53.20 -13.11
C LEU A 148 -25.36 52.70 -11.68
N GLY A 149 -24.23 52.62 -10.98
CA GLY A 149 -24.23 52.14 -9.62
C GLY A 149 -24.22 50.63 -9.55
N ILE A 150 -23.90 49.97 -10.65
CA ILE A 150 -23.85 48.50 -10.70
C ILE A 150 -22.56 47.99 -10.05
N PRO A 151 -22.67 47.13 -9.04
CA PRO A 151 -21.51 46.57 -8.33
C PRO A 151 -20.42 46.03 -9.26
N THR A 152 -19.17 46.41 -8.98
CA THR A 152 -18.04 45.96 -9.79
C THR A 152 -16.84 45.56 -8.91
N ILE A 153 -16.13 44.55 -9.37
CA ILE A 153 -14.95 44.06 -8.66
C ILE A 153 -13.85 43.93 -9.71
N GLY A 154 -12.66 44.37 -9.35
CA GLY A 154 -11.54 44.27 -10.26
C GLY A 154 -10.46 43.40 -9.67
N VAL A 155 -9.77 42.65 -10.51
CA VAL A 155 -8.69 41.79 -10.07
C VAL A 155 -7.51 42.05 -10.99
N GLY A 156 -6.35 42.36 -10.43
CA GLY A 156 -5.20 42.61 -11.28
C GLY A 156 -3.89 42.42 -10.55
N ASP A 157 -2.80 42.27 -11.32
CA ASP A 157 -1.49 42.07 -10.72
C ASP A 157 -0.39 42.92 -11.38
N GLY A 158 -0.76 43.80 -12.30
CA GLY A 158 0.25 44.63 -12.95
C GLY A 158 0.11 46.13 -12.73
N GLY A 159 -1.11 46.60 -12.52
CA GLY A 159 -1.34 48.01 -12.30
C GLY A 159 -2.01 48.68 -13.48
N ASN A 160 -2.08 47.96 -14.60
CA ASN A 160 -2.67 48.47 -15.84
C ASN A 160 -4.03 47.85 -16.13
N GLU A 161 -4.63 47.21 -15.13
CA GLU A 161 -5.92 46.56 -15.28
C GLU A 161 -7.11 47.35 -14.78
N ILE A 162 -8.28 46.96 -15.24
CA ILE A 162 -9.53 47.56 -14.81
C ILE A 162 -9.56 47.41 -13.30
N GLY A 163 -9.85 48.51 -12.60
CA GLY A 163 -9.91 48.48 -11.14
C GLY A 163 -8.74 49.16 -10.46
N MET A 164 -7.58 49.18 -11.10
CA MET A 164 -6.37 49.78 -10.52
C MET A 164 -6.47 51.29 -10.34
N GLY A 165 -7.41 51.93 -11.05
CA GLY A 165 -7.57 53.37 -10.91
C GLY A 165 -7.72 53.74 -9.45
N LYS A 166 -8.32 52.83 -8.69
CA LYS A 166 -8.56 53.00 -7.26
C LYS A 166 -7.27 53.22 -6.45
N ILE A 167 -6.13 52.76 -6.97
CA ILE A 167 -4.85 52.93 -6.27
C ILE A 167 -3.77 53.40 -7.24
N ARG A 168 -4.18 54.20 -8.22
CA ARG A 168 -3.24 54.70 -9.21
C ARG A 168 -1.96 55.29 -8.62
N GLU A 169 -2.06 55.99 -7.49
CA GLU A 169 -0.89 56.58 -6.84
C GLU A 169 0.15 55.52 -6.48
N LEU A 170 -0.33 54.39 -5.97
CA LEU A 170 0.54 53.29 -5.59
C LEU A 170 1.28 52.72 -6.80
N VAL A 171 0.55 52.58 -7.91
CA VAL A 171 1.12 52.05 -9.13
C VAL A 171 2.15 53.01 -9.74
N VAL A 172 1.81 54.29 -9.81
CA VAL A 172 2.71 55.28 -10.36
C VAL A 172 4.03 55.32 -9.57
N GLY A 173 3.95 55.10 -8.26
CA GLY A 173 5.16 55.12 -7.47
C GLY A 173 6.00 53.86 -7.42
N HIS A 174 5.34 52.69 -7.28
CA HIS A 174 6.08 51.44 -7.16
C HIS A 174 6.33 50.59 -8.42
N VAL A 175 5.54 50.78 -9.45
CA VAL A 175 5.69 49.96 -10.66
C VAL A 175 6.41 50.62 -11.81
N PRO A 176 7.32 49.87 -12.48
CA PRO A 176 8.05 50.44 -13.61
C PRO A 176 7.08 50.99 -14.65
N HIS A 177 7.43 52.13 -15.24
CA HIS A 177 6.59 52.78 -16.24
C HIS A 177 5.18 53.05 -15.72
N GLY A 178 5.03 53.06 -14.39
CA GLY A 178 3.74 53.29 -13.76
C GLY A 178 2.92 54.49 -14.21
N GLU A 179 3.54 55.65 -14.33
CA GLU A 179 2.85 56.87 -14.74
C GLU A 179 2.12 56.70 -16.08
N LYS A 180 2.76 55.99 -17.00
CA LYS A 180 2.20 55.77 -18.32
C LYS A 180 1.18 54.63 -18.44
N ILE A 181 1.42 53.53 -17.74
CA ILE A 181 0.53 52.37 -17.84
C ILE A 181 -0.57 52.25 -16.79
N ALA A 182 -0.41 52.91 -15.65
CA ALA A 182 -1.42 52.81 -14.59
C ALA A 182 -2.80 53.12 -15.15
N SER A 183 -3.77 52.27 -14.85
CA SER A 183 -5.12 52.50 -15.32
C SER A 183 -5.83 53.47 -14.41
N VAL A 184 -6.75 54.24 -15.00
CA VAL A 184 -7.54 55.22 -14.27
C VAL A 184 -8.92 54.63 -13.98
N VAL A 185 -9.20 53.47 -14.57
CA VAL A 185 -10.50 52.83 -14.38
C VAL A 185 -10.64 52.25 -12.97
N GLU A 186 -11.69 52.69 -12.29
CA GLU A 186 -11.98 52.26 -10.93
C GLU A 186 -13.12 51.25 -10.87
N THR A 187 -13.14 50.47 -9.80
CA THR A 187 -14.20 49.50 -9.58
C THR A 187 -14.55 49.68 -8.12
N ASP A 188 -15.69 49.17 -7.69
CA ASP A 188 -16.12 49.29 -6.29
C ASP A 188 -15.15 48.60 -5.35
N GLU A 189 -14.77 47.37 -5.68
CA GLU A 189 -13.82 46.65 -4.84
C GLU A 189 -12.65 46.22 -5.72
N LEU A 190 -11.49 45.99 -5.10
CA LEU A 190 -10.30 45.64 -5.85
C LEU A 190 -9.44 44.58 -5.16
N ILE A 191 -9.05 43.58 -5.92
CA ILE A 191 -8.18 42.51 -5.43
C ILE A 191 -6.86 42.63 -6.14
N VAL A 192 -5.80 42.83 -5.36
CA VAL A 192 -4.46 42.89 -5.92
C VAL A 192 -3.85 41.52 -5.59
N SER A 193 -3.11 40.94 -6.53
CA SER A 193 -2.47 39.64 -6.32
C SER A 193 -1.18 39.61 -7.15
N ALA A 194 -0.36 38.57 -6.97
CA ALA A 194 0.91 38.48 -7.71
C ALA A 194 0.71 38.00 -9.15
N VAL A 195 -0.39 37.29 -9.36
CA VAL A 195 -0.78 36.77 -10.68
C VAL A 195 -2.29 36.94 -10.66
N SER A 196 -2.91 37.43 -11.73
CA SER A 196 -4.35 37.64 -11.70
C SER A 196 -5.17 36.40 -11.42
N ASN A 197 -4.79 35.26 -11.99
CA ASN A 197 -5.54 34.04 -11.72
C ASN A 197 -5.63 33.78 -10.21
N TRP A 198 -4.51 33.98 -9.52
CA TRP A 198 -4.47 33.75 -8.07
C TRP A 198 -5.43 34.68 -7.34
N GLY A 199 -5.63 35.88 -7.89
CA GLY A 199 -6.55 36.82 -7.28
C GLY A 199 -7.95 36.28 -7.37
N ALA A 200 -8.26 35.70 -8.52
CA ALA A 200 -9.58 35.13 -8.75
C ALA A 200 -9.74 33.89 -7.84
N TYR A 201 -8.71 33.04 -7.77
CA TYR A 201 -8.81 31.87 -6.90
C TYR A 201 -8.98 32.31 -5.43
N GLY A 202 -8.35 33.43 -5.06
CA GLY A 202 -8.47 33.92 -3.70
C GLY A 202 -9.91 34.34 -3.40
N LEU A 203 -10.55 34.96 -4.37
CA LEU A 203 -11.93 35.40 -4.21
C LEU A 203 -12.77 34.14 -3.95
N VAL A 204 -12.55 33.12 -4.77
CA VAL A 204 -13.29 31.86 -4.65
C VAL A 204 -13.03 31.18 -3.30
N ALA A 205 -11.78 31.18 -2.88
CA ALA A 205 -11.40 30.59 -1.60
C ALA A 205 -12.03 31.35 -0.43
N GLN A 206 -11.97 32.68 -0.46
CA GLN A 206 -12.56 33.47 0.63
C GLN A 206 -14.06 33.24 0.65
N ALA A 207 -14.66 33.19 -0.54
CA ALA A 207 -16.10 32.97 -0.62
C ALA A 207 -16.40 31.57 -0.04
N SER A 208 -15.57 30.59 -0.42
CA SER A 208 -15.75 29.21 0.07
C SER A 208 -15.82 29.16 1.60
N ILE A 209 -14.91 29.87 2.25
CA ILE A 209 -14.87 29.89 3.70
C ILE A 209 -16.12 30.58 4.27
N GLU A 210 -16.61 31.59 3.57
CA GLU A 210 -17.79 32.34 3.97
C GLU A 210 -19.03 31.44 3.95
N VAL A 211 -19.18 30.66 2.89
CA VAL A 211 -20.36 29.78 2.77
C VAL A 211 -20.18 28.37 3.35
N GLY A 212 -18.96 28.03 3.78
CA GLY A 212 -18.72 26.72 4.36
C GLY A 212 -18.61 25.56 3.37
N ARG A 213 -18.26 25.87 2.14
CA ARG A 213 -18.12 24.85 1.09
C ARG A 213 -16.85 25.18 0.33
N ASN A 214 -16.09 24.16 -0.07
CA ASN A 214 -14.87 24.42 -0.82
C ASN A 214 -15.22 24.55 -2.30
N LEU A 215 -15.38 25.78 -2.76
CA LEU A 215 -15.74 26.02 -4.16
C LEU A 215 -14.60 25.81 -5.15
N LEU A 216 -13.39 25.61 -4.64
CA LEU A 216 -12.24 25.38 -5.51
C LEU A 216 -12.01 23.88 -5.74
N GLU A 217 -12.65 23.05 -4.93
CA GLU A 217 -12.49 21.59 -5.07
C GLU A 217 -12.85 21.11 -6.46
N GLY A 218 -11.96 20.33 -7.05
CA GLY A 218 -12.19 19.81 -8.39
C GLY A 218 -11.47 20.60 -9.45
N TRP A 219 -10.93 21.75 -9.07
CA TRP A 219 -10.22 22.59 -10.02
C TRP A 219 -8.89 21.95 -10.43
N ASP A 220 -8.65 21.79 -11.73
CA ASP A 220 -7.39 21.22 -12.19
C ASP A 220 -6.63 22.31 -12.94
N GLU A 221 -5.74 22.99 -12.21
CA GLU A 221 -4.94 24.07 -12.77
C GLU A 221 -4.14 23.64 -13.98
N ARG A 222 -3.47 22.51 -13.87
CA ARG A 222 -2.65 22.03 -14.96
C ARG A 222 -3.47 21.77 -16.22
N ARG A 223 -4.61 21.12 -16.07
CA ARG A 223 -5.45 20.85 -17.22
C ARG A 223 -5.94 22.14 -17.87
N VAL A 224 -6.42 23.07 -17.06
CA VAL A 224 -6.92 24.34 -17.60
C VAL A 224 -5.85 25.11 -18.37
N ILE A 225 -4.68 25.28 -17.77
CA ILE A 225 -3.61 26.02 -18.45
C ILE A 225 -3.19 25.32 -19.72
N GLU A 226 -3.03 23.98 -19.67
CA GLU A 226 -2.65 23.21 -20.84
C GLU A 226 -3.69 23.37 -21.95
N ALA A 227 -4.97 23.34 -21.57
CA ALA A 227 -6.06 23.48 -22.54
C ALA A 227 -6.11 24.85 -23.22
N ILE A 228 -5.96 25.93 -22.46
CA ILE A 228 -6.01 27.24 -23.11
C ILE A 228 -4.72 27.53 -23.86
N SER A 229 -3.61 26.95 -23.39
CA SER A 229 -2.34 27.13 -24.07
C SER A 229 -2.41 26.41 -25.43
N SER A 230 -2.99 25.22 -25.44
CA SER A 230 -3.12 24.47 -26.69
C SER A 230 -4.01 25.22 -27.66
N ALA A 231 -4.93 26.02 -27.11
CA ALA A 231 -5.86 26.80 -27.91
C ALA A 231 -5.28 28.07 -28.50
N GLY A 232 -4.05 28.40 -28.15
CA GLY A 232 -3.44 29.59 -28.71
C GLY A 232 -3.13 30.74 -27.78
N LEU A 233 -3.66 30.71 -26.56
CA LEU A 233 -3.37 31.78 -25.61
C LEU A 233 -1.91 31.68 -25.22
N ILE A 234 -1.19 32.79 -25.31
CA ILE A 234 0.22 32.81 -25.00
C ILE A 234 0.52 33.22 -23.56
N ASP A 235 1.78 33.06 -23.17
CA ASP A 235 2.24 33.45 -21.84
C ASP A 235 2.52 34.95 -21.99
N GLY A 236 1.90 35.76 -21.15
CA GLY A 236 2.09 37.21 -21.23
C GLY A 236 3.50 37.75 -21.08
N VAL A 237 4.36 37.06 -20.35
CA VAL A 237 5.73 37.54 -20.17
C VAL A 237 6.69 36.99 -21.21
N SER A 238 6.68 35.68 -21.45
CA SER A 238 7.58 35.10 -22.44
C SER A 238 7.04 35.35 -23.85
N LYS A 239 5.72 35.50 -23.95
CA LYS A 239 5.06 35.75 -25.23
C LYS A 239 5.12 34.56 -26.19
N THR A 240 5.16 33.36 -25.63
CA THR A 240 5.20 32.13 -26.43
C THR A 240 4.10 31.17 -25.97
N LEU A 241 3.91 30.10 -26.73
CA LEU A 241 2.89 29.12 -26.39
C LEU A 241 3.38 28.14 -25.33
N ALA A 242 3.94 28.67 -24.25
CA ALA A 242 4.42 27.82 -23.17
C ALA A 242 3.25 27.64 -22.23
N PRO A 243 3.10 26.44 -21.65
CA PRO A 243 2.00 26.17 -20.72
C PRO A 243 2.32 26.77 -19.35
N SER A 244 2.45 28.09 -19.33
CA SER A 244 2.76 28.82 -18.11
C SER A 244 1.98 30.12 -18.04
N VAL A 245 2.10 30.82 -16.91
CA VAL A 245 1.40 32.08 -16.71
C VAL A 245 2.39 33.13 -16.21
N ASP A 246 2.50 34.23 -16.95
CA ASP A 246 3.41 35.32 -16.60
C ASP A 246 4.85 34.87 -16.35
N GLY A 247 5.30 33.88 -17.12
CA GLY A 247 6.66 33.40 -16.97
C GLY A 247 6.87 32.43 -15.83
N ILE A 248 5.82 32.17 -15.06
CA ILE A 248 5.93 31.25 -13.94
C ILE A 248 5.41 29.88 -14.32
N ARG A 249 6.23 28.85 -14.11
CA ARG A 249 5.84 27.48 -14.45
C ARG A 249 4.72 26.90 -13.61
N LEU A 250 4.04 25.91 -14.18
CA LEU A 250 2.89 25.25 -13.56
C LEU A 250 2.98 24.77 -12.13
N MET A 251 4.13 24.24 -11.71
CA MET A 251 4.22 23.73 -10.35
C MET A 251 3.96 24.80 -9.29
N VAL A 252 4.27 26.05 -9.61
CA VAL A 252 4.02 27.14 -8.66
C VAL A 252 2.52 27.40 -8.57
N HIS A 253 1.86 27.51 -9.72
CA HIS A 253 0.42 27.73 -9.80
C HIS A 253 -0.32 26.59 -9.11
N GLU A 254 0.15 25.36 -9.35
CA GLU A 254 -0.45 24.20 -8.71
C GLU A 254 -0.25 24.30 -7.21
N GLY A 255 0.94 24.72 -6.79
CA GLY A 255 1.21 24.84 -5.37
C GLY A 255 0.29 25.86 -4.71
N ILE A 256 0.04 26.96 -5.41
CA ILE A 256 -0.86 28.00 -4.90
C ILE A 256 -2.26 27.41 -4.73
N VAL A 257 -2.77 26.80 -5.78
CA VAL A 257 -4.11 26.22 -5.75
C VAL A 257 -4.29 25.14 -4.69
N GLU A 258 -3.33 24.23 -4.57
CA GLU A 258 -3.44 23.16 -3.58
C GLU A 258 -3.37 23.74 -2.17
N LEU A 259 -2.52 24.74 -1.97
CA LEU A 259 -2.43 25.35 -0.66
C LEU A 259 -3.75 26.07 -0.36
N LEU A 260 -4.31 26.76 -1.35
CA LEU A 260 -5.60 27.43 -1.14
C LEU A 260 -6.67 26.43 -0.74
N LYS A 261 -6.72 25.28 -1.42
CA LYS A 261 -7.72 24.27 -1.09
C LYS A 261 -7.54 23.77 0.35
N ALA A 262 -6.29 23.57 0.76
CA ALA A 262 -5.99 23.10 2.11
C ALA A 262 -6.41 24.11 3.16
N VAL A 263 -6.17 25.39 2.89
CA VAL A 263 -6.55 26.44 3.82
C VAL A 263 -8.06 26.50 3.96
N VAL A 264 -8.78 26.36 2.85
CA VAL A 264 -10.24 26.37 2.86
C VAL A 264 -10.78 25.16 3.63
N ASP A 265 -10.28 23.96 3.32
CA ASP A 265 -10.75 22.77 4.02
C ASP A 265 -10.55 22.91 5.52
N GLU A 266 -9.40 23.44 5.92
CA GLU A 266 -9.07 23.64 7.33
C GLU A 266 -10.01 24.65 7.99
N ALA A 267 -10.28 25.75 7.30
CA ALA A 267 -11.15 26.78 7.81
C ALA A 267 -12.60 26.33 7.95
N ILE A 268 -13.02 25.39 7.09
CA ILE A 268 -14.39 24.88 7.12
C ILE A 268 -14.55 23.81 8.20
N LEU A 269 -13.48 23.05 8.44
CA LEU A 269 -13.47 21.98 9.43
C LEU A 269 -14.47 20.88 9.09
N ILE B 2 9.38 34.55 -1.36
CA ILE B 2 9.63 33.70 -0.16
C ILE B 2 9.38 34.49 1.13
N ALA B 3 9.99 35.67 1.24
CA ALA B 3 9.85 36.52 2.41
C ALA B 3 8.39 36.89 2.62
N HIS B 4 7.55 36.54 1.65
CA HIS B 4 6.13 36.85 1.72
C HIS B 4 5.30 35.62 2.07
N LEU B 5 5.32 34.60 1.20
CA LEU B 5 4.59 33.36 1.42
C LEU B 5 4.62 32.90 2.88
N ILE B 6 5.77 33.11 3.51
CA ILE B 6 5.99 32.71 4.89
C ILE B 6 5.17 33.48 5.92
N ASN B 7 4.54 34.56 5.49
CA ASN B 7 3.75 35.39 6.39
C ASN B 7 2.26 35.32 6.08
N THR B 8 1.76 34.11 5.86
CA THR B 8 0.36 33.90 5.56
C THR B 8 -0.47 33.66 6.81
N ASN B 12 -2.59 35.62 14.75
CA ASN B 12 -3.24 35.48 13.45
C ASN B 12 -3.27 36.84 12.74
N ARG B 13 -4.29 37.64 13.05
CA ARG B 13 -4.42 38.96 12.44
C ARG B 13 -3.31 39.89 12.93
N GLY B 14 -2.99 39.80 14.22
CA GLY B 14 -1.96 40.65 14.80
C GLY B 14 -0.60 40.51 14.14
N VAL B 15 -0.12 39.28 14.03
CA VAL B 15 1.20 39.04 13.43
C VAL B 15 1.22 39.35 11.95
N LEU B 16 0.09 39.18 11.28
CA LEU B 16 0.03 39.47 9.86
C LEU B 16 0.29 40.96 9.68
N LYS B 17 -0.25 41.78 10.59
CA LYS B 17 -0.07 43.22 10.51
C LYS B 17 1.37 43.63 10.84
N VAL B 18 2.01 42.87 11.72
CA VAL B 18 3.39 43.15 12.08
C VAL B 18 4.26 42.87 10.85
N TYR B 19 4.03 41.72 10.22
CA TYR B 19 4.81 41.38 9.03
C TYR B 19 4.66 42.43 7.95
N LEU B 20 3.42 42.80 7.66
CA LEU B 20 3.15 43.81 6.65
C LEU B 20 3.97 45.05 6.90
N ASP B 21 3.96 45.53 8.13
CA ASP B 21 4.72 46.74 8.46
C ASP B 21 6.21 46.48 8.41
N TYR B 22 6.63 45.32 8.92
CA TYR B 22 8.03 44.97 8.92
C TYR B 22 8.56 44.91 7.48
N ARG B 23 7.84 44.22 6.60
CA ARG B 23 8.25 44.10 5.20
C ARG B 23 8.27 45.48 4.54
N ARG B 24 7.27 46.29 4.85
CA ARG B 24 7.20 47.65 4.31
C ARG B 24 8.43 48.46 4.75
N LYS B 25 8.85 48.24 6.00
CA LYS B 25 10.00 48.92 6.60
C LYS B 25 11.34 48.40 6.07
N ASN B 26 11.63 47.11 6.25
CA ASN B 26 12.87 46.51 5.76
C ASN B 26 12.51 45.48 4.71
N PHE B 27 12.24 45.98 3.51
CA PHE B 27 11.83 45.14 2.39
C PHE B 27 12.68 43.92 2.08
N ASN B 28 13.96 43.96 2.41
CA ASN B 28 14.81 42.82 2.09
C ASN B 28 15.30 42.04 3.29
N PHE B 29 14.50 42.00 4.35
CA PHE B 29 14.92 41.29 5.55
C PHE B 29 15.24 39.81 5.32
N LEU B 30 14.51 39.14 4.43
CA LEU B 30 14.78 37.73 4.19
C LEU B 30 16.10 37.54 3.46
N HIS B 31 16.32 38.36 2.44
CA HIS B 31 17.54 38.29 1.67
C HIS B 31 18.75 38.63 2.55
N ASN B 32 18.61 39.65 3.40
CA ASN B 32 19.75 40.02 4.24
C ASN B 32 20.03 38.95 5.29
N SER B 33 18.98 38.26 5.74
CA SER B 33 19.15 37.17 6.71
C SER B 33 19.91 36.04 6.04
N THR B 34 19.53 35.75 4.79
CA THR B 34 20.16 34.69 4.01
C THR B 34 21.64 34.95 3.73
N LYS B 35 21.98 36.21 3.47
CA LYS B 35 23.38 36.60 3.22
C LYS B 35 24.22 36.29 4.45
N MET B 36 23.76 36.74 5.61
CA MET B 36 24.48 36.49 6.83
C MET B 36 24.62 35.00 7.07
N PHE B 37 23.56 34.26 6.73
CA PHE B 37 23.56 32.81 6.89
C PHE B 37 24.68 32.17 6.07
N LEU B 38 24.64 32.39 4.75
CA LEU B 38 25.62 31.82 3.83
C LEU B 38 27.05 32.24 4.09
N ASP B 39 27.24 33.44 4.63
CA ASP B 39 28.58 33.95 4.90
C ASP B 39 29.21 33.45 6.19
N ASN B 40 28.46 32.70 7.00
CA ASN B 40 29.01 32.23 8.26
C ASN B 40 28.60 30.80 8.62
N LEU B 41 28.84 29.86 7.71
CA LEU B 41 28.45 28.47 7.93
C LEU B 41 29.46 27.58 8.67
N GLU B 42 30.62 28.13 9.03
CA GLU B 42 31.66 27.34 9.71
C GLU B 42 31.13 26.48 10.88
N ARG B 43 30.62 27.11 11.91
CA ARG B 43 30.08 26.38 13.05
C ARG B 43 28.86 27.17 13.54
N VAL B 44 27.68 26.69 13.15
CA VAL B 44 26.43 27.35 13.49
C VAL B 44 25.68 26.79 14.69
N LEU B 45 25.39 27.64 15.67
CA LEU B 45 24.64 27.23 16.86
C LEU B 45 23.17 27.58 16.56
N ILE B 46 22.29 26.59 16.63
CA ILE B 46 20.87 26.83 16.39
C ILE B 46 20.13 26.62 17.72
N VAL B 47 19.44 27.66 18.17
CA VAL B 47 18.71 27.58 19.42
C VAL B 47 17.21 27.53 19.14
N THR B 48 16.50 26.69 19.88
CA THR B 48 15.07 26.54 19.71
C THR B 48 14.50 25.92 20.97
N GLY B 49 13.17 25.88 21.06
CA GLY B 49 12.52 25.32 22.23
C GLY B 49 11.72 26.41 22.89
N PHE B 50 10.42 26.19 23.08
CA PHE B 50 9.57 27.22 23.67
C PHE B 50 8.61 26.63 24.69
N PRO B 51 8.88 26.82 26.00
CA PRO B 51 8.03 26.31 27.09
C PRO B 51 6.62 26.92 27.05
N ILE B 52 5.59 26.08 27.00
CA ILE B 52 4.21 26.55 26.96
C ILE B 52 3.56 26.49 28.34
N PRO B 53 3.20 27.65 28.91
CA PRO B 53 2.57 27.63 30.24
C PRO B 53 1.16 27.04 30.12
N PRO B 54 0.64 26.45 31.21
CA PRO B 54 1.25 26.28 32.53
C PRO B 54 2.19 25.09 32.71
N MET B 55 2.20 24.15 31.77
CA MET B 55 3.06 22.96 31.91
C MET B 55 4.54 23.21 31.63
N MET B 56 4.83 24.30 30.93
CA MET B 56 6.20 24.65 30.59
C MET B 56 6.91 23.60 29.74
N VAL B 57 6.16 22.91 28.88
CA VAL B 57 6.72 21.89 28.00
C VAL B 57 6.90 22.48 26.61
N ALA B 58 7.99 22.12 25.93
CA ALA B 58 8.30 22.64 24.59
C ALA B 58 7.23 22.23 23.58
N GLU B 59 7.05 23.05 22.55
CA GLU B 59 6.05 22.82 21.52
C GLU B 59 6.62 22.42 20.16
N THR B 60 5.71 22.21 19.20
CA THR B 60 6.07 21.80 17.84
C THR B 60 6.50 22.90 16.87
N ASP B 61 6.29 24.16 17.22
CA ASP B 61 6.78 25.21 16.34
C ASP B 61 8.15 25.56 16.88
N GLY B 62 9.14 25.49 16.01
CA GLY B 62 10.51 25.78 16.42
C GLY B 62 11.45 24.66 16.01
N PRO B 63 11.34 23.47 16.64
CA PRO B 63 12.22 22.34 16.31
C PRO B 63 12.25 21.94 14.83
N PRO B 64 11.09 21.86 14.16
CA PRO B 64 11.14 21.48 12.74
C PRO B 64 11.95 22.46 11.91
N GLY B 65 11.72 23.75 12.14
CA GLY B 65 12.46 24.76 11.42
C GLY B 65 13.94 24.67 11.73
N ALA B 66 14.26 24.45 13.00
CA ALA B 66 15.65 24.33 13.44
C ALA B 66 16.28 23.15 12.69
N LEU B 67 15.54 22.06 12.57
CA LEU B 67 16.04 20.87 11.86
C LEU B 67 16.30 21.17 10.39
N ALA B 68 15.38 21.87 9.74
CA ALA B 68 15.56 22.20 8.33
C ALA B 68 16.82 23.03 8.11
N ILE B 69 17.08 23.97 9.02
CA ILE B 69 18.25 24.82 8.91
C ILE B 69 19.52 23.99 9.22
N TYR B 70 19.47 23.18 10.27
CA TYR B 70 20.60 22.33 10.65
C TYR B 70 21.01 21.54 9.40
N ARG B 71 20.04 20.91 8.77
CA ARG B 71 20.26 20.12 7.57
C ARG B 71 20.84 20.95 6.44
N ALA B 72 20.32 22.15 6.23
CA ALA B 72 20.81 22.99 5.15
C ALA B 72 22.27 23.39 5.42
N VAL B 73 22.61 23.61 6.68
CA VAL B 73 23.98 23.97 7.01
C VAL B 73 24.95 22.86 6.60
N GLU B 74 24.63 21.63 6.98
CA GLU B 74 25.50 20.51 6.64
C GLU B 74 25.58 20.31 5.13
N MET B 75 24.43 20.37 4.45
CA MET B 75 24.43 20.18 2.99
C MET B 75 25.33 21.19 2.30
N LEU B 76 25.53 22.35 2.93
CA LEU B 76 26.36 23.41 2.36
C LEU B 76 27.82 23.28 2.80
N GLY B 77 28.12 22.20 3.53
CA GLY B 77 29.49 21.98 3.96
C GLY B 77 29.90 22.63 5.26
N GLY B 78 28.93 23.00 6.09
CA GLY B 78 29.27 23.63 7.35
C GLY B 78 28.91 22.71 8.51
N LYS B 79 29.08 23.18 9.74
CA LYS B 79 28.75 22.38 10.90
C LYS B 79 27.71 23.09 11.76
N ALA B 80 26.79 22.33 12.33
CA ALA B 80 25.76 22.90 13.19
C ALA B 80 25.59 22.08 14.46
N GLU B 81 25.10 22.74 15.50
CA GLU B 81 24.84 22.12 16.80
C GLU B 81 23.54 22.75 17.26
N ILE B 82 22.78 22.02 18.08
CA ILE B 82 21.52 22.55 18.58
C ILE B 82 21.49 22.71 20.11
N LEU B 83 21.05 23.88 20.56
CA LEU B 83 20.91 24.19 21.98
C LEU B 83 19.39 24.24 22.22
N THR B 84 18.89 23.37 23.09
CA THR B 84 17.46 23.34 23.36
C THR B 84 17.16 22.63 24.68
N TYR B 85 15.87 22.44 24.98
CA TYR B 85 15.48 21.77 26.21
C TYR B 85 15.55 20.25 26.02
N SER B 86 15.62 19.52 27.13
CA SER B 86 15.74 18.06 27.08
C SER B 86 14.67 17.34 26.28
N GLU B 87 13.40 17.70 26.46
CA GLU B 87 12.35 17.02 25.71
C GLU B 87 12.51 17.26 24.21
N VAL B 88 13.16 18.37 23.85
CA VAL B 88 13.37 18.67 22.43
C VAL B 88 14.53 17.82 21.92
N GLU B 89 15.56 17.64 22.73
CA GLU B 89 16.68 16.82 22.30
C GLU B 89 16.12 15.42 22.04
N LYS B 90 15.27 14.97 22.97
CA LYS B 90 14.63 13.66 22.87
C LYS B 90 13.86 13.51 21.55
N ALA B 91 13.08 14.52 21.21
CA ALA B 91 12.28 14.49 19.99
C ALA B 91 13.10 14.53 18.70
N LEU B 92 14.30 15.11 18.76
CA LEU B 92 15.18 15.23 17.59
C LEU B 92 16.22 14.12 17.52
N GLU B 93 16.28 13.31 18.57
CA GLU B 93 17.23 12.21 18.64
C GLU B 93 17.21 11.35 17.37
N PRO B 94 16.01 10.93 16.92
CA PRO B 94 15.93 10.10 15.72
C PRO B 94 16.61 10.72 14.50
N PHE B 95 16.84 12.03 14.54
CA PHE B 95 17.47 12.72 13.43
C PHE B 95 18.99 12.83 13.53
N GLY B 96 19.52 12.45 14.68
CA GLY B 96 20.97 12.47 14.88
C GLY B 96 21.67 13.81 14.84
N VAL B 97 21.03 14.84 15.39
CA VAL B 97 21.63 16.16 15.41
C VAL B 97 22.61 16.31 16.56
N SER B 98 23.69 17.05 16.30
CA SER B 98 24.69 17.30 17.32
C SER B 98 24.09 18.26 18.33
N LEU B 99 24.26 17.96 19.62
CA LEU B 99 23.73 18.77 20.69
C LEU B 99 24.82 19.62 21.32
N ALA B 100 24.56 20.91 21.52
CA ALA B 100 25.54 21.79 22.11
C ALA B 100 25.78 21.41 23.58
N ARG B 101 27.04 21.50 24.01
CA ARG B 101 27.38 21.22 25.39
C ARG B 101 28.29 22.33 25.91
N THR B 102 27.85 22.97 27.01
CA THR B 102 28.58 24.07 27.60
C THR B 102 29.00 25.02 26.48
N PRO B 103 28.01 25.48 25.69
CA PRO B 103 28.25 26.38 24.56
C PRO B 103 28.80 27.75 24.95
N GLU B 104 29.81 28.19 24.22
CA GLU B 104 30.41 29.49 24.48
C GLU B 104 30.23 30.27 23.19
N PRO B 105 29.65 31.47 23.29
CA PRO B 105 29.42 32.31 22.11
C PRO B 105 30.57 32.43 21.12
N GLU B 106 31.80 32.55 21.62
CA GLU B 106 32.97 32.70 20.75
C GLU B 106 33.30 31.48 19.89
N ASP B 107 32.72 30.34 20.22
CA ASP B 107 32.99 29.12 19.46
C ASP B 107 32.24 29.04 18.14
N TYR B 108 31.25 29.90 17.94
CA TYR B 108 30.46 29.84 16.71
C TYR B 108 30.63 31.02 15.75
N SER B 109 30.46 30.74 14.46
CA SER B 109 30.56 31.78 13.44
C SER B 109 29.21 32.46 13.25
N LEU B 110 28.17 31.85 13.81
CA LEU B 110 26.80 32.37 13.69
C LEU B 110 25.92 31.70 14.75
N ILE B 111 24.93 32.44 15.23
CA ILE B 111 23.98 31.92 16.20
C ILE B 111 22.58 32.26 15.70
N ILE B 112 21.74 31.24 15.56
CA ILE B 112 20.39 31.41 15.05
C ILE B 112 19.35 30.91 16.03
N SER B 113 18.25 31.66 16.17
CA SER B 113 17.17 31.26 17.05
C SER B 113 15.90 31.01 16.24
N VAL B 114 15.25 29.88 16.48
CA VAL B 114 14.00 29.60 15.80
C VAL B 114 12.96 29.38 16.89
N GLU B 115 12.10 30.38 17.10
CA GLU B 115 11.04 30.29 18.10
C GLU B 115 11.54 30.01 19.54
N THR B 116 12.37 30.90 20.07
CA THR B 116 12.89 30.75 21.43
C THR B 116 12.44 31.98 22.24
N PRO B 117 11.99 31.78 23.49
CA PRO B 117 11.54 32.92 24.30
C PRO B 117 12.62 33.99 24.52
N GLY B 118 12.25 35.25 24.34
CA GLY B 118 13.17 36.34 24.57
C GLY B 118 12.69 37.15 25.77
N ARG B 119 13.59 37.56 26.64
CA ARG B 119 13.17 38.35 27.80
C ARG B 119 12.50 39.65 27.38
N ALA B 120 11.50 40.05 28.16
CA ALA B 120 10.76 41.28 27.88
C ALA B 120 11.38 42.47 28.59
N ALA B 121 10.76 43.62 28.43
CA ALA B 121 11.25 44.85 29.05
C ALA B 121 11.47 44.71 30.56
N ASP B 122 10.62 43.96 31.24
CA ASP B 122 10.76 43.77 32.69
C ASP B 122 11.65 42.60 33.08
N GLY B 123 12.39 42.07 32.11
CA GLY B 123 13.29 40.96 32.39
C GLY B 123 12.65 39.59 32.52
N ARG B 124 11.33 39.51 32.33
CA ARG B 124 10.65 38.23 32.43
C ARG B 124 10.28 37.68 31.06
N TYR B 125 9.75 36.45 31.04
CA TYR B 125 9.39 35.78 29.80
C TYR B 125 7.88 35.50 29.76
N TYR B 126 7.24 35.81 28.63
CA TYR B 126 5.80 35.62 28.50
C TYR B 126 5.36 34.88 27.25
N SER B 127 4.28 34.13 27.39
CA SER B 127 3.73 33.41 26.27
C SER B 127 2.87 34.42 25.53
N MET B 128 2.29 34.01 24.40
CA MET B 128 1.48 34.91 23.62
C MET B 128 0.22 35.35 24.35
N SER B 129 -0.20 34.56 25.33
CA SER B 129 -1.39 34.90 26.10
C SER B 129 -1.02 35.60 27.42
N ALA B 130 0.16 36.20 27.44
CA ALA B 130 0.63 36.93 28.62
C ALA B 130 0.77 36.10 29.90
N LEU B 131 1.04 34.82 29.76
CA LEU B 131 1.23 33.97 30.94
C LEU B 131 2.75 33.87 31.09
N GLU B 132 3.24 33.99 32.31
CA GLU B 132 4.68 33.94 32.53
C GLU B 132 5.30 32.57 32.36
N ILE B 133 6.38 32.52 31.58
CA ILE B 133 7.11 31.28 31.35
C ILE B 133 8.09 31.15 32.50
N LYS B 134 8.06 30.01 33.19
CA LYS B 134 8.96 29.78 34.31
C LYS B 134 9.82 28.54 34.07
N ARG B 135 10.99 28.77 33.46
CA ARG B 135 11.95 27.73 33.16
C ARG B 135 13.28 28.37 32.78
N ASP B 136 14.39 27.66 32.97
CA ASP B 136 15.70 28.25 32.65
C ASP B 136 15.71 28.74 31.20
N PRO B 137 16.13 30.00 30.99
CA PRO B 137 16.22 30.70 29.69
C PRO B 137 17.29 30.18 28.75
N LEU B 138 17.14 30.53 27.48
CA LEU B 138 18.09 30.14 26.45
C LEU B 138 18.58 31.37 25.71
N ASP B 139 17.99 32.54 25.99
CA ASP B 139 18.39 33.76 25.29
C ASP B 139 19.68 34.43 25.73
N GLY B 140 20.21 34.04 26.89
CA GLY B 140 21.43 34.64 27.39
C GLY B 140 22.58 34.70 26.40
N ILE B 141 22.83 33.62 25.67
CA ILE B 141 23.93 33.60 24.71
C ILE B 141 23.80 34.61 23.57
N PHE B 142 22.59 35.08 23.30
CA PHE B 142 22.38 36.05 22.23
C PHE B 142 22.78 37.45 22.68
N LEU B 143 22.70 37.73 23.98
CA LEU B 143 23.11 39.03 24.49
C LEU B 143 24.64 39.09 24.42
N LYS B 144 25.29 37.97 24.79
CA LYS B 144 26.75 37.89 24.73
C LYS B 144 27.22 38.00 23.29
N ALA B 145 26.56 37.26 22.40
CA ALA B 145 26.92 37.26 20.99
C ALA B 145 26.91 38.68 20.43
N ARG B 146 25.82 39.39 20.67
CA ARG B 146 25.70 40.76 20.21
C ARG B 146 26.85 41.64 20.69
N ALA B 147 27.13 41.58 21.99
CA ALA B 147 28.21 42.36 22.56
C ALA B 147 29.54 41.96 21.92
N LEU B 148 29.68 40.68 21.59
CA LEU B 148 30.91 40.19 20.97
C LEU B 148 30.94 40.44 19.47
N GLY B 149 29.79 40.74 18.88
CA GLY B 149 29.74 40.99 17.45
C GLY B 149 29.57 39.73 16.61
N ILE B 150 29.23 38.62 17.27
CA ILE B 150 29.01 37.35 16.58
C ILE B 150 27.68 37.40 15.85
N PRO B 151 27.69 37.14 14.54
CA PRO B 151 26.48 37.13 13.70
C PRO B 151 25.29 36.40 14.33
N THR B 152 24.15 37.09 14.40
CA THR B 152 22.94 36.50 14.97
C THR B 152 21.73 36.69 14.04
N ILE B 153 20.91 35.65 13.94
CA ILE B 153 19.69 35.66 13.14
C ILE B 153 18.56 35.13 14.02
N GLY B 154 17.46 35.87 14.05
CA GLY B 154 16.32 35.44 14.84
C GLY B 154 15.12 35.14 13.94
N VAL B 155 14.32 34.16 14.33
CA VAL B 155 13.13 33.78 13.60
C VAL B 155 11.97 33.68 14.59
N GLY B 156 10.86 34.36 14.32
CA GLY B 156 9.74 34.31 15.24
C GLY B 156 8.43 34.72 14.57
N ASP B 157 7.31 34.40 15.20
CA ASP B 157 6.01 34.73 14.63
C ASP B 157 5.05 35.27 15.68
N GLY B 158 5.58 35.62 16.85
CA GLY B 158 4.73 36.12 17.91
C GLY B 158 5.04 37.49 18.46
N GLY B 159 6.33 37.84 18.54
CA GLY B 159 6.73 39.13 19.09
C GLY B 159 7.47 38.97 20.40
N ASN B 160 7.31 37.81 21.03
CA ASN B 160 7.95 37.52 22.30
C ASN B 160 9.20 36.65 22.15
N GLU B 161 9.67 36.45 20.92
CA GLU B 161 10.84 35.61 20.68
C GLU B 161 12.17 36.35 20.57
N ILE B 162 13.25 35.59 20.67
CA ILE B 162 14.59 36.14 20.54
C ILE B 162 14.67 36.78 19.17
N GLY B 163 15.13 38.02 19.13
CA GLY B 163 15.24 38.74 17.87
C GLY B 163 14.17 39.78 17.66
N MET B 164 13.01 39.62 18.29
CA MET B 164 11.91 40.57 18.13
C MET B 164 12.23 41.97 18.67
N GLY B 165 13.27 42.07 19.48
CA GLY B 165 13.65 43.36 20.04
C GLY B 165 13.90 44.38 18.95
N LYS B 166 14.35 43.90 17.80
CA LYS B 166 14.64 44.77 16.67
C LYS B 166 13.40 45.53 16.20
N ILE B 167 12.22 45.01 16.53
CA ILE B 167 10.98 45.66 16.11
C ILE B 167 9.92 45.75 17.20
N ARG B 168 10.35 45.98 18.44
CA ARG B 168 9.41 46.07 19.55
C ARG B 168 8.30 47.09 19.31
N GLU B 169 8.62 48.18 18.63
CA GLU B 169 7.64 49.22 18.34
C GLU B 169 6.48 48.63 17.53
N LEU B 170 6.80 47.77 16.56
CA LEU B 170 5.78 47.15 15.73
C LEU B 170 4.96 46.13 16.49
N VAL B 171 5.61 45.42 17.42
CA VAL B 171 4.93 44.40 18.20
C VAL B 171 3.87 45.01 19.10
N VAL B 172 4.23 46.08 19.79
CA VAL B 172 3.32 46.75 20.70
C VAL B 172 2.08 47.29 19.97
N GLY B 173 2.27 47.77 18.75
CA GLY B 173 1.15 48.32 18.01
C GLY B 173 0.15 47.37 17.38
N HIS B 174 0.48 46.09 17.29
CA HIS B 174 -0.46 45.14 16.66
C HIS B 174 -0.74 43.86 17.40
N VAL B 175 0.11 43.50 18.37
CA VAL B 175 -0.09 42.26 19.11
C VAL B 175 -0.76 42.41 20.46
N PRO B 176 -1.81 41.62 20.71
CA PRO B 176 -2.51 41.68 22.00
C PRO B 176 -1.49 41.37 23.09
N HIS B 177 -1.53 42.14 24.19
CA HIS B 177 -0.62 41.96 25.32
C HIS B 177 0.78 42.40 24.91
N GLY B 178 0.88 43.03 23.75
CA GLY B 178 2.16 43.50 23.24
C GLY B 178 3.13 44.20 24.19
N GLU B 179 2.66 45.23 24.89
CA GLU B 179 3.53 45.95 25.80
C GLU B 179 4.23 45.04 26.81
N LYS B 180 3.52 44.03 27.30
CA LYS B 180 4.09 43.12 28.28
C LYS B 180 4.94 41.97 27.74
N ILE B 181 4.46 41.28 26.72
CA ILE B 181 5.16 40.13 26.17
C ILE B 181 6.30 40.39 25.18
N ALA B 182 6.26 41.52 24.48
CA ALA B 182 7.29 41.85 23.50
C ALA B 182 8.71 41.71 24.04
N SER B 183 9.55 40.96 23.33
CA SER B 183 10.93 40.79 23.78
C SER B 183 11.81 41.97 23.35
N VAL B 184 12.85 42.23 24.14
CA VAL B 184 13.77 43.32 23.86
C VAL B 184 15.07 42.77 23.30
N VAL B 185 15.15 41.45 23.15
CA VAL B 185 16.36 40.81 22.62
C VAL B 185 16.46 41.02 21.13
N GLU B 186 17.57 41.63 20.70
CA GLU B 186 17.81 41.92 19.29
C GLU B 186 18.82 40.96 18.69
N THR B 187 18.70 40.73 17.39
CA THR B 187 19.65 39.91 16.65
C THR B 187 19.97 40.81 15.47
N ASP B 188 21.07 40.54 14.78
CA ASP B 188 21.46 41.36 13.64
C ASP B 188 20.39 41.32 12.55
N GLU B 189 19.89 40.12 12.24
CA GLU B 189 18.86 39.96 11.24
C GLU B 189 17.65 39.29 11.85
N LEU B 190 16.47 39.60 11.33
CA LEU B 190 15.25 39.01 11.87
C LEU B 190 14.30 38.58 10.77
N ILE B 191 13.78 37.37 10.91
CA ILE B 191 12.81 36.86 9.96
C ILE B 191 11.49 36.77 10.72
N VAL B 192 10.44 37.37 10.17
CA VAL B 192 9.14 37.28 10.81
C VAL B 192 8.31 36.44 9.85
N SER B 193 7.46 35.58 10.40
CA SER B 193 6.60 34.72 9.59
C SER B 193 5.32 34.38 10.35
N ALA B 194 4.33 33.83 9.66
CA ALA B 194 3.04 33.45 10.26
C ALA B 194 3.23 32.33 11.28
N VAL B 195 4.21 31.45 11.00
CA VAL B 195 4.56 30.32 11.86
C VAL B 195 6.09 30.30 11.84
N SER B 196 6.73 30.13 13.00
CA SER B 196 8.18 30.13 13.01
C SER B 196 8.86 29.11 12.10
N ASN B 197 8.28 27.91 12.02
CA ASN B 197 8.84 26.86 11.17
C ASN B 197 8.89 27.38 9.73
N TRP B 198 7.81 28.03 9.30
CA TRP B 198 7.75 28.55 7.93
C TRP B 198 8.83 29.57 7.66
N GLY B 199 9.16 30.37 8.67
CA GLY B 199 10.19 31.39 8.50
C GLY B 199 11.53 30.72 8.27
N ALA B 200 11.76 29.64 9.01
CA ALA B 200 12.99 28.87 8.87
C ALA B 200 13.07 28.26 7.47
N TYR B 201 11.96 27.68 7.01
CA TYR B 201 11.94 27.08 5.67
C TYR B 201 12.20 28.15 4.61
N GLY B 202 11.69 29.37 4.84
CA GLY B 202 11.92 30.45 3.89
C GLY B 202 13.40 30.75 3.82
N LEU B 203 14.07 30.72 4.96
CA LEU B 203 15.51 30.96 5.02
C LEU B 203 16.18 29.90 4.13
N VAL B 204 15.82 28.64 4.31
CA VAL B 204 16.41 27.56 3.52
C VAL B 204 16.05 27.74 2.05
N ALA B 205 14.83 28.19 1.76
CA ALA B 205 14.41 28.39 0.37
C ALA B 205 15.22 29.50 -0.30
N GLN B 206 15.41 30.60 0.42
CA GLN B 206 16.16 31.73 -0.12
C GLN B 206 17.62 31.33 -0.30
N ALA B 207 18.16 30.63 0.69
CA ALA B 207 19.55 30.16 0.59
C ALA B 207 19.67 29.26 -0.63
N SER B 208 18.64 28.45 -0.88
CA SER B 208 18.63 27.56 -2.04
C SER B 208 18.73 28.34 -3.34
N ILE B 209 17.91 29.38 -3.45
CA ILE B 209 17.92 30.17 -4.65
C ILE B 209 19.28 30.84 -4.84
N GLU B 210 19.87 31.26 -3.73
CA GLU B 210 21.17 31.92 -3.75
C GLU B 210 22.29 30.99 -4.25
N VAL B 211 22.24 29.71 -3.86
CA VAL B 211 23.28 28.79 -4.27
C VAL B 211 22.93 27.92 -5.48
N GLY B 212 21.73 28.10 -6.02
CA GLY B 212 21.32 27.32 -7.18
C GLY B 212 21.11 25.84 -6.89
N ARG B 213 20.56 25.54 -5.72
CA ARG B 213 20.34 24.15 -5.34
C ARG B 213 19.15 24.08 -4.38
N ASN B 214 18.17 23.22 -4.68
CA ASN B 214 17.01 23.11 -3.81
C ASN B 214 17.33 22.33 -2.53
N LEU B 215 17.67 23.08 -1.48
CA LEU B 215 18.02 22.49 -0.20
C LEU B 215 16.82 21.96 0.57
N LEU B 216 15.62 22.23 0.07
CA LEU B 216 14.40 21.74 0.73
C LEU B 216 13.93 20.42 0.14
N GLU B 217 14.47 20.04 -1.01
CA GLU B 217 14.07 18.78 -1.64
C GLU B 217 14.25 17.68 -0.60
N GLY B 218 13.22 16.86 -0.42
CA GLY B 218 13.31 15.77 0.54
C GLY B 218 12.69 16.08 1.87
N TRP B 219 12.49 17.37 2.19
CA TRP B 219 11.88 17.71 3.46
C TRP B 219 10.48 17.13 3.47
N ASP B 220 10.19 16.33 4.48
CA ASP B 220 8.91 15.65 4.63
C ASP B 220 8.27 16.16 5.92
N GLU B 221 7.51 17.24 5.81
CA GLU B 221 6.85 17.88 6.95
C GLU B 221 6.06 16.92 7.83
N ARG B 222 5.30 16.03 7.21
CA ARG B 222 4.48 15.10 7.97
C ARG B 222 5.28 14.17 8.88
N ARG B 223 6.36 13.60 8.34
CA ARG B 223 7.19 12.70 9.15
C ARG B 223 7.82 13.45 10.32
N VAL B 224 8.35 14.64 10.05
CA VAL B 224 8.99 15.43 11.10
C VAL B 224 8.02 15.81 12.20
N ILE B 225 6.90 16.41 11.84
CA ILE B 225 5.94 16.81 12.86
C ILE B 225 5.37 15.62 13.62
N GLU B 226 5.00 14.55 12.94
CA GLU B 226 4.44 13.40 13.65
C GLU B 226 5.47 12.82 14.60
N ALA B 227 6.73 12.75 14.18
CA ALA B 227 7.79 12.22 15.04
C ALA B 227 7.97 13.04 16.33
N ILE B 228 8.08 14.36 16.22
CA ILE B 228 8.28 15.16 17.43
C ILE B 228 7.02 15.19 18.27
N SER B 229 5.87 15.03 17.63
CA SER B 229 4.60 15.02 18.34
C SER B 229 4.56 13.77 19.22
N SER B 230 4.96 12.65 18.62
CA SER B 230 5.00 11.37 19.32
C SER B 230 5.97 11.44 20.50
N ALA B 231 7.09 12.12 20.31
CA ALA B 231 8.10 12.24 21.36
C ALA B 231 7.68 13.11 22.54
N GLY B 232 6.49 13.70 22.46
CA GLY B 232 6.02 14.53 23.56
C GLY B 232 5.89 16.03 23.34
N LEU B 233 6.37 16.54 22.21
CA LEU B 233 6.26 17.98 21.95
C LEU B 233 4.81 18.33 21.62
N ILE B 234 4.23 19.26 22.37
CA ILE B 234 2.84 19.65 22.17
C ILE B 234 2.61 20.77 21.16
N ASP B 235 1.36 20.91 20.73
CA ASP B 235 0.99 21.98 19.81
C ASP B 235 0.90 23.22 20.70
N GLY B 236 1.60 24.28 20.31
CA GLY B 236 1.62 25.49 21.10
C GLY B 236 0.32 26.21 21.37
N VAL B 237 -0.68 26.02 20.52
CA VAL B 237 -1.97 26.68 20.69
C VAL B 237 -2.95 25.83 21.50
N SER B 238 -3.26 24.63 21.01
CA SER B 238 -4.18 23.74 21.69
C SER B 238 -3.57 23.15 22.97
N LYS B 239 -2.24 23.12 23.02
CA LYS B 239 -1.52 22.58 24.17
C LYS B 239 -1.73 21.09 24.32
N THR B 240 -2.09 20.44 23.22
CA THR B 240 -2.34 18.99 23.21
C THR B 240 -1.29 18.28 22.36
N LEU B 241 -1.31 16.95 22.43
CA LEU B 241 -0.36 16.14 21.67
C LEU B 241 -0.79 15.83 20.24
N ALA B 242 -1.53 16.74 19.61
CA ALA B 242 -1.97 16.55 18.23
C ALA B 242 -0.78 16.82 17.30
N PRO B 243 -0.79 16.23 16.09
CA PRO B 243 0.29 16.42 15.12
C PRO B 243 0.09 17.70 14.32
N SER B 244 0.11 18.83 15.01
CA SER B 244 -0.07 20.11 14.36
C SER B 244 0.90 21.12 14.95
N VAL B 245 0.96 22.31 14.37
CA VAL B 245 1.83 23.34 14.92
C VAL B 245 1.00 24.62 14.90
N ASP B 246 0.96 25.29 16.04
CA ASP B 246 0.20 26.51 16.20
C ASP B 246 -1.26 26.38 15.81
N GLY B 247 -1.86 25.25 16.19
CA GLY B 247 -3.27 25.03 15.90
C GLY B 247 -3.62 24.92 14.43
N ILE B 248 -2.62 24.73 13.58
CA ILE B 248 -2.86 24.59 12.15
C ILE B 248 -2.53 23.17 11.80
N ARG B 249 -3.44 22.48 11.09
CA ARG B 249 -3.20 21.08 10.76
C ARG B 249 -2.17 20.86 9.66
N LEU B 250 -1.58 19.67 9.70
CA LEU B 250 -0.54 19.27 8.79
C LEU B 250 -0.70 19.53 7.30
N MET B 251 -1.90 19.35 6.76
CA MET B 251 -2.04 19.59 5.32
C MET B 251 -1.76 21.03 4.91
N VAL B 252 -1.96 21.98 5.80
CA VAL B 252 -1.65 23.36 5.44
C VAL B 252 -0.13 23.49 5.44
N HIS B 253 0.52 22.95 6.48
CA HIS B 253 1.96 23.00 6.56
C HIS B 253 2.64 22.32 5.37
N GLU B 254 2.09 21.19 4.94
CA GLU B 254 2.64 20.49 3.77
C GLU B 254 2.48 21.37 2.54
N GLY B 255 1.34 22.03 2.44
CA GLY B 255 1.11 22.89 1.29
C GLY B 255 2.10 24.04 1.21
N ILE B 256 2.46 24.60 2.36
CA ILE B 256 3.43 25.71 2.43
C ILE B 256 4.80 25.22 1.97
N VAL B 257 5.21 24.06 2.48
CA VAL B 257 6.49 23.48 2.11
C VAL B 257 6.51 23.17 0.62
N GLU B 258 5.44 22.56 0.11
CA GLU B 258 5.37 22.23 -1.32
C GLU B 258 5.48 23.50 -2.16
N LEU B 259 4.78 24.54 -1.76
CA LEU B 259 4.83 25.81 -2.50
C LEU B 259 6.25 26.39 -2.49
N LEU B 260 6.90 26.38 -1.33
CA LEU B 260 8.26 26.89 -1.24
C LEU B 260 9.22 26.10 -2.14
N LYS B 261 9.07 24.78 -2.20
CA LYS B 261 9.94 23.98 -3.07
C LYS B 261 9.74 24.39 -4.52
N ALA B 262 8.49 24.63 -4.90
CA ALA B 262 8.19 25.02 -6.29
C ALA B 262 8.76 26.40 -6.60
N VAL B 263 8.64 27.34 -5.67
CA VAL B 263 9.17 28.68 -5.89
C VAL B 263 10.68 28.60 -6.06
N VAL B 264 11.33 27.77 -5.25
CA VAL B 264 12.77 27.58 -5.37
C VAL B 264 13.12 27.07 -6.78
N ASP B 265 12.46 26.02 -7.21
CA ASP B 265 12.74 25.48 -8.55
C ASP B 265 12.55 26.52 -9.64
N GLU B 266 11.48 27.31 -9.50
CA GLU B 266 11.22 28.33 -10.51
C GLU B 266 12.42 29.24 -10.68
N ALA B 267 13.06 29.58 -9.57
CA ALA B 267 14.22 30.47 -9.59
C ALA B 267 15.51 29.78 -10.04
N ILE B 268 15.71 28.52 -9.65
CA ILE B 268 16.93 27.79 -10.00
C ILE B 268 16.90 27.24 -11.43
N LEU B 269 15.73 27.25 -12.04
CA LEU B 269 15.58 26.74 -13.40
C LEU B 269 14.98 27.82 -14.28
N ILE C 2 -9.17 1.41 -19.90
CA ILE C 2 -10.34 2.20 -19.42
C ILE C 2 -11.43 1.30 -18.85
N ALA C 3 -11.73 0.21 -19.57
CA ALA C 3 -12.76 -0.74 -19.14
C ALA C 3 -12.40 -1.32 -17.78
N HIS C 4 -11.11 -1.25 -17.46
CA HIS C 4 -10.58 -1.77 -16.21
C HIS C 4 -10.77 -0.77 -15.07
N LEU C 5 -10.18 0.42 -15.23
CA LEU C 5 -10.27 1.48 -14.24
C LEU C 5 -11.74 1.80 -13.90
N ILE C 6 -12.61 1.56 -14.86
CA ILE C 6 -14.04 1.81 -14.74
C ILE C 6 -14.72 0.93 -13.69
N ASN C 7 -14.12 -0.21 -13.39
CA ASN C 7 -14.67 -1.14 -12.42
C ASN C 7 -13.87 -1.16 -11.12
N THR C 8 -13.40 0.02 -10.71
CA THR C 8 -12.62 0.15 -9.49
C THR C 8 -13.55 0.26 -8.29
N GLY C 11 -17.53 -0.25 -2.15
CA GLY C 11 -17.02 -1.34 -2.97
C GLY C 11 -17.34 -2.71 -2.39
N ASN C 12 -17.88 -3.59 -3.22
CA ASN C 12 -18.22 -4.94 -2.79
C ASN C 12 -17.72 -5.99 -3.77
N ARG C 13 -17.12 -7.05 -3.23
CA ARG C 13 -16.58 -8.16 -4.00
C ARG C 13 -17.58 -8.65 -5.05
N GLY C 14 -18.85 -8.60 -4.70
CA GLY C 14 -19.90 -9.03 -5.60
C GLY C 14 -19.75 -8.52 -7.01
N VAL C 15 -19.97 -7.22 -7.20
CA VAL C 15 -19.87 -6.63 -8.53
C VAL C 15 -18.45 -6.65 -9.08
N LEU C 16 -17.45 -6.51 -8.20
CA LEU C 16 -16.07 -6.53 -8.65
C LEU C 16 -15.76 -7.89 -9.27
N LYS C 17 -16.27 -8.96 -8.67
CA LYS C 17 -16.04 -10.29 -9.21
C LYS C 17 -16.84 -10.48 -10.49
N VAL C 18 -17.97 -9.78 -10.59
CA VAL C 18 -18.79 -9.87 -11.80
C VAL C 18 -17.99 -9.22 -12.93
N TYR C 19 -17.45 -8.04 -12.68
CA TYR C 19 -16.66 -7.37 -13.70
C TYR C 19 -15.48 -8.25 -14.09
N LEU C 20 -14.78 -8.75 -13.08
CA LEU C 20 -13.64 -9.61 -13.29
C LEU C 20 -13.98 -10.73 -14.27
N ASP C 21 -15.01 -11.50 -13.94
CA ASP C 21 -15.42 -12.60 -14.81
C ASP C 21 -15.91 -12.12 -16.17
N TYR C 22 -16.60 -10.98 -16.18
CA TYR C 22 -17.10 -10.45 -17.43
C TYR C 22 -15.94 -10.06 -18.34
N ARG C 23 -14.98 -9.33 -17.80
CA ARG C 23 -13.84 -8.89 -18.59
C ARG C 23 -13.04 -10.09 -19.09
N ARG C 24 -13.03 -11.17 -18.30
CA ARG C 24 -12.32 -12.37 -18.69
C ARG C 24 -13.09 -13.11 -19.79
N LYS C 25 -14.42 -13.02 -19.75
CA LYS C 25 -15.25 -13.68 -20.75
C LYS C 25 -15.42 -12.88 -22.05
N ASN C 26 -15.44 -11.56 -21.93
CA ASN C 26 -15.60 -10.65 -23.07
C ASN C 26 -14.55 -9.57 -22.81
N PHE C 27 -13.30 -9.87 -23.21
CA PHE C 27 -12.20 -8.95 -22.96
C PHE C 27 -12.33 -7.55 -23.56
N ASN C 28 -12.91 -7.43 -24.74
CA ASN C 28 -13.03 -6.11 -25.36
C ASN C 28 -14.45 -5.56 -25.33
N PHE C 29 -15.19 -5.79 -24.24
CA PHE C 29 -16.56 -5.29 -24.18
C PHE C 29 -16.64 -3.75 -24.29
N LEU C 30 -15.62 -3.04 -23.82
CA LEU C 30 -15.66 -1.57 -23.90
C LEU C 30 -15.41 -1.12 -25.33
N HIS C 31 -14.41 -1.69 -25.98
CA HIS C 31 -14.15 -1.32 -27.36
C HIS C 31 -15.34 -1.71 -28.21
N ASN C 32 -15.93 -2.87 -27.92
CA ASN C 32 -17.07 -3.33 -28.70
C ASN C 32 -18.28 -2.40 -28.51
N SER C 33 -18.50 -1.96 -27.28
CA SER C 33 -19.61 -1.05 -26.98
C SER C 33 -19.37 0.30 -27.68
N THR C 34 -18.11 0.72 -27.71
CA THR C 34 -17.70 1.99 -28.31
C THR C 34 -17.87 2.01 -29.83
N LYS C 35 -17.55 0.90 -30.48
CA LYS C 35 -17.71 0.84 -31.93
C LYS C 35 -19.18 1.00 -32.29
N MET C 36 -20.07 0.40 -31.50
CA MET C 36 -21.50 0.51 -31.78
C MET C 36 -21.98 1.95 -31.53
N PHE C 37 -21.37 2.60 -30.55
CA PHE C 37 -21.72 3.97 -30.19
C PHE C 37 -21.34 4.89 -31.36
N LEU C 38 -20.07 4.85 -31.73
CA LEU C 38 -19.53 5.66 -32.82
C LEU C 38 -20.16 5.44 -34.20
N ASP C 39 -20.65 4.23 -34.46
CA ASP C 39 -21.26 3.91 -35.75
C ASP C 39 -22.74 4.30 -35.84
N ASN C 40 -23.33 4.71 -34.73
CA ASN C 40 -24.76 5.05 -34.73
C ASN C 40 -25.09 6.31 -33.93
N LEU C 41 -24.48 7.43 -34.29
CA LEU C 41 -24.70 8.69 -33.57
C LEU C 41 -25.79 9.60 -34.11
N GLU C 42 -26.38 9.28 -35.24
CA GLU C 42 -27.39 10.15 -35.83
C GLU C 42 -28.45 10.63 -34.84
N ARG C 43 -29.12 9.71 -34.17
CA ARG C 43 -30.12 10.09 -33.19
C ARG C 43 -30.12 9.05 -32.08
N VAL C 44 -29.46 9.39 -30.99
CA VAL C 44 -29.32 8.50 -29.85
C VAL C 44 -30.31 8.76 -28.73
N LEU C 45 -31.04 7.73 -28.30
CA LEU C 45 -31.96 7.88 -27.18
C LEU C 45 -31.21 7.38 -25.96
N ILE C 46 -31.08 8.25 -24.96
CA ILE C 46 -30.38 7.91 -23.73
C ILE C 46 -31.40 7.78 -22.60
N VAL C 47 -31.53 6.58 -22.07
CA VAL C 47 -32.47 6.27 -21.01
C VAL C 47 -31.75 6.14 -19.68
N THR C 48 -32.31 6.78 -18.65
CA THR C 48 -31.73 6.74 -17.32
C THR C 48 -32.79 7.04 -16.27
N GLY C 49 -32.45 6.88 -15.00
CA GLY C 49 -33.38 7.13 -13.93
C GLY C 49 -33.66 5.85 -13.18
N PHE C 50 -33.38 5.84 -11.87
CA PHE C 50 -33.56 4.64 -11.08
C PHE C 50 -34.27 4.93 -9.75
N PRO C 51 -35.57 4.61 -9.65
CA PRO C 51 -36.36 4.85 -8.43
C PRO C 51 -35.83 4.02 -7.26
N ILE C 52 -35.56 4.68 -6.14
CA ILE C 52 -35.02 4.01 -4.96
C ILE C 52 -36.06 3.77 -3.89
N PRO C 53 -36.41 2.50 -3.64
CA PRO C 53 -37.40 2.22 -2.60
C PRO C 53 -36.82 2.58 -1.22
N PRO C 54 -37.68 2.88 -0.25
CA PRO C 54 -39.14 2.92 -0.34
C PRO C 54 -39.73 4.24 -0.87
N MET C 55 -38.91 5.28 -0.94
CA MET C 55 -39.40 6.58 -1.43
C MET C 55 -39.68 6.58 -2.92
N MET C 56 -39.08 5.65 -3.64
CA MET C 56 -39.26 5.53 -5.08
C MET C 56 -38.83 6.79 -5.83
N VAL C 57 -37.81 7.46 -5.32
CA VAL C 57 -37.28 8.67 -5.95
C VAL C 57 -36.05 8.32 -6.78
N ALA C 58 -35.77 9.10 -7.80
CA ALA C 58 -34.61 8.87 -8.67
C ALA C 58 -33.31 9.20 -7.94
N GLU C 59 -32.26 8.44 -8.26
CA GLU C 59 -30.96 8.64 -7.62
C GLU C 59 -29.90 9.34 -8.47
N THR C 60 -28.77 9.63 -7.83
CA THR C 60 -27.66 10.33 -8.48
C THR C 60 -26.75 9.47 -9.35
N ASP C 61 -26.95 8.15 -9.36
CA ASP C 61 -26.12 7.37 -10.26
C ASP C 61 -26.93 7.16 -11.53
N GLY C 62 -26.35 7.51 -12.67
CA GLY C 62 -27.07 7.35 -13.93
C GLY C 62 -27.21 8.67 -14.69
N PRO C 63 -27.91 9.66 -14.14
CA PRO C 63 -28.09 10.94 -14.83
C PRO C 63 -26.78 11.62 -15.24
N PRO C 64 -25.78 11.66 -14.33
CA PRO C 64 -24.53 12.30 -14.72
C PRO C 64 -23.88 11.61 -15.93
N GLY C 65 -23.82 10.28 -15.91
CA GLY C 65 -23.23 9.55 -17.02
C GLY C 65 -24.04 9.73 -18.30
N ALA C 66 -25.35 9.87 -18.15
CA ALA C 66 -26.23 10.07 -19.29
C ALA C 66 -25.93 11.42 -19.93
N LEU C 67 -25.67 12.41 -19.08
CA LEU C 67 -25.34 13.76 -19.52
C LEU C 67 -23.99 13.76 -20.23
N ALA C 68 -23.02 13.04 -19.69
CA ALA C 68 -21.70 12.99 -20.31
C ALA C 68 -21.79 12.36 -21.71
N ILE C 69 -22.60 11.31 -21.85
CA ILE C 69 -22.76 10.65 -23.14
C ILE C 69 -23.50 11.59 -24.11
N TYR C 70 -24.56 12.21 -23.61
CA TYR C 70 -25.33 13.17 -24.41
C TYR C 70 -24.35 14.20 -24.96
N ARG C 71 -23.52 14.75 -24.07
CA ARG C 71 -22.55 15.78 -24.43
C ARG C 71 -21.58 15.27 -25.49
N ALA C 72 -21.13 14.04 -25.34
CA ALA C 72 -20.21 13.45 -26.31
C ALA C 72 -20.89 13.24 -27.66
N VAL C 73 -22.12 12.75 -27.65
CA VAL C 73 -22.84 12.51 -28.89
C VAL C 73 -22.89 13.78 -29.74
N GLU C 74 -23.25 14.89 -29.12
CA GLU C 74 -23.35 16.14 -29.84
C GLU C 74 -21.99 16.67 -30.31
N MET C 75 -20.98 16.55 -29.45
CA MET C 75 -19.64 17.02 -29.81
C MET C 75 -19.14 16.26 -31.04
N LEU C 76 -19.72 15.08 -31.25
CA LEU C 76 -19.32 14.23 -32.38
C LEU C 76 -20.15 14.45 -33.64
N GLY C 77 -21.08 15.40 -33.59
CA GLY C 77 -21.91 15.68 -34.75
C GLY C 77 -23.25 14.96 -34.81
N GLY C 78 -23.61 14.28 -33.73
CA GLY C 78 -24.87 13.57 -33.69
C GLY C 78 -25.88 14.30 -32.83
N LYS C 79 -27.05 13.70 -32.66
CA LYS C 79 -28.09 14.30 -31.83
C LYS C 79 -28.54 13.28 -30.79
N ALA C 80 -28.85 13.77 -29.60
CA ALA C 80 -29.28 12.90 -28.52
C ALA C 80 -30.51 13.43 -27.80
N GLU C 81 -31.25 12.53 -27.14
CA GLU C 81 -32.43 12.88 -26.37
C GLU C 81 -32.42 12.00 -25.14
N ILE C 82 -33.04 12.47 -24.07
CA ILE C 82 -33.08 11.70 -22.84
C ILE C 82 -34.49 11.28 -22.42
N LEU C 83 -34.63 10.00 -22.10
CA LEU C 83 -35.88 9.42 -21.64
C LEU C 83 -35.66 9.08 -20.17
N THR C 84 -36.34 9.80 -19.28
CA THR C 84 -36.18 9.57 -17.84
C THR C 84 -37.39 10.07 -17.07
N TYR C 85 -37.33 9.98 -15.75
CA TYR C 85 -38.42 10.42 -14.88
C TYR C 85 -38.43 11.93 -14.68
N SER C 86 -39.59 12.45 -14.28
CA SER C 86 -39.78 13.87 -14.08
C SER C 86 -38.76 14.57 -13.18
N GLU C 87 -38.52 14.04 -11.97
CA GLU C 87 -37.55 14.68 -11.08
C GLU C 87 -36.15 14.72 -11.71
N VAL C 88 -35.90 13.84 -12.67
CA VAL C 88 -34.60 13.80 -13.34
C VAL C 88 -34.53 14.86 -14.43
N GLU C 89 -35.61 15.02 -15.19
CA GLU C 89 -35.63 16.04 -16.23
C GLU C 89 -35.43 17.37 -15.52
N LYS C 90 -36.07 17.50 -14.36
CA LYS C 90 -35.99 18.71 -13.55
C LYS C 90 -34.54 18.94 -13.11
N ALA C 91 -33.86 17.87 -12.74
CA ALA C 91 -32.48 17.97 -12.29
C ALA C 91 -31.51 18.35 -13.41
N LEU C 92 -31.75 17.85 -14.62
CA LEU C 92 -30.88 18.13 -15.76
C LEU C 92 -31.26 19.40 -16.52
N GLU C 93 -32.48 19.86 -16.32
CA GLU C 93 -32.98 21.06 -16.99
C GLU C 93 -31.93 22.16 -17.19
N PRO C 94 -31.14 22.47 -16.15
CA PRO C 94 -30.12 23.51 -16.26
C PRO C 94 -29.05 23.25 -17.32
N PHE C 95 -28.87 21.99 -17.71
CA PHE C 95 -27.87 21.65 -18.70
C PHE C 95 -28.39 21.69 -20.13
N GLY C 96 -29.67 21.98 -20.28
CA GLY C 96 -30.25 22.05 -21.60
C GLY C 96 -30.11 20.73 -22.34
N VAL C 97 -31.07 19.84 -22.12
CA VAL C 97 -31.05 18.54 -22.75
C VAL C 97 -32.39 18.28 -23.40
N SER C 98 -32.36 17.83 -24.65
CA SER C 98 -33.58 17.53 -25.36
C SER C 98 -34.22 16.33 -24.67
N LEU C 99 -35.49 16.46 -24.29
CA LEU C 99 -36.19 15.37 -23.63
C LEU C 99 -37.01 14.62 -24.68
N ALA C 100 -37.09 13.31 -24.53
CA ALA C 100 -37.85 12.50 -25.46
C ALA C 100 -39.33 12.50 -25.11
N ARG C 101 -40.18 12.56 -26.13
CA ARG C 101 -41.63 12.56 -25.93
C ARG C 101 -42.26 11.59 -26.91
N THR C 102 -43.03 10.63 -26.39
CA THR C 102 -43.68 9.63 -27.24
C THR C 102 -42.58 8.94 -28.04
N PRO C 103 -41.44 8.63 -27.41
CA PRO C 103 -40.36 7.99 -28.15
C PRO C 103 -40.75 6.65 -28.76
N GLU C 104 -40.36 6.46 -30.01
CA GLU C 104 -40.62 5.21 -30.73
C GLU C 104 -39.28 4.73 -31.26
N PRO C 105 -38.97 3.44 -31.08
CA PRO C 105 -37.74 2.78 -31.52
C PRO C 105 -37.24 3.12 -32.92
N GLU C 106 -38.15 3.15 -33.89
CA GLU C 106 -37.79 3.41 -35.29
C GLU C 106 -37.11 4.75 -35.55
N ASP C 107 -37.29 5.71 -34.65
CA ASP C 107 -36.72 7.04 -34.82
C ASP C 107 -35.26 7.18 -34.41
N TYR C 108 -34.71 6.14 -33.79
CA TYR C 108 -33.34 6.21 -33.30
C TYR C 108 -32.33 5.27 -33.95
N SER C 109 -31.08 5.73 -34.04
CA SER C 109 -30.01 4.92 -34.60
C SER C 109 -29.39 4.08 -33.50
N LEU C 110 -29.60 4.49 -32.26
CA LEU C 110 -29.05 3.80 -31.10
C LEU C 110 -29.82 4.15 -29.84
N ILE C 111 -29.98 3.17 -28.96
CA ILE C 111 -30.67 3.38 -27.69
C ILE C 111 -29.75 2.94 -26.57
N ILE C 112 -29.44 3.87 -25.68
CA ILE C 112 -28.53 3.58 -24.57
C ILE C 112 -29.18 3.75 -23.20
N SER C 113 -28.83 2.85 -22.28
CA SER C 113 -29.34 2.90 -20.92
C SER C 113 -28.20 3.07 -19.92
N VAL C 114 -28.39 3.99 -18.98
CA VAL C 114 -27.39 4.23 -17.95
C VAL C 114 -28.12 4.12 -16.60
N GLU C 115 -27.88 3.02 -15.90
CA GLU C 115 -28.50 2.76 -14.60
C GLU C 115 -30.02 2.92 -14.65
N THR C 116 -30.67 2.03 -15.39
CA THR C 116 -32.13 2.04 -15.52
C THR C 116 -32.64 0.65 -15.14
N PRO C 117 -33.71 0.58 -14.33
CA PRO C 117 -34.24 -0.73 -13.92
C PRO C 117 -34.68 -1.63 -15.09
N GLY C 118 -34.30 -2.89 -15.01
CA GLY C 118 -34.68 -3.85 -16.04
C GLY C 118 -35.46 -5.00 -15.42
N ARG C 119 -36.48 -5.49 -16.13
CA ARG C 119 -37.32 -6.58 -15.64
C ARG C 119 -36.49 -7.72 -15.06
N ALA C 120 -37.02 -8.37 -14.03
CA ALA C 120 -36.34 -9.51 -13.41
C ALA C 120 -37.01 -10.77 -13.98
N ALA C 121 -36.52 -11.95 -13.61
CA ALA C 121 -37.09 -13.19 -14.12
C ALA C 121 -38.59 -13.28 -13.84
N ASP C 122 -39.03 -12.67 -12.75
CA ASP C 122 -40.44 -12.67 -12.37
C ASP C 122 -41.20 -11.47 -12.93
N GLY C 123 -40.61 -10.80 -13.91
CA GLY C 123 -41.25 -9.65 -14.52
C GLY C 123 -41.38 -8.41 -13.65
N ARG C 124 -40.79 -8.43 -12.46
CA ARG C 124 -40.86 -7.28 -11.57
C ARG C 124 -39.54 -6.52 -11.56
N TYR C 125 -39.54 -5.36 -10.88
CA TYR C 125 -38.35 -4.51 -10.81
C TYR C 125 -37.85 -4.41 -9.36
N TYR C 126 -36.56 -4.65 -9.15
CA TYR C 126 -35.99 -4.62 -7.81
C TYR C 126 -34.73 -3.77 -7.61
N SER C 127 -34.56 -3.25 -6.39
CA SER C 127 -33.40 -2.45 -6.04
C SER C 127 -32.32 -3.43 -5.59
N MET C 128 -31.16 -2.90 -5.20
CA MET C 128 -30.08 -3.76 -4.74
C MET C 128 -30.43 -4.57 -3.49
N SER C 129 -31.34 -4.03 -2.67
CA SER C 129 -31.76 -4.71 -1.45
C SER C 129 -32.97 -5.61 -1.67
N ALA C 130 -33.23 -5.95 -2.93
CA ALA C 130 -34.34 -6.82 -3.29
C ALA C 130 -35.70 -6.19 -2.99
N LEU C 131 -35.71 -4.86 -2.83
CA LEU C 131 -36.95 -4.14 -2.58
C LEU C 131 -37.59 -3.89 -3.94
N GLU C 132 -38.89 -4.10 -4.05
CA GLU C 132 -39.58 -3.91 -5.32
C GLU C 132 -39.87 -2.44 -5.66
N ILE C 133 -39.49 -2.05 -6.87
CA ILE C 133 -39.68 -0.68 -7.34
C ILE C 133 -41.12 -0.47 -7.82
N LYS C 134 -41.77 0.54 -7.27
CA LYS C 134 -43.16 0.85 -7.63
C LYS C 134 -43.24 2.11 -8.48
N ARG C 135 -43.17 1.94 -9.80
CA ARG C 135 -43.23 3.07 -10.71
C ARG C 135 -43.25 2.58 -12.14
N ASP C 136 -43.70 3.43 -13.07
CA ASP C 136 -43.78 3.06 -14.48
C ASP C 136 -42.43 2.63 -15.05
N PRO C 137 -42.35 1.43 -15.62
CA PRO C 137 -41.12 0.90 -16.21
C PRO C 137 -40.57 1.82 -17.30
N LEU C 138 -39.35 1.57 -17.73
CA LEU C 138 -38.70 2.37 -18.76
C LEU C 138 -37.91 1.48 -19.70
N ASP C 139 -37.95 0.18 -19.44
CA ASP C 139 -37.22 -0.79 -20.25
C ASP C 139 -38.02 -1.33 -21.41
N GLY C 140 -39.26 -0.89 -21.56
CA GLY C 140 -40.10 -1.37 -22.64
C GLY C 140 -39.55 -1.16 -24.04
N ILE C 141 -39.00 0.02 -24.28
CA ILE C 141 -38.45 0.35 -25.59
C ILE C 141 -37.25 -0.52 -25.98
N PHE C 142 -36.58 -1.13 -25.00
CA PHE C 142 -35.44 -2.00 -25.31
C PHE C 142 -35.90 -3.35 -25.82
N LEU C 143 -37.09 -3.77 -25.42
CA LEU C 143 -37.64 -5.03 -25.88
C LEU C 143 -38.06 -4.85 -27.34
N LYS C 144 -38.62 -3.69 -27.66
CA LYS C 144 -39.04 -3.38 -29.01
C LYS C 144 -37.81 -3.22 -29.89
N ALA C 145 -36.84 -2.45 -29.40
CA ALA C 145 -35.62 -2.20 -30.14
C ALA C 145 -34.96 -3.53 -30.52
N ARG C 146 -34.89 -4.44 -29.56
CA ARG C 146 -34.28 -5.75 -29.79
C ARG C 146 -35.04 -6.47 -30.90
N ALA C 147 -36.36 -6.39 -30.85
CA ALA C 147 -37.20 -7.04 -31.84
C ALA C 147 -37.14 -6.33 -33.19
N LEU C 148 -36.73 -5.06 -33.18
CA LEU C 148 -36.65 -4.29 -34.42
C LEU C 148 -35.23 -4.11 -34.96
N GLY C 149 -34.27 -4.78 -34.33
CA GLY C 149 -32.88 -4.68 -34.78
C GLY C 149 -32.20 -3.35 -34.52
N ILE C 150 -32.75 -2.56 -33.60
CA ILE C 150 -32.16 -1.27 -33.27
C ILE C 150 -31.05 -1.45 -32.24
N PRO C 151 -29.82 -1.02 -32.59
CA PRO C 151 -28.65 -1.12 -31.72
C PRO C 151 -28.95 -0.69 -30.29
N THR C 152 -28.45 -1.46 -29.34
CA THR C 152 -28.67 -1.16 -27.93
C THR C 152 -27.42 -1.33 -27.09
N ILE C 153 -27.22 -0.41 -26.15
CA ILE C 153 -26.08 -0.48 -25.25
C ILE C 153 -26.58 -0.26 -23.84
N GLY C 154 -26.09 -1.10 -22.91
CA GLY C 154 -26.48 -0.98 -21.53
C GLY C 154 -25.26 -0.73 -20.66
N VAL C 155 -25.45 0.04 -19.60
CA VAL C 155 -24.40 0.36 -18.63
C VAL C 155 -24.99 0.13 -17.25
N GLY C 156 -24.30 -0.67 -16.42
CA GLY C 156 -24.81 -0.93 -15.08
C GLY C 156 -23.72 -1.35 -14.09
N ASP C 157 -24.06 -1.36 -12.81
CA ASP C 157 -23.08 -1.75 -11.79
C ASP C 157 -23.71 -2.57 -10.67
N GLY C 158 -24.99 -2.90 -10.79
CA GLY C 158 -25.65 -3.69 -9.77
C GLY C 158 -26.13 -5.06 -10.23
N GLY C 159 -26.45 -5.18 -11.52
CA GLY C 159 -26.91 -6.45 -12.05
C GLY C 159 -28.42 -6.45 -12.29
N ASN C 160 -29.09 -5.43 -11.76
CA ASN C 160 -30.53 -5.33 -11.91
C ASN C 160 -30.93 -4.32 -12.98
N GLU C 161 -29.94 -3.86 -13.75
CA GLU C 161 -30.15 -2.87 -14.82
C GLU C 161 -30.41 -3.43 -16.19
N ILE C 162 -30.98 -2.58 -17.04
CA ILE C 162 -31.25 -2.95 -18.43
C ILE C 162 -29.92 -3.35 -19.03
N GLY C 163 -29.89 -4.48 -19.71
CA GLY C 163 -28.66 -4.94 -20.32
C GLY C 163 -27.96 -6.04 -19.54
N MET C 164 -28.25 -6.16 -18.24
CA MET C 164 -27.61 -7.18 -17.43
C MET C 164 -28.05 -8.60 -17.79
N GLY C 165 -29.18 -8.71 -18.49
CA GLY C 165 -29.68 -10.03 -18.88
C GLY C 165 -28.65 -10.80 -19.67
N LYS C 166 -27.74 -10.09 -20.33
CA LYS C 166 -26.70 -10.70 -21.14
C LYS C 166 -25.73 -11.54 -20.29
N ILE C 167 -25.62 -11.21 -19.01
CA ILE C 167 -24.72 -11.92 -18.10
C ILE C 167 -25.41 -12.28 -16.79
N ARG C 168 -26.69 -12.60 -16.88
CA ARG C 168 -27.47 -12.96 -15.70
C ARG C 168 -26.78 -14.00 -14.82
N GLU C 169 -26.09 -14.95 -15.44
CA GLU C 169 -25.39 -15.98 -14.68
C GLU C 169 -24.41 -15.39 -13.68
N LEU C 170 -23.59 -14.43 -14.13
CA LEU C 170 -22.60 -13.79 -13.28
C LEU C 170 -23.28 -13.08 -12.11
N VAL C 171 -24.38 -12.41 -12.41
CA VAL C 171 -25.11 -11.69 -11.38
C VAL C 171 -25.62 -12.61 -10.29
N VAL C 172 -26.32 -13.66 -10.69
CA VAL C 172 -26.87 -14.62 -9.72
C VAL C 172 -25.75 -15.24 -8.89
N GLY C 173 -24.62 -15.48 -9.55
CA GLY C 173 -23.49 -16.09 -8.87
C GLY C 173 -22.74 -15.27 -7.84
N HIS C 174 -22.59 -13.96 -8.07
CA HIS C 174 -21.84 -13.13 -7.13
C HIS C 174 -22.61 -12.03 -6.39
N VAL C 175 -23.78 -11.66 -6.89
CA VAL C 175 -24.55 -10.59 -6.26
C VAL C 175 -25.63 -11.05 -5.30
N PRO C 176 -25.68 -10.46 -4.09
CA PRO C 176 -26.67 -10.80 -3.08
C PRO C 176 -28.09 -10.56 -3.63
N HIS C 177 -28.99 -11.51 -3.40
CA HIS C 177 -30.37 -11.41 -3.90
C HIS C 177 -30.33 -11.55 -5.42
N GLY C 178 -29.17 -11.94 -5.94
CA GLY C 178 -28.99 -12.09 -7.37
C GLY C 178 -30.12 -12.75 -8.14
N GLU C 179 -30.49 -13.96 -7.75
CA GLU C 179 -31.55 -14.70 -8.42
C GLU C 179 -32.83 -13.87 -8.58
N LYS C 180 -33.22 -13.17 -7.53
CA LYS C 180 -34.44 -12.36 -7.59
C LYS C 180 -34.31 -11.08 -8.39
N ILE C 181 -33.30 -10.27 -8.08
CA ILE C 181 -33.13 -8.99 -8.76
C ILE C 181 -32.50 -8.96 -10.16
N ALA C 182 -31.69 -9.95 -10.50
CA ALA C 182 -31.04 -9.98 -11.82
C ALA C 182 -32.02 -9.70 -12.96
N SER C 183 -31.77 -8.65 -13.72
CA SER C 183 -32.66 -8.33 -14.83
C SER C 183 -32.43 -9.30 -15.99
N VAL C 184 -33.49 -9.52 -16.76
CA VAL C 184 -33.45 -10.42 -17.90
C VAL C 184 -33.28 -9.64 -19.21
N VAL C 185 -33.47 -8.32 -19.14
CA VAL C 185 -33.34 -7.47 -20.31
C VAL C 185 -31.92 -7.43 -20.86
N GLU C 186 -31.77 -7.77 -22.14
CA GLU C 186 -30.46 -7.77 -22.76
C GLU C 186 -30.28 -6.61 -23.71
N THR C 187 -29.02 -6.28 -23.96
CA THR C 187 -28.65 -5.22 -24.89
C THR C 187 -27.54 -5.85 -25.73
N ASP C 188 -27.35 -5.35 -26.94
CA ASP C 188 -26.32 -5.90 -27.81
C ASP C 188 -24.93 -5.74 -27.22
N GLU C 189 -24.69 -4.61 -26.57
CA GLU C 189 -23.40 -4.38 -25.93
C GLU C 189 -23.67 -3.98 -24.47
N LEU C 190 -22.76 -4.36 -23.58
CA LEU C 190 -22.94 -4.05 -22.18
C LEU C 190 -21.65 -3.63 -21.49
N ILE C 191 -21.73 -2.52 -20.77
CA ILE C 191 -20.58 -2.03 -20.03
C ILE C 191 -20.89 -2.27 -18.56
N VAL C 192 -19.96 -2.89 -17.85
CA VAL C 192 -20.12 -3.15 -16.43
C VAL C 192 -19.05 -2.30 -15.72
N SER C 193 -19.43 -1.64 -14.64
CA SER C 193 -18.50 -0.81 -13.88
C SER C 193 -18.87 -0.82 -12.40
N ALA C 194 -18.01 -0.26 -11.55
CA ALA C 194 -18.27 -0.23 -10.11
C ALA C 194 -19.38 0.77 -9.77
N VAL C 195 -19.51 1.80 -10.59
CA VAL C 195 -20.53 2.84 -10.42
C VAL C 195 -21.02 3.09 -11.85
N SER C 196 -22.33 3.16 -12.08
CA SER C 196 -22.82 3.35 -13.45
C SER C 196 -22.29 4.61 -14.17
N ASN C 197 -22.20 5.72 -13.45
CA ASN C 197 -21.67 6.97 -14.03
C ASN C 197 -20.27 6.73 -14.60
N TRP C 198 -19.46 5.99 -13.85
CA TRP C 198 -18.09 5.68 -14.27
C TRP C 198 -18.07 4.84 -15.54
N GLY C 199 -19.05 3.96 -15.71
CA GLY C 199 -19.12 3.14 -16.91
C GLY C 199 -19.41 4.02 -18.11
N ALA C 200 -20.28 5.01 -17.90
CA ALA C 200 -20.65 5.93 -18.96
C ALA C 200 -19.44 6.77 -19.33
N TYR C 201 -18.72 7.25 -18.33
CA TYR C 201 -17.54 8.06 -18.58
C TYR C 201 -16.50 7.22 -19.32
N GLY C 202 -16.45 5.93 -18.99
CA GLY C 202 -15.50 5.05 -19.65
C GLY C 202 -15.81 4.97 -21.14
N LEU C 203 -17.09 4.90 -21.46
CA LEU C 203 -17.54 4.82 -22.85
C LEU C 203 -17.08 6.10 -23.56
N VAL C 204 -17.32 7.24 -22.91
CA VAL C 204 -16.91 8.53 -23.46
C VAL C 204 -15.38 8.58 -23.63
N ALA C 205 -14.67 7.97 -22.69
CA ALA C 205 -13.20 7.96 -22.73
C ALA C 205 -12.66 7.09 -23.89
N GLN C 206 -13.23 5.88 -24.04
CA GLN C 206 -12.78 4.99 -25.10
C GLN C 206 -13.13 5.64 -26.45
N ALA C 207 -14.30 6.26 -26.50
CA ALA C 207 -14.74 6.95 -27.72
C ALA C 207 -13.70 8.02 -28.03
N SER C 208 -13.29 8.75 -27.00
CA SER C 208 -12.28 9.81 -27.14
C SER C 208 -10.99 9.30 -27.77
N ILE C 209 -10.49 8.19 -27.26
CA ILE C 209 -9.25 7.62 -27.77
C ILE C 209 -9.44 7.18 -29.21
N GLU C 210 -10.63 6.63 -29.48
CA GLU C 210 -11.00 6.15 -30.81
C GLU C 210 -11.02 7.26 -31.86
N VAL C 211 -11.50 8.45 -31.47
CA VAL C 211 -11.58 9.56 -32.41
C VAL C 211 -10.40 10.53 -32.34
N GLY C 212 -9.56 10.36 -31.32
CA GLY C 212 -8.40 11.24 -31.18
C GLY C 212 -8.74 12.60 -30.59
N ARG C 213 -9.82 12.68 -29.82
CA ARG C 213 -10.22 13.93 -29.19
C ARG C 213 -10.69 13.65 -27.77
N ASN C 214 -10.24 14.44 -26.80
CA ASN C 214 -10.66 14.21 -25.43
C ASN C 214 -12.03 14.81 -25.18
N LEU C 215 -13.07 13.99 -25.33
CA LEU C 215 -14.45 14.41 -25.15
C LEU C 215 -14.87 14.59 -23.69
N LEU C 216 -13.99 14.24 -22.75
CA LEU C 216 -14.28 14.41 -21.33
C LEU C 216 -13.74 15.75 -20.83
N GLU C 217 -12.94 16.40 -21.66
CA GLU C 217 -12.39 17.69 -21.29
C GLU C 217 -13.53 18.60 -20.89
N GLY C 218 -13.35 19.29 -19.77
CA GLY C 218 -14.37 20.21 -19.32
C GLY C 218 -15.42 19.58 -18.43
N TRP C 219 -15.44 18.25 -18.33
CA TRP C 219 -16.43 17.63 -17.47
C TRP C 219 -16.14 18.04 -16.03
N ASP C 220 -17.17 18.51 -15.32
CA ASP C 220 -17.03 18.95 -13.94
C ASP C 220 -17.95 18.13 -13.05
N GLU C 221 -17.43 17.00 -12.57
CA GLU C 221 -18.19 16.07 -11.72
C GLU C 221 -18.84 16.74 -10.51
N ARG C 222 -18.08 17.58 -9.81
CA ARG C 222 -18.60 18.23 -8.63
C ARG C 222 -19.81 19.11 -8.98
N ARG C 223 -19.65 19.89 -10.03
CA ARG C 223 -20.72 20.79 -10.47
C ARG C 223 -21.98 20.01 -10.84
N VAL C 224 -21.81 18.96 -11.65
CA VAL C 224 -22.94 18.16 -12.08
C VAL C 224 -23.65 17.42 -10.96
N ILE C 225 -22.90 16.83 -10.04
CA ILE C 225 -23.52 16.08 -8.94
C ILE C 225 -24.22 16.95 -7.91
N GLU C 226 -23.64 18.11 -7.61
CA GLU C 226 -24.26 19.00 -6.65
C GLU C 226 -25.57 19.54 -7.23
N ALA C 227 -25.56 19.77 -8.54
CA ALA C 227 -26.73 20.30 -9.23
C ALA C 227 -27.94 19.37 -9.16
N ILE C 228 -27.75 18.10 -9.51
CA ILE C 228 -28.87 17.17 -9.49
C ILE C 228 -29.20 16.78 -8.06
N SER C 229 -28.25 16.95 -7.16
CA SER C 229 -28.47 16.63 -5.76
C SER C 229 -29.35 17.71 -5.14
N SER C 230 -29.07 18.96 -5.48
CA SER C 230 -29.86 20.08 -4.97
C SER C 230 -31.27 20.04 -5.54
N ALA C 231 -31.39 19.44 -6.72
CA ALA C 231 -32.69 19.35 -7.39
C ALA C 231 -33.57 18.22 -6.83
N GLY C 232 -33.05 17.46 -5.88
CA GLY C 232 -33.86 16.39 -5.30
C GLY C 232 -33.42 14.96 -5.53
N LEU C 233 -32.43 14.74 -6.39
CA LEU C 233 -31.96 13.39 -6.64
C LEU C 233 -31.13 12.93 -5.42
N ILE C 234 -31.54 11.81 -4.83
CA ILE C 234 -30.89 11.27 -3.64
C ILE C 234 -29.78 10.27 -3.97
N ASP C 235 -28.91 10.04 -2.99
CA ASP C 235 -27.84 9.06 -3.13
C ASP C 235 -28.55 7.72 -3.06
N GLY C 236 -28.28 6.83 -4.01
CA GLY C 236 -28.92 5.54 -4.04
C GLY C 236 -28.65 4.60 -2.88
N VAL C 237 -27.51 4.74 -2.22
CA VAL C 237 -27.17 3.87 -1.10
C VAL C 237 -27.52 4.46 0.27
N SER C 238 -27.23 5.74 0.45
CA SER C 238 -27.54 6.37 1.72
C SER C 238 -29.01 6.81 1.73
N LYS C 239 -29.59 6.95 0.54
CA LYS C 239 -30.98 7.37 0.40
C LYS C 239 -31.17 8.75 1.04
N THR C 240 -30.14 9.56 0.92
CA THR C 240 -30.12 10.92 1.47
C THR C 240 -29.81 11.93 0.37
N LEU C 241 -30.04 13.21 0.65
CA LEU C 241 -29.76 14.26 -0.32
C LEU C 241 -28.32 14.74 -0.20
N ALA C 242 -27.39 13.79 -0.07
CA ALA C 242 -25.98 14.12 0.06
C ALA C 242 -25.35 14.25 -1.32
N PRO C 243 -24.38 15.16 -1.48
CA PRO C 243 -23.71 15.36 -2.76
C PRO C 243 -22.81 14.17 -3.09
N SER C 244 -23.38 12.97 -3.09
CA SER C 244 -22.59 11.78 -3.37
C SER C 244 -23.30 10.81 -4.32
N VAL C 245 -22.58 9.76 -4.72
CA VAL C 245 -23.12 8.77 -5.62
C VAL C 245 -22.81 7.38 -5.09
N ASP C 246 -23.86 6.61 -4.82
CA ASP C 246 -23.72 5.25 -4.32
C ASP C 246 -22.91 5.18 -3.03
N GLY C 247 -23.14 6.12 -2.12
CA GLY C 247 -22.45 6.12 -0.85
C GLY C 247 -20.98 6.50 -0.92
N ILE C 248 -20.53 6.94 -2.09
CA ILE C 248 -19.14 7.34 -2.29
C ILE C 248 -19.10 8.85 -2.44
N ARG C 249 -18.33 9.54 -1.60
CA ARG C 249 -18.25 11.00 -1.65
C ARG C 249 -17.56 11.51 -2.91
N LEU C 250 -17.86 12.76 -3.25
CA LEU C 250 -17.36 13.40 -4.46
C LEU C 250 -15.87 13.33 -4.78
N MET C 251 -15.01 13.48 -3.78
CA MET C 251 -13.57 13.45 -4.01
C MET C 251 -13.10 12.22 -4.80
N VAL C 252 -13.73 11.07 -4.57
CA VAL C 252 -13.32 9.86 -5.29
C VAL C 252 -13.83 9.94 -6.74
N HIS C 253 -15.08 10.36 -6.91
CA HIS C 253 -15.66 10.49 -8.24
C HIS C 253 -14.86 11.49 -9.07
N GLU C 254 -14.36 12.51 -8.40
CA GLU C 254 -13.55 13.53 -9.07
C GLU C 254 -12.24 12.90 -9.50
N GLY C 255 -11.65 12.11 -8.60
CA GLY C 255 -10.40 11.44 -8.91
C GLY C 255 -10.53 10.49 -10.09
N ILE C 256 -11.64 9.77 -10.12
CA ILE C 256 -11.93 8.83 -11.21
C ILE C 256 -11.95 9.60 -12.54
N VAL C 257 -12.74 10.67 -12.58
CA VAL C 257 -12.85 11.48 -13.81
C VAL C 257 -11.49 12.04 -14.24
N GLU C 258 -10.75 12.60 -13.28
CA GLU C 258 -9.44 13.17 -13.57
C GLU C 258 -8.49 12.11 -14.10
N LEU C 259 -8.56 10.91 -13.56
CA LEU C 259 -7.67 9.84 -14.04
C LEU C 259 -8.04 9.49 -15.49
N LEU C 260 -9.34 9.42 -15.77
CA LEU C 260 -9.80 9.10 -17.13
C LEU C 260 -9.31 10.13 -18.14
N LYS C 261 -9.44 11.42 -17.82
CA LYS C 261 -8.98 12.48 -18.71
C LYS C 261 -7.50 12.30 -18.99
N ALA C 262 -6.74 11.98 -17.95
CA ALA C 262 -5.29 11.79 -18.10
C ALA C 262 -4.97 10.58 -18.98
N VAL C 263 -5.66 9.47 -18.74
CA VAL C 263 -5.43 8.28 -19.56
C VAL C 263 -5.76 8.56 -21.02
N VAL C 264 -6.86 9.27 -21.25
CA VAL C 264 -7.27 9.63 -22.61
C VAL C 264 -6.18 10.47 -23.29
N ASP C 265 -5.65 11.46 -22.56
CA ASP C 265 -4.59 12.32 -23.10
C ASP C 265 -3.38 11.50 -23.46
N GLU C 266 -3.06 10.54 -22.59
CA GLU C 266 -1.91 9.66 -22.81
C GLU C 266 -2.04 8.90 -24.12
N ALA C 267 -3.23 8.35 -24.37
CA ALA C 267 -3.49 7.56 -25.57
C ALA C 267 -3.49 8.38 -26.86
N ILE C 268 -4.04 9.58 -26.82
CA ILE C 268 -4.08 10.44 -28.01
C ILE C 268 -2.70 11.01 -28.32
N LEU C 269 -1.74 10.77 -27.43
CA LEU C 269 -0.35 11.23 -27.58
C LEU C 269 -0.17 12.73 -27.43
N MET D 1 3.63 -26.86 12.03
CA MET D 1 3.13 -27.92 12.95
C MET D 1 2.17 -28.89 12.26
N ILE D 2 1.08 -28.38 11.71
CA ILE D 2 0.08 -29.22 11.05
C ILE D 2 0.57 -29.98 9.82
N ALA D 3 1.18 -29.30 8.87
CA ALA D 3 1.68 -29.93 7.64
C ALA D 3 2.58 -31.14 7.93
N HIS D 4 3.39 -31.03 8.97
CA HIS D 4 4.31 -32.08 9.35
C HIS D 4 3.56 -33.22 10.05
N LEU D 5 2.59 -32.86 10.89
CA LEU D 5 1.78 -33.81 11.64
C LEU D 5 0.97 -34.73 10.71
N ILE D 6 0.32 -34.16 9.71
CA ILE D 6 -0.48 -34.94 8.79
C ILE D 6 0.36 -35.79 7.85
N ASN D 7 1.68 -35.67 7.98
CA ASN D 7 2.58 -36.46 7.13
C ASN D 7 3.40 -37.47 7.93
N THR D 8 2.93 -37.76 9.13
CA THR D 8 3.59 -38.74 9.99
C THR D 8 3.47 -40.10 9.32
N ASP D 9 4.62 -40.73 9.06
CA ASP D 9 4.65 -42.04 8.40
C ASP D 9 4.26 -43.22 9.28
N ILE D 10 3.67 -44.23 8.65
CA ILE D 10 3.27 -45.45 9.34
C ILE D 10 3.24 -46.59 8.33
N GLY D 11 4.41 -46.94 7.79
CA GLY D 11 4.48 -48.01 6.82
C GLY D 11 5.15 -47.61 5.52
N ASN D 12 4.43 -46.85 4.70
CA ASN D 12 4.95 -46.41 3.40
C ASN D 12 6.09 -45.39 3.53
N ARG D 13 7.31 -45.83 3.19
CA ARG D 13 8.48 -44.98 3.27
C ARG D 13 8.61 -44.09 2.02
N GLY D 14 8.38 -44.70 0.86
CA GLY D 14 8.47 -43.94 -0.37
C GLY D 14 7.67 -42.66 -0.32
N VAL D 15 6.52 -42.72 0.34
CA VAL D 15 5.66 -41.53 0.45
C VAL D 15 6.28 -40.50 1.39
N LEU D 16 6.94 -40.94 2.45
CA LEU D 16 7.55 -39.98 3.36
C LEU D 16 8.63 -39.24 2.58
N LYS D 17 9.33 -39.95 1.70
CA LYS D 17 10.38 -39.31 0.91
C LYS D 17 9.76 -38.24 0.01
N VAL D 18 8.51 -38.46 -0.43
CA VAL D 18 7.82 -37.48 -1.26
C VAL D 18 7.55 -36.23 -0.44
N TYR D 19 7.07 -36.43 0.80
CA TYR D 19 6.80 -35.31 1.69
C TYR D 19 8.10 -34.52 1.91
N LEU D 20 9.21 -35.23 2.05
CA LEU D 20 10.51 -34.59 2.25
C LEU D 20 10.89 -33.70 1.07
N ASP D 21 10.78 -34.24 -0.14
CA ASP D 21 11.13 -33.45 -1.32
C ASP D 21 10.15 -32.31 -1.59
N TYR D 22 8.87 -32.53 -1.32
CA TYR D 22 7.86 -31.50 -1.57
C TYR D 22 7.90 -30.35 -0.56
N ARG D 23 7.90 -30.68 0.73
CA ARG D 23 7.92 -29.65 1.76
C ARG D 23 9.20 -28.82 1.66
N ARG D 24 10.23 -29.43 1.07
CA ARG D 24 11.52 -28.78 0.90
C ARG D 24 11.48 -27.68 -0.18
N LYS D 25 10.88 -27.97 -1.33
CA LYS D 25 10.85 -26.97 -2.38
C LYS D 25 9.55 -26.17 -2.42
N ASN D 26 8.68 -26.42 -1.44
CA ASN D 26 7.40 -25.73 -1.36
C ASN D 26 7.00 -25.83 0.11
N PHE D 27 7.82 -25.25 0.96
CA PHE D 27 7.65 -25.29 2.41
C PHE D 27 6.30 -24.87 2.98
N ASN D 28 5.62 -23.93 2.34
CA ASN D 28 4.33 -23.46 2.85
C ASN D 28 3.15 -24.01 2.04
N PHE D 29 3.34 -25.16 1.40
CA PHE D 29 2.27 -25.72 0.59
C PHE D 29 0.91 -25.74 1.28
N LEU D 30 0.88 -26.02 2.57
CA LEU D 30 -0.39 -26.08 3.28
C LEU D 30 -1.00 -24.69 3.46
N HIS D 31 -0.18 -23.72 3.82
CA HIS D 31 -0.68 -22.35 4.02
C HIS D 31 -1.17 -21.79 2.68
N ASN D 32 -0.41 -22.01 1.62
CA ASN D 32 -0.83 -21.50 0.31
C ASN D 32 -2.17 -22.14 -0.13
N SER D 33 -2.39 -23.39 0.27
CA SER D 33 -3.64 -24.09 -0.06
C SER D 33 -4.78 -23.44 0.71
N THR D 34 -4.50 -23.15 1.98
CA THR D 34 -5.47 -22.53 2.87
C THR D 34 -5.84 -21.15 2.34
N LYS D 35 -4.84 -20.42 1.86
CA LYS D 35 -5.03 -19.09 1.30
C LYS D 35 -6.08 -19.13 0.20
N MET D 36 -5.87 -20.03 -0.75
CA MET D 36 -6.75 -20.19 -1.88
C MET D 36 -8.13 -20.69 -1.47
N PHE D 37 -8.17 -21.54 -0.46
CA PHE D 37 -9.42 -22.09 0.06
C PHE D 37 -10.32 -20.96 0.55
N LEU D 38 -9.79 -20.16 1.47
CA LEU D 38 -10.51 -19.05 2.08
C LEU D 38 -10.85 -17.90 1.13
N ASP D 39 -10.24 -17.90 -0.04
CA ASP D 39 -10.46 -16.83 -1.01
C ASP D 39 -11.44 -17.19 -2.12
N ASN D 40 -11.91 -18.43 -2.12
CA ASN D 40 -12.87 -18.86 -3.13
C ASN D 40 -13.95 -19.75 -2.53
N LEU D 41 -14.58 -19.27 -1.48
CA LEU D 41 -15.60 -20.01 -0.75
C LEU D 41 -17.04 -19.95 -1.30
N GLU D 42 -17.32 -19.02 -2.22
CA GLU D 42 -18.67 -18.88 -2.77
C GLU D 42 -19.39 -20.19 -3.12
N ARG D 43 -18.86 -20.92 -4.09
CA ARG D 43 -19.46 -22.19 -4.47
C ARG D 43 -18.36 -23.20 -4.77
N VAL D 44 -18.07 -24.04 -3.77
CA VAL D 44 -17.01 -25.04 -3.88
C VAL D 44 -17.45 -26.43 -4.32
N LEU D 45 -16.80 -26.96 -5.35
CA LEU D 45 -17.07 -28.30 -5.82
C LEU D 45 -15.97 -29.16 -5.16
N ILE D 46 -16.38 -30.21 -4.45
CA ILE D 46 -15.43 -31.11 -3.79
C ILE D 46 -15.56 -32.47 -4.50
N VAL D 47 -14.48 -32.90 -5.15
CA VAL D 47 -14.47 -34.16 -5.89
C VAL D 47 -13.71 -35.24 -5.13
N THR D 48 -14.35 -36.41 -4.98
CA THR D 48 -13.74 -37.52 -4.25
C THR D 48 -14.24 -38.87 -4.77
N GLY D 49 -13.70 -39.95 -4.20
CA GLY D 49 -14.07 -41.30 -4.63
C GLY D 49 -12.92 -41.94 -5.38
N PHE D 50 -12.44 -43.08 -4.90
CA PHE D 50 -11.32 -43.77 -5.54
C PHE D 50 -11.65 -45.26 -5.64
N PRO D 51 -12.00 -45.74 -6.85
CA PRO D 51 -12.33 -47.15 -7.07
C PRO D 51 -11.10 -48.02 -6.88
N ILE D 52 -11.23 -49.07 -6.05
CA ILE D 52 -10.11 -49.97 -5.77
C ILE D 52 -10.17 -51.28 -6.55
N PRO D 53 -9.24 -51.47 -7.51
CA PRO D 53 -9.21 -52.71 -8.29
C PRO D 53 -8.91 -53.92 -7.39
N PRO D 54 -9.30 -55.12 -7.83
CA PRO D 54 -10.01 -55.34 -9.10
C PRO D 54 -11.53 -55.19 -8.97
N MET D 55 -12.02 -55.05 -7.75
CA MET D 55 -13.45 -54.92 -7.52
C MET D 55 -13.98 -53.55 -7.94
N MET D 56 -13.07 -52.61 -8.12
CA MET D 56 -13.42 -51.25 -8.54
C MET D 56 -14.45 -50.55 -7.65
N VAL D 57 -14.42 -50.85 -6.36
CA VAL D 57 -15.33 -50.25 -5.41
C VAL D 57 -14.63 -49.11 -4.66
N ALA D 58 -15.30 -47.95 -4.56
CA ALA D 58 -14.74 -46.78 -3.88
C ALA D 58 -14.30 -47.09 -2.46
N GLU D 59 -13.25 -46.40 -2.00
CA GLU D 59 -12.70 -46.61 -0.66
C GLU D 59 -13.05 -45.60 0.44
N THR D 60 -12.59 -45.90 1.65
CA THR D 60 -12.82 -45.10 2.83
C THR D 60 -11.91 -43.88 3.00
N ASP D 61 -10.85 -43.78 2.21
CA ASP D 61 -9.99 -42.60 2.31
C ASP D 61 -10.47 -41.66 1.20
N GLY D 62 -10.83 -40.45 1.58
CA GLY D 62 -11.30 -39.47 0.62
C GLY D 62 -12.60 -38.86 1.10
N PRO D 63 -13.70 -39.62 1.10
CA PRO D 63 -15.02 -39.15 1.54
C PRO D 63 -15.03 -38.46 2.90
N PRO D 64 -14.36 -39.03 3.91
CA PRO D 64 -14.38 -38.35 5.20
C PRO D 64 -13.76 -36.96 5.08
N GLY D 65 -12.62 -36.89 4.39
CA GLY D 65 -11.94 -35.63 4.21
C GLY D 65 -12.83 -34.63 3.50
N ALA D 66 -13.44 -35.07 2.41
CA ALA D 66 -14.35 -34.22 1.63
C ALA D 66 -15.47 -33.67 2.51
N LEU D 67 -16.06 -34.55 3.33
CA LEU D 67 -17.15 -34.16 4.23
C LEU D 67 -16.71 -33.07 5.22
N ALA D 68 -15.51 -33.23 5.79
CA ALA D 68 -15.00 -32.24 6.73
C ALA D 68 -14.80 -30.90 6.02
N ILE D 69 -14.28 -30.95 4.80
CA ILE D 69 -14.08 -29.71 4.04
C ILE D 69 -15.43 -29.12 3.67
N TYR D 70 -16.35 -29.98 3.21
CA TYR D 70 -17.70 -29.55 2.84
C TYR D 70 -18.35 -28.85 4.01
N ARG D 71 -18.15 -29.41 5.19
CA ARG D 71 -18.69 -28.88 6.43
C ARG D 71 -18.07 -27.53 6.73
N ALA D 72 -16.75 -27.45 6.66
CA ALA D 72 -16.04 -26.20 6.92
C ALA D 72 -16.53 -25.09 6.01
N VAL D 73 -16.68 -25.41 4.73
CA VAL D 73 -17.14 -24.41 3.75
C VAL D 73 -18.46 -23.77 4.20
N GLU D 74 -19.50 -24.58 4.36
CA GLU D 74 -20.80 -24.08 4.77
C GLU D 74 -20.77 -23.40 6.14
N MET D 75 -19.75 -23.71 6.93
CA MET D 75 -19.58 -23.14 8.25
C MET D 75 -19.01 -21.73 8.12
N LEU D 76 -18.31 -21.51 7.01
CA LEU D 76 -17.70 -20.21 6.74
C LEU D 76 -18.61 -19.31 5.90
N GLY D 77 -19.84 -19.76 5.67
CA GLY D 77 -20.78 -18.95 4.90
C GLY D 77 -20.87 -19.25 3.42
N GLY D 78 -20.06 -20.19 2.93
CA GLY D 78 -20.10 -20.51 1.52
C GLY D 78 -20.99 -21.69 1.19
N LYS D 79 -20.94 -22.14 -0.06
CA LYS D 79 -21.72 -23.28 -0.50
C LYS D 79 -20.80 -24.35 -1.09
N ALA D 80 -21.11 -25.61 -0.81
CA ALA D 80 -20.29 -26.72 -1.30
C ALA D 80 -21.14 -27.82 -1.93
N GLU D 81 -20.55 -28.53 -2.90
CA GLU D 81 -21.24 -29.64 -3.57
C GLU D 81 -20.22 -30.76 -3.75
N ILE D 82 -20.70 -32.00 -3.82
CA ILE D 82 -19.79 -33.13 -3.99
C ILE D 82 -20.02 -33.87 -5.30
N LEU D 83 -18.92 -34.17 -5.97
CA LEU D 83 -18.94 -34.88 -7.24
C LEU D 83 -18.19 -36.18 -6.91
N THR D 84 -18.91 -37.28 -6.88
CA THR D 84 -18.29 -38.57 -6.55
C THR D 84 -19.08 -39.70 -7.19
N TYR D 85 -18.70 -40.94 -6.86
CA TYR D 85 -19.37 -42.13 -7.39
C TYR D 85 -20.63 -42.49 -6.61
N SER D 86 -21.47 -43.32 -7.22
CA SER D 86 -22.74 -43.74 -6.64
C SER D 86 -22.67 -44.33 -5.24
N GLU D 87 -21.79 -45.31 -5.03
CA GLU D 87 -21.67 -45.93 -3.71
C GLU D 87 -21.27 -44.89 -2.68
N VAL D 88 -20.46 -43.92 -3.09
CA VAL D 88 -20.03 -42.86 -2.16
C VAL D 88 -21.20 -41.94 -1.79
N GLU D 89 -22.04 -41.59 -2.77
CA GLU D 89 -23.18 -40.72 -2.49
C GLU D 89 -24.07 -41.41 -1.47
N LYS D 90 -24.24 -42.71 -1.65
CA LYS D 90 -25.05 -43.52 -0.76
C LYS D 90 -24.42 -43.49 0.64
N ALA D 91 -23.09 -43.60 0.69
CA ALA D 91 -22.38 -43.60 1.97
C ALA D 91 -22.49 -42.25 2.68
N LEU D 92 -22.53 -41.17 1.91
CA LEU D 92 -22.65 -39.82 2.46
C LEU D 92 -24.10 -39.40 2.67
N GLU D 93 -25.02 -40.16 2.10
CA GLU D 93 -26.45 -39.85 2.22
C GLU D 93 -26.93 -39.44 3.62
N PRO D 94 -26.50 -40.16 4.67
CA PRO D 94 -26.93 -39.81 6.02
C PRO D 94 -26.52 -38.39 6.46
N PHE D 95 -25.59 -37.80 5.73
CA PHE D 95 -25.11 -36.46 6.07
C PHE D 95 -25.77 -35.30 5.33
N GLY D 96 -26.80 -35.59 4.53
CA GLY D 96 -27.51 -34.55 3.80
C GLY D 96 -26.56 -33.59 3.10
N VAL D 97 -25.73 -34.14 2.23
CA VAL D 97 -24.75 -33.36 1.50
C VAL D 97 -25.25 -33.07 0.08
N SER D 98 -25.02 -31.85 -0.41
CA SER D 98 -25.44 -31.47 -1.76
C SER D 98 -24.58 -32.20 -2.79
N LEU D 99 -25.22 -32.75 -3.82
CA LEU D 99 -24.51 -33.50 -4.85
C LEU D 99 -24.50 -32.78 -6.21
N ALA D 100 -23.31 -32.63 -6.78
CA ALA D 100 -23.15 -31.98 -8.08
C ALA D 100 -23.83 -32.76 -9.21
N ARG D 101 -24.63 -32.04 -10.00
CA ARG D 101 -25.33 -32.63 -11.13
C ARG D 101 -25.01 -31.81 -12.38
N THR D 102 -24.49 -32.47 -13.41
CA THR D 102 -24.12 -31.81 -14.66
C THR D 102 -23.23 -30.61 -14.30
N PRO D 103 -22.26 -30.82 -13.40
CA PRO D 103 -21.38 -29.72 -12.99
C PRO D 103 -20.53 -29.18 -14.12
N GLU D 104 -20.39 -27.86 -14.16
CA GLU D 104 -19.58 -27.19 -15.18
C GLU D 104 -18.53 -26.39 -14.41
N PRO D 105 -17.30 -26.37 -14.93
CA PRO D 105 -16.21 -25.63 -14.28
C PRO D 105 -16.61 -24.22 -13.85
N GLU D 106 -17.08 -23.44 -14.82
CA GLU D 106 -17.48 -22.05 -14.58
C GLU D 106 -18.46 -21.88 -13.43
N ASP D 107 -19.27 -22.91 -13.18
CA ASP D 107 -20.27 -22.87 -12.11
C ASP D 107 -19.68 -22.71 -10.71
N TYR D 108 -18.39 -23.03 -10.57
CA TYR D 108 -17.78 -22.97 -9.24
C TYR D 108 -16.66 -21.97 -9.07
N SER D 109 -16.48 -21.51 -7.83
CA SER D 109 -15.44 -20.56 -7.51
C SER D 109 -14.15 -21.30 -7.15
N LEU D 110 -14.28 -22.56 -6.74
CA LEU D 110 -13.15 -23.37 -6.32
C LEU D 110 -13.47 -24.86 -6.51
N ILE D 111 -12.52 -25.61 -7.05
CA ILE D 111 -12.71 -27.04 -7.23
C ILE D 111 -11.61 -27.76 -6.44
N ILE D 112 -12.03 -28.59 -5.49
CA ILE D 112 -11.12 -29.34 -4.64
C ILE D 112 -11.25 -30.84 -4.87
N SER D 113 -10.12 -31.53 -4.79
CA SER D 113 -10.10 -32.99 -4.97
C SER D 113 -9.46 -33.66 -3.75
N VAL D 114 -10.13 -34.65 -3.19
CA VAL D 114 -9.60 -35.39 -2.06
C VAL D 114 -9.56 -36.87 -2.45
N GLU D 115 -8.35 -37.40 -2.64
CA GLU D 115 -8.15 -38.80 -3.00
C GLU D 115 -8.99 -39.20 -4.21
N THR D 116 -8.71 -38.56 -5.36
CA THR D 116 -9.40 -38.85 -6.59
C THR D 116 -8.37 -39.22 -7.65
N PRO D 117 -8.61 -40.33 -8.37
CA PRO D 117 -7.75 -40.86 -9.42
C PRO D 117 -7.43 -39.83 -10.50
N GLY D 118 -6.15 -39.65 -10.76
CA GLY D 118 -5.73 -38.70 -11.77
C GLY D 118 -5.04 -39.40 -12.92
N ARG D 119 -5.34 -38.92 -14.12
CA ARG D 119 -4.78 -39.41 -15.37
C ARG D 119 -3.27 -39.56 -15.30
N ALA D 120 -2.76 -40.72 -15.69
CA ALA D 120 -1.32 -40.99 -15.68
C ALA D 120 -0.72 -40.53 -17.01
N ALA D 121 0.58 -40.76 -17.18
CA ALA D 121 1.24 -40.35 -18.42
C ALA D 121 0.69 -41.06 -19.64
N ASP D 122 0.19 -42.28 -19.47
CA ASP D 122 -0.34 -43.03 -20.60
C ASP D 122 -1.83 -42.82 -20.79
N GLY D 123 -2.39 -41.88 -20.05
CA GLY D 123 -3.81 -41.59 -20.17
C GLY D 123 -4.76 -42.53 -19.46
N ARG D 124 -4.21 -43.53 -18.76
CA ARG D 124 -5.07 -44.47 -18.05
C ARG D 124 -5.05 -44.13 -16.56
N TYR D 125 -5.85 -44.83 -15.78
CA TYR D 125 -5.94 -44.59 -14.33
C TYR D 125 -5.45 -45.84 -13.58
N TYR D 126 -4.51 -45.64 -12.66
CA TYR D 126 -3.94 -46.76 -11.90
C TYR D 126 -4.03 -46.62 -10.38
N SER D 127 -4.28 -47.74 -9.71
CA SER D 127 -4.33 -47.77 -8.24
C SER D 127 -2.89 -47.91 -7.77
N MET D 128 -2.67 -47.83 -6.47
CA MET D 128 -1.30 -47.96 -5.94
C MET D 128 -0.73 -49.32 -6.32
N SER D 129 -1.61 -50.30 -6.47
CA SER D 129 -1.23 -51.67 -6.82
C SER D 129 -0.75 -51.76 -8.26
N ALA D 130 -0.90 -50.67 -9.01
CA ALA D 130 -0.51 -50.61 -10.42
C ALA D 130 -1.59 -51.27 -11.28
N LEU D 131 -2.74 -51.52 -10.66
CA LEU D 131 -3.87 -52.13 -11.36
C LEU D 131 -4.68 -51.00 -12.01
N GLU D 132 -5.02 -51.17 -13.28
CA GLU D 132 -5.78 -50.15 -14.00
C GLU D 132 -7.20 -50.05 -13.45
N ILE D 133 -7.62 -48.81 -13.19
CA ILE D 133 -8.96 -48.57 -12.66
C ILE D 133 -9.93 -48.56 -13.84
N LYS D 134 -10.98 -49.39 -13.74
CA LYS D 134 -11.97 -49.49 -14.81
C LYS D 134 -13.28 -48.88 -14.33
N ARG D 135 -13.40 -47.56 -14.50
CA ARG D 135 -14.58 -46.83 -14.06
C ARG D 135 -14.53 -45.47 -14.79
N ASP D 136 -15.66 -44.79 -14.91
CA ASP D 136 -15.68 -43.49 -15.58
C ASP D 136 -14.88 -42.46 -14.77
N PRO D 137 -13.94 -41.77 -15.43
CA PRO D 137 -13.06 -40.74 -14.86
C PRO D 137 -13.81 -39.62 -14.15
N LEU D 138 -13.08 -38.85 -13.33
CA LEU D 138 -13.65 -37.74 -12.57
C LEU D 138 -12.71 -36.54 -12.60
N ASP D 139 -11.56 -36.69 -13.27
CA ASP D 139 -10.56 -35.64 -13.35
C ASP D 139 -10.77 -34.67 -14.53
N GLY D 140 -11.66 -35.01 -15.45
CA GLY D 140 -11.89 -34.17 -16.61
C GLY D 140 -12.19 -32.70 -16.32
N ILE D 141 -12.92 -32.44 -15.25
CA ILE D 141 -13.29 -31.08 -14.90
C ILE D 141 -12.11 -30.26 -14.37
N PHE D 142 -11.06 -30.93 -13.90
CA PHE D 142 -9.90 -30.22 -13.40
C PHE D 142 -9.08 -29.70 -14.57
N LEU D 143 -9.08 -30.46 -15.66
CA LEU D 143 -8.35 -30.04 -16.86
C LEU D 143 -9.10 -28.84 -17.46
N LYS D 144 -10.41 -28.85 -17.36
CA LYS D 144 -11.23 -27.75 -17.89
C LYS D 144 -11.08 -26.52 -17.01
N ALA D 145 -11.17 -26.70 -15.69
CA ALA D 145 -11.02 -25.59 -14.76
C ALA D 145 -9.66 -24.94 -14.93
N ARG D 146 -8.65 -25.76 -15.23
CA ARG D 146 -7.30 -25.24 -15.42
C ARG D 146 -7.24 -24.35 -16.65
N ALA D 147 -7.73 -24.85 -17.77
CA ALA D 147 -7.71 -24.10 -19.02
C ALA D 147 -8.52 -22.81 -18.88
N LEU D 148 -9.41 -22.78 -17.90
CA LEU D 148 -10.28 -21.64 -17.62
C LEU D 148 -9.76 -20.68 -16.56
N GLY D 149 -8.72 -21.07 -15.82
CA GLY D 149 -8.20 -20.20 -14.79
C GLY D 149 -8.91 -20.33 -13.45
N ILE D 150 -9.78 -21.34 -13.34
CA ILE D 150 -10.51 -21.58 -12.10
C ILE D 150 -9.59 -22.29 -11.11
N PRO D 151 -9.40 -21.72 -9.91
CA PRO D 151 -8.56 -22.25 -8.83
C PRO D 151 -8.87 -23.68 -8.42
N THR D 152 -7.84 -24.52 -8.36
CA THR D 152 -8.01 -25.90 -7.97
C THR D 152 -7.04 -26.29 -6.86
N ILE D 153 -7.53 -27.11 -5.93
CA ILE D 153 -6.73 -27.61 -4.82
C ILE D 153 -6.78 -29.13 -4.82
N GLY D 154 -5.61 -29.77 -4.77
CA GLY D 154 -5.54 -31.22 -4.76
C GLY D 154 -5.00 -31.79 -3.46
N VAL D 155 -5.52 -32.95 -3.06
CA VAL D 155 -5.08 -33.60 -1.83
C VAL D 155 -4.85 -35.08 -2.15
N GLY D 156 -3.67 -35.59 -1.79
CA GLY D 156 -3.39 -36.98 -2.06
C GLY D 156 -2.27 -37.52 -1.20
N ASP D 157 -2.08 -38.83 -1.24
CA ASP D 157 -1.03 -39.47 -0.45
C ASP D 157 -0.38 -40.63 -1.18
N GLY D 158 -0.86 -40.93 -2.38
CA GLY D 158 -0.30 -42.03 -3.15
C GLY D 158 0.53 -41.61 -4.34
N GLY D 159 0.18 -40.49 -4.96
CA GLY D 159 0.93 -40.02 -6.12
C GLY D 159 0.19 -40.22 -7.43
N ASN D 160 -0.94 -40.90 -7.36
CA ASN D 160 -1.75 -41.18 -8.54
C ASN D 160 -3.06 -40.38 -8.50
N GLU D 161 -3.14 -39.43 -7.57
CA GLU D 161 -4.34 -38.60 -7.41
C GLU D 161 -4.30 -37.29 -8.18
N ILE D 162 -5.48 -36.73 -8.42
CA ILE D 162 -5.60 -35.45 -9.11
C ILE D 162 -4.79 -34.44 -8.30
N GLY D 163 -3.91 -33.71 -8.98
CA GLY D 163 -3.09 -32.71 -8.32
C GLY D 163 -1.62 -33.09 -8.20
N MET D 164 -1.36 -34.40 -8.22
CA MET D 164 0.02 -34.89 -8.10
C MET D 164 0.86 -34.53 -9.31
N GLY D 165 0.18 -34.12 -10.39
CA GLY D 165 0.90 -33.74 -11.59
C GLY D 165 1.92 -32.65 -11.31
N LYS D 166 1.64 -31.86 -10.28
CA LYS D 166 2.51 -30.76 -9.88
C LYS D 166 3.90 -31.27 -9.46
N ILE D 167 3.94 -32.47 -8.89
CA ILE D 167 5.21 -33.04 -8.42
C ILE D 167 5.45 -34.44 -8.96
N ARG D 168 5.06 -34.69 -10.19
CA ARG D 168 5.24 -36.00 -10.79
C ARG D 168 6.68 -36.46 -10.67
N GLU D 169 7.61 -35.52 -10.75
CA GLU D 169 9.04 -35.81 -10.64
C GLU D 169 9.35 -36.54 -9.33
N LEU D 170 8.77 -36.07 -8.23
CA LEU D 170 8.98 -36.66 -6.92
C LEU D 170 8.35 -38.04 -6.81
N VAL D 171 7.13 -38.18 -7.33
CA VAL D 171 6.42 -39.44 -7.26
C VAL D 171 7.15 -40.56 -7.99
N VAL D 172 7.56 -40.30 -9.22
CA VAL D 172 8.24 -41.29 -10.03
C VAL D 172 9.39 -42.03 -9.34
N GLY D 173 10.29 -41.28 -8.70
CA GLY D 173 11.43 -41.90 -8.05
C GLY D 173 11.23 -42.48 -6.65
N HIS D 174 10.23 -42.01 -5.92
CA HIS D 174 10.00 -42.50 -4.56
C HIS D 174 8.80 -43.40 -4.35
N VAL D 175 7.98 -43.60 -5.37
CA VAL D 175 6.80 -44.42 -5.21
C VAL D 175 6.83 -45.67 -6.08
N PRO D 176 6.39 -46.81 -5.54
CA PRO D 176 6.38 -48.05 -6.30
C PRO D 176 5.58 -47.88 -7.60
N HIS D 177 6.19 -48.26 -8.73
CA HIS D 177 5.55 -48.13 -10.04
C HIS D 177 5.19 -46.68 -10.34
N GLY D 178 5.91 -45.75 -9.71
CA GLY D 178 5.65 -44.33 -9.91
C GLY D 178 5.56 -43.89 -11.37
N GLU D 179 6.50 -44.35 -12.18
CA GLU D 179 6.54 -44.00 -13.59
C GLU D 179 5.20 -44.29 -14.27
N LYS D 180 4.57 -45.40 -13.91
CA LYS D 180 3.30 -45.78 -14.51
C LYS D 180 2.03 -45.22 -13.89
N ILE D 181 2.00 -45.09 -12.57
CA ILE D 181 0.78 -44.61 -11.94
C ILE D 181 0.72 -43.11 -11.63
N ALA D 182 1.86 -42.43 -11.64
CA ALA D 182 1.87 -41.01 -11.32
C ALA D 182 0.93 -40.21 -12.20
N SER D 183 0.05 -39.44 -11.58
CA SER D 183 -0.89 -38.63 -12.34
C SER D 183 -0.18 -37.41 -12.90
N VAL D 184 -0.61 -36.98 -14.07
CA VAL D 184 -0.02 -35.81 -14.70
C VAL D 184 -0.99 -34.65 -14.54
N VAL D 185 -2.07 -34.89 -13.79
CA VAL D 185 -3.09 -33.86 -13.55
C VAL D 185 -2.64 -32.90 -12.47
N GLU D 186 -2.30 -31.68 -12.88
CA GLU D 186 -1.85 -30.66 -11.95
C GLU D 186 -3.00 -29.85 -11.37
N THR D 187 -2.76 -29.33 -10.18
CA THR D 187 -3.73 -28.49 -9.50
C THR D 187 -2.95 -27.25 -9.06
N ASP D 188 -3.63 -26.15 -8.76
CA ASP D 188 -2.91 -24.93 -8.36
C ASP D 188 -2.18 -25.08 -7.03
N GLU D 189 -2.85 -25.68 -6.05
CA GLU D 189 -2.24 -25.92 -4.75
C GLU D 189 -2.34 -27.43 -4.50
N LEU D 190 -1.38 -27.99 -3.77
CA LEU D 190 -1.40 -29.43 -3.50
C LEU D 190 -0.97 -29.76 -2.08
N ILE D 191 -1.83 -30.48 -1.38
CA ILE D 191 -1.56 -30.90 -0.02
C ILE D 191 -1.18 -32.40 -0.04
N VAL D 192 0.06 -32.70 0.28
CA VAL D 192 0.52 -34.09 0.36
C VAL D 192 0.41 -34.45 1.84
N SER D 193 -0.11 -35.65 2.12
CA SER D 193 -0.24 -36.13 3.50
C SER D 193 -0.03 -37.66 3.49
N ALA D 194 -0.03 -38.29 4.66
CA ALA D 194 0.19 -39.75 4.76
C ALA D 194 -1.08 -40.51 4.45
N VAL D 195 -2.21 -39.89 4.77
CA VAL D 195 -3.55 -40.41 4.53
C VAL D 195 -4.32 -39.18 3.99
N SER D 196 -5.01 -39.32 2.87
CA SER D 196 -5.74 -38.20 2.28
C SER D 196 -6.67 -37.49 3.26
N ASN D 197 -7.50 -38.27 3.94
CA ASN D 197 -8.42 -37.67 4.91
C ASN D 197 -7.65 -36.70 5.80
N TRP D 198 -6.45 -37.09 6.22
CA TRP D 198 -5.62 -36.27 7.09
C TRP D 198 -5.22 -34.96 6.41
N GLY D 199 -4.99 -35.01 5.10
CA GLY D 199 -4.63 -33.83 4.35
C GLY D 199 -5.77 -32.82 4.33
N ALA D 200 -6.98 -33.34 4.20
CA ALA D 200 -8.17 -32.50 4.20
C ALA D 200 -8.39 -31.92 5.60
N TYR D 201 -8.20 -32.73 6.63
CA TYR D 201 -8.37 -32.25 8.01
C TYR D 201 -7.34 -31.17 8.31
N GLY D 202 -6.15 -31.32 7.73
CA GLY D 202 -5.08 -30.35 7.94
C GLY D 202 -5.47 -29.02 7.34
N LEU D 203 -6.10 -29.06 6.16
CA LEU D 203 -6.56 -27.86 5.48
C LEU D 203 -7.56 -27.17 6.40
N VAL D 204 -8.55 -27.94 6.86
CA VAL D 204 -9.59 -27.41 7.75
C VAL D 204 -8.99 -26.89 9.04
N ALA D 205 -7.99 -27.59 9.57
CA ALA D 205 -7.35 -27.17 10.81
C ALA D 205 -6.58 -25.86 10.62
N GLN D 206 -5.82 -25.79 9.53
CA GLN D 206 -5.05 -24.59 9.21
C GLN D 206 -6.02 -23.43 8.98
N ALA D 207 -7.10 -23.67 8.23
CA ALA D 207 -8.08 -22.63 7.96
C ALA D 207 -8.72 -22.12 9.25
N SER D 208 -9.00 -23.03 10.17
CA SER D 208 -9.62 -22.69 11.45
C SER D 208 -8.80 -21.68 12.24
N ILE D 209 -7.49 -21.94 12.34
CA ILE D 209 -6.61 -21.05 13.07
C ILE D 209 -6.56 -19.71 12.33
N GLU D 210 -6.66 -19.79 11.01
CA GLU D 210 -6.61 -18.61 10.15
C GLU D 210 -7.85 -17.73 10.28
N VAL D 211 -8.93 -18.29 10.82
CA VAL D 211 -10.17 -17.55 10.97
C VAL D 211 -10.60 -17.42 12.44
N GLY D 212 -9.86 -18.07 13.32
CA GLY D 212 -10.17 -17.99 14.75
C GLY D 212 -11.33 -18.86 15.21
N ARG D 213 -11.72 -19.84 14.40
CA ARG D 213 -12.83 -20.73 14.74
C ARG D 213 -12.47 -22.19 14.45
N ASN D 214 -12.63 -23.06 15.43
CA ASN D 214 -12.35 -24.48 15.22
C ASN D 214 -13.39 -25.05 14.28
N LEU D 215 -13.04 -25.15 13.00
CA LEU D 215 -13.94 -25.67 11.99
C LEU D 215 -14.10 -27.19 12.01
N LEU D 216 -13.48 -27.85 12.99
CA LEU D 216 -13.59 -29.32 13.13
C LEU D 216 -14.52 -29.66 14.27
N GLU D 217 -15.09 -28.62 14.87
CA GLU D 217 -16.01 -28.77 15.99
C GLU D 217 -17.06 -29.85 15.72
N GLY D 218 -17.13 -30.84 16.61
CA GLY D 218 -18.11 -31.90 16.47
C GLY D 218 -17.80 -33.04 15.51
N TRP D 219 -16.64 -33.00 14.88
CA TRP D 219 -16.27 -34.05 13.95
C TRP D 219 -15.98 -35.36 14.70
N ASP D 220 -16.72 -36.40 14.36
CA ASP D 220 -16.58 -37.70 15.01
C ASP D 220 -15.91 -38.67 14.04
N GLU D 221 -14.59 -38.60 13.94
CA GLU D 221 -13.86 -39.47 13.03
C GLU D 221 -14.28 -40.94 13.15
N ARG D 222 -14.42 -41.41 14.38
CA ARG D 222 -14.79 -42.80 14.62
C ARG D 222 -16.13 -43.18 13.98
N ARG D 223 -17.15 -42.38 14.25
CA ARG D 223 -18.47 -42.66 13.69
C ARG D 223 -18.56 -42.45 12.18
N VAL D 224 -17.81 -41.50 11.65
CA VAL D 224 -17.84 -41.26 10.21
C VAL D 224 -17.27 -42.46 9.47
N ILE D 225 -16.10 -42.93 9.89
CA ILE D 225 -15.47 -44.08 9.25
C ILE D 225 -16.38 -45.31 9.29
N GLU D 226 -16.99 -45.54 10.43
CA GLU D 226 -17.89 -46.69 10.59
C GLU D 226 -19.10 -46.61 9.67
N ALA D 227 -19.70 -45.43 9.57
CA ALA D 227 -20.87 -45.24 8.72
C ALA D 227 -20.61 -45.54 7.24
N ILE D 228 -19.57 -44.94 6.66
CA ILE D 228 -19.30 -45.19 5.25
C ILE D 228 -18.83 -46.61 5.00
N SER D 229 -18.22 -47.24 5.99
CA SER D 229 -17.77 -48.61 5.83
C SER D 229 -19.02 -49.49 5.84
N SER D 230 -19.92 -49.22 6.78
CA SER D 230 -21.17 -49.97 6.88
C SER D 230 -21.95 -49.84 5.57
N ALA D 231 -21.80 -48.69 4.93
CA ALA D 231 -22.49 -48.40 3.67
C ALA D 231 -21.89 -49.13 2.48
N GLY D 232 -20.73 -49.78 2.68
CA GLY D 232 -20.11 -50.50 1.58
C GLY D 232 -18.76 -50.03 1.08
N LEU D 233 -18.27 -48.89 1.57
CA LEU D 233 -16.96 -48.40 1.12
C LEU D 233 -15.88 -49.22 1.83
N ILE D 234 -14.93 -49.73 1.05
CA ILE D 234 -13.85 -50.58 1.55
C ILE D 234 -12.56 -49.85 1.91
N ASP D 235 -11.67 -50.58 2.59
CA ASP D 235 -10.36 -50.07 2.97
C ASP D 235 -9.54 -50.21 1.69
N GLY D 236 -8.95 -49.11 1.24
CA GLY D 236 -8.17 -49.14 0.02
C GLY D 236 -6.92 -50.00 0.07
N VAL D 237 -6.47 -50.35 1.27
CA VAL D 237 -5.27 -51.16 1.41
C VAL D 237 -5.59 -52.64 1.63
N SER D 238 -6.42 -52.95 2.63
CA SER D 238 -6.79 -54.33 2.90
C SER D 238 -7.84 -54.79 1.91
N LYS D 239 -8.57 -53.84 1.34
CA LYS D 239 -9.60 -54.12 0.36
C LYS D 239 -10.74 -54.95 0.95
N THR D 240 -11.08 -54.66 2.20
CA THR D 240 -12.16 -55.36 2.90
C THR D 240 -13.05 -54.32 3.57
N LEU D 241 -14.24 -54.72 4.00
CA LEU D 241 -15.16 -53.80 4.65
C LEU D 241 -14.86 -53.58 6.13
N ALA D 242 -13.59 -53.38 6.43
CA ALA D 242 -13.15 -53.14 7.81
C ALA D 242 -13.28 -51.64 8.08
N PRO D 243 -13.73 -51.26 9.29
CA PRO D 243 -13.90 -49.85 9.65
C PRO D 243 -12.54 -49.21 9.88
N SER D 244 -11.77 -49.07 8.81
CA SER D 244 -10.44 -48.49 8.87
C SER D 244 -10.15 -47.74 7.58
N VAL D 245 -9.01 -47.06 7.54
CA VAL D 245 -8.61 -46.30 6.34
C VAL D 245 -7.15 -46.60 6.02
N ASP D 246 -6.92 -47.01 4.77
CA ASP D 246 -5.58 -47.34 4.27
C ASP D 246 -4.79 -48.31 5.15
N GLY D 247 -5.49 -49.20 5.84
CA GLY D 247 -4.81 -50.18 6.67
C GLY D 247 -4.53 -49.71 8.08
N ILE D 248 -4.88 -48.46 8.39
CA ILE D 248 -4.65 -47.93 9.72
C ILE D 248 -5.95 -48.00 10.52
N ARG D 249 -5.87 -48.44 11.77
CA ARG D 249 -7.05 -48.59 12.60
C ARG D 249 -7.74 -47.30 13.09
N LEU D 250 -9.03 -47.42 13.37
CA LEU D 250 -9.86 -46.31 13.84
C LEU D 250 -9.18 -45.46 14.88
N MET D 251 -8.64 -46.12 15.88
CA MET D 251 -7.96 -45.47 17.00
C MET D 251 -6.97 -44.38 16.58
N VAL D 252 -6.15 -44.68 15.58
CA VAL D 252 -5.16 -43.74 15.11
C VAL D 252 -5.79 -42.52 14.42
N HIS D 253 -6.70 -42.78 13.49
CA HIS D 253 -7.37 -41.70 12.78
C HIS D 253 -8.07 -40.77 13.77
N GLU D 254 -8.75 -41.34 14.75
CA GLU D 254 -9.42 -40.51 15.74
C GLU D 254 -8.36 -39.71 16.47
N GLY D 255 -7.25 -40.37 16.78
CA GLY D 255 -6.16 -39.71 17.48
C GLY D 255 -5.64 -38.47 16.79
N ILE D 256 -5.41 -38.57 15.49
CA ILE D 256 -4.89 -37.43 14.73
C ILE D 256 -5.88 -36.29 14.65
N VAL D 257 -7.15 -36.64 14.51
CA VAL D 257 -8.20 -35.63 14.43
C VAL D 257 -8.29 -34.87 15.75
N GLU D 258 -8.26 -35.61 16.85
CA GLU D 258 -8.33 -34.99 18.17
C GLU D 258 -7.12 -34.12 18.46
N LEU D 259 -5.95 -34.54 17.99
CA LEU D 259 -4.74 -33.76 18.20
C LEU D 259 -4.93 -32.45 17.44
N LEU D 260 -5.31 -32.55 16.17
CA LEU D 260 -5.53 -31.36 15.34
C LEU D 260 -6.53 -30.40 16.01
N LYS D 261 -7.54 -30.94 16.67
CA LYS D 261 -8.51 -30.09 17.35
C LYS D 261 -7.81 -29.36 18.50
N ALA D 262 -6.91 -30.06 19.18
CA ALA D 262 -6.17 -29.47 20.29
C ALA D 262 -5.23 -28.37 19.80
N VAL D 263 -4.53 -28.64 18.70
CA VAL D 263 -3.59 -27.67 18.13
C VAL D 263 -4.37 -26.41 17.76
N VAL D 264 -5.51 -26.59 17.09
CA VAL D 264 -6.35 -25.48 16.68
C VAL D 264 -6.86 -24.65 17.85
N ASP D 265 -7.48 -25.31 18.83
CA ASP D 265 -8.00 -24.59 20.00
C ASP D 265 -6.85 -23.86 20.69
N GLU D 266 -5.75 -24.58 20.89
CA GLU D 266 -4.57 -24.05 21.54
C GLU D 266 -4.09 -22.78 20.83
N ALA D 267 -4.21 -22.76 19.51
CA ALA D 267 -3.78 -21.62 18.71
C ALA D 267 -4.73 -20.43 18.74
N ILE D 268 -6.04 -20.69 18.75
CA ILE D 268 -7.02 -19.62 18.77
C ILE D 268 -7.14 -19.00 20.17
N LEU D 269 -6.03 -19.03 20.91
CA LEU D 269 -5.97 -18.49 22.27
C LEU D 269 -7.05 -19.09 23.16
N MET E 1 8.79 -43.87 12.43
CA MET E 1 7.91 -42.75 12.86
C MET E 1 8.57 -41.88 13.94
N ILE E 2 9.56 -42.44 14.63
CA ILE E 2 10.26 -41.70 15.69
C ILE E 2 11.04 -40.49 15.16
N ALA E 3 11.84 -40.71 14.12
CA ALA E 3 12.64 -39.63 13.54
C ALA E 3 11.75 -38.47 13.09
N HIS E 4 10.60 -38.80 12.50
CA HIS E 4 9.67 -37.78 12.04
C HIS E 4 9.06 -37.04 13.24
N LEU E 5 8.61 -37.79 14.24
CA LEU E 5 8.00 -37.23 15.44
C LEU E 5 8.86 -36.23 16.23
N ILE E 6 10.08 -36.63 16.57
CA ILE E 6 10.97 -35.77 17.34
C ILE E 6 11.42 -34.53 16.58
N ASN E 7 10.96 -34.37 15.35
CA ASN E 7 11.31 -33.19 14.56
C ASN E 7 10.10 -32.33 14.24
N THR E 8 9.04 -32.54 15.01
CA THR E 8 7.79 -31.81 14.87
C THR E 8 7.94 -30.31 15.14
N ASP E 9 7.48 -29.50 14.19
CA ASP E 9 7.51 -28.04 14.28
C ASP E 9 6.82 -27.54 15.53
N ILE E 10 7.43 -26.55 16.18
CA ILE E 10 6.85 -25.96 17.38
C ILE E 10 7.19 -24.47 17.41
N GLY E 11 6.44 -23.69 16.64
CA GLY E 11 6.67 -22.26 16.59
C GLY E 11 7.78 -21.79 15.69
N ASN E 12 8.26 -22.68 14.82
CA ASN E 12 9.36 -22.33 13.92
C ASN E 12 9.04 -22.72 12.48
N GLY E 14 12.90 -22.90 12.33
CA GLY E 14 13.38 -23.10 10.97
C GLY E 14 14.30 -24.31 10.88
N VAL E 15 14.46 -25.00 12.00
CA VAL E 15 15.31 -26.18 12.06
C VAL E 15 14.71 -27.30 11.22
N LEU E 16 13.39 -27.25 11.02
CA LEU E 16 12.70 -28.26 10.22
C LEU E 16 13.31 -28.34 8.83
N LYS E 17 13.76 -27.20 8.30
CA LYS E 17 14.37 -27.20 6.98
C LYS E 17 15.68 -27.99 6.98
N VAL E 18 16.39 -27.96 8.10
CA VAL E 18 17.63 -28.70 8.23
C VAL E 18 17.28 -30.19 8.26
N TYR E 19 16.31 -30.55 9.09
CA TYR E 19 15.83 -31.93 9.19
C TYR E 19 15.42 -32.46 7.83
N LEU E 20 14.64 -31.64 7.12
CA LEU E 20 14.14 -31.98 5.79
C LEU E 20 15.30 -32.33 4.86
N ASP E 21 16.30 -31.46 4.80
CA ASP E 21 17.46 -31.70 3.95
C ASP E 21 18.29 -32.88 4.44
N TYR E 22 18.45 -33.01 5.76
CA TYR E 22 19.24 -34.09 6.34
C TYR E 22 18.61 -35.46 6.14
N ARG E 23 17.31 -35.56 6.40
CA ARG E 23 16.58 -36.82 6.25
C ARG E 23 16.60 -37.34 4.81
N ARG E 24 16.46 -36.45 3.83
CA ARG E 24 16.45 -36.92 2.44
C ARG E 24 17.83 -37.34 1.95
N LYS E 25 18.87 -36.95 2.68
CA LYS E 25 20.24 -37.31 2.33
C LYS E 25 20.73 -38.52 3.13
N ASN E 26 20.23 -38.63 4.37
CA ASN E 26 20.59 -39.72 5.28
C ASN E 26 19.27 -40.16 5.91
N PHE E 27 18.44 -40.81 5.11
CA PHE E 27 17.11 -41.23 5.55
C PHE E 27 17.07 -42.06 6.83
N ASN E 28 18.08 -42.89 7.07
CA ASN E 28 18.09 -43.73 8.27
C ASN E 28 19.06 -43.24 9.34
N PHE E 29 19.14 -41.92 9.53
CA PHE E 29 20.07 -41.39 10.51
C PHE E 29 19.78 -41.83 11.96
N LEU E 30 18.50 -41.97 12.30
CA LEU E 30 18.19 -42.38 13.68
C LEU E 30 18.59 -43.85 13.88
N HIS E 31 18.24 -44.69 12.91
CA HIS E 31 18.57 -46.10 13.00
C HIS E 31 20.08 -46.34 13.02
N ASN E 32 20.81 -45.60 12.19
CA ASN E 32 22.26 -45.76 12.15
C ASN E 32 22.88 -45.30 13.47
N SER E 33 22.26 -44.30 14.11
CA SER E 33 22.77 -43.81 15.39
C SER E 33 22.55 -44.91 16.44
N THR E 34 21.36 -45.51 16.40
CA THR E 34 21.00 -46.57 17.32
C THR E 34 21.92 -47.77 17.22
N LYS E 35 22.33 -48.12 15.99
CA LYS E 35 23.22 -49.26 15.80
C LYS E 35 24.60 -48.97 16.39
N MET E 36 25.07 -47.74 16.23
CA MET E 36 26.38 -47.41 16.77
C MET E 36 26.32 -47.37 18.28
N PHE E 37 25.14 -47.03 18.78
CA PHE E 37 24.91 -46.96 20.22
C PHE E 37 24.95 -48.35 20.85
N LEU E 38 24.28 -49.30 20.21
CA LEU E 38 24.24 -50.67 20.70
C LEU E 38 25.54 -51.45 20.50
N ASP E 39 26.37 -50.99 19.57
CA ASP E 39 27.63 -51.67 19.28
C ASP E 39 28.80 -51.21 20.14
N ASN E 40 28.59 -50.20 20.97
CA ASN E 40 29.67 -49.68 21.79
C ASN E 40 29.21 -49.26 23.19
N LEU E 41 28.47 -50.12 23.87
CA LEU E 41 27.95 -49.82 25.21
C LEU E 41 28.89 -50.04 26.40
N GLU E 42 30.05 -50.67 26.19
CA GLU E 42 30.98 -50.96 27.29
C GLU E 42 31.15 -49.82 28.31
N ARG E 43 31.71 -48.70 27.86
CA ARG E 43 31.93 -47.55 28.73
C ARG E 43 31.63 -46.29 27.93
N VAL E 44 30.43 -45.75 28.14
CA VAL E 44 29.95 -44.58 27.41
C VAL E 44 30.14 -43.24 28.13
N LEU E 45 30.74 -42.29 27.43
CA LEU E 45 30.93 -40.94 27.96
C LEU E 45 29.80 -40.08 27.36
N ILE E 46 28.95 -39.52 28.22
CA ILE E 46 27.84 -38.67 27.77
C ILE E 46 28.15 -37.21 28.10
N VAL E 47 28.43 -36.42 27.06
CA VAL E 47 28.78 -35.01 27.25
C VAL E 47 27.60 -34.08 26.98
N THR E 48 27.31 -33.19 27.92
CA THR E 48 26.21 -32.24 27.78
C THR E 48 26.56 -30.89 28.41
N GLY E 49 25.59 -29.99 28.46
CA GLY E 49 25.82 -28.67 29.05
C GLY E 49 26.03 -27.59 28.00
N PHE E 50 25.17 -26.59 28.00
CA PHE E 50 25.29 -25.51 27.02
C PHE E 50 25.19 -24.12 27.69
N PRO E 51 26.27 -23.34 27.62
CA PRO E 51 26.34 -21.98 28.21
C PRO E 51 25.56 -20.97 27.37
N ILE E 52 24.49 -20.41 27.95
CA ILE E 52 23.66 -19.44 27.23
C ILE E 52 24.06 -17.99 27.48
N PRO E 53 24.69 -17.35 26.48
CA PRO E 53 25.09 -15.95 26.69
C PRO E 53 23.83 -15.15 27.04
N PRO E 54 24.00 -14.00 27.72
CA PRO E 54 25.29 -13.47 28.16
C PRO E 54 25.68 -13.99 29.55
N MET E 55 24.72 -14.59 30.24
CA MET E 55 24.95 -15.10 31.59
C MET E 55 25.86 -16.34 31.60
N MET E 56 26.07 -16.91 30.42
CA MET E 56 26.91 -18.11 30.28
C MET E 56 26.48 -19.21 31.25
N VAL E 57 25.17 -19.29 31.50
CA VAL E 57 24.61 -20.31 32.39
C VAL E 57 24.16 -21.49 31.53
N ALA E 58 24.04 -22.67 32.14
CA ALA E 58 23.61 -23.86 31.40
C ALA E 58 22.09 -23.99 31.36
N GLU E 59 21.57 -24.38 30.19
CA GLU E 59 20.13 -24.53 29.99
C GLU E 59 19.51 -25.88 30.35
N THR E 60 18.19 -25.95 30.15
CA THR E 60 17.42 -27.15 30.44
C THR E 60 17.36 -28.13 29.26
N ASP E 61 17.85 -27.73 28.10
CA ASP E 61 17.87 -28.64 26.97
C ASP E 61 19.25 -29.28 26.93
N GLY E 62 19.29 -30.62 26.94
CA GLY E 62 20.56 -31.33 26.92
C GLY E 62 20.66 -32.28 28.10
N PRO E 63 20.76 -31.75 29.32
CA PRO E 63 20.87 -32.60 30.51
C PRO E 63 19.82 -33.71 30.61
N PRO E 64 18.52 -33.38 30.47
CA PRO E 64 17.51 -34.45 30.57
C PRO E 64 17.77 -35.55 29.54
N GLY E 65 18.14 -35.15 28.33
CA GLY E 65 18.41 -36.13 27.30
C GLY E 65 19.60 -36.99 27.68
N ALA E 66 20.69 -36.34 28.10
CA ALA E 66 21.89 -37.05 28.51
C ALA E 66 21.57 -38.06 29.60
N LEU E 67 20.62 -37.72 30.46
CA LEU E 67 20.23 -38.60 31.56
C LEU E 67 19.41 -39.80 31.10
N ALA E 68 18.41 -39.55 30.27
CA ALA E 68 17.58 -40.65 29.78
C ALA E 68 18.49 -41.68 29.11
N ILE E 69 19.52 -41.20 28.42
CA ILE E 69 20.46 -42.10 27.76
C ILE E 69 21.31 -42.84 28.80
N TYR E 70 21.83 -42.10 29.78
CA TYR E 70 22.64 -42.68 30.84
C TYR E 70 21.94 -43.91 31.40
N ARG E 71 20.66 -43.75 31.76
CA ARG E 71 19.87 -44.87 32.29
C ARG E 71 19.87 -46.04 31.30
N ALA E 72 19.51 -45.76 30.05
CA ALA E 72 19.45 -46.79 29.02
C ALA E 72 20.75 -47.58 28.93
N VAL E 73 21.89 -46.89 28.99
CA VAL E 73 23.17 -47.56 28.92
C VAL E 73 23.31 -48.63 30.01
N GLU E 74 23.03 -48.26 31.26
CA GLU E 74 23.15 -49.19 32.38
C GLU E 74 22.10 -50.31 32.33
N MET E 75 20.91 -49.98 31.84
CA MET E 75 19.85 -50.98 31.73
C MET E 75 20.28 -52.10 30.78
N LEU E 76 21.10 -51.74 29.80
CA LEU E 76 21.59 -52.69 28.82
C LEU E 76 22.88 -53.39 29.27
N GLY E 77 23.28 -53.14 30.52
CA GLY E 77 24.48 -53.77 31.06
C GLY E 77 25.78 -53.03 30.79
N GLY E 78 25.70 -51.78 30.36
CA GLY E 78 26.92 -51.02 30.08
C GLY E 78 27.22 -49.96 31.14
N LYS E 79 28.37 -49.31 31.01
CA LYS E 79 28.79 -48.26 31.95
C LYS E 79 28.72 -46.90 31.30
N ALA E 80 28.30 -45.89 32.06
CA ALA E 80 28.19 -44.54 31.54
C ALA E 80 28.69 -43.48 32.52
N GLU E 81 29.30 -42.42 31.99
CA GLU E 81 29.80 -41.31 32.79
C GLU E 81 29.38 -40.02 32.09
N ILE E 82 29.19 -38.95 32.88
CA ILE E 82 28.77 -37.68 32.30
C ILE E 82 29.81 -36.57 32.45
N LEU E 83 30.10 -35.91 31.34
CA LEU E 83 31.03 -34.78 31.32
C LEU E 83 30.20 -33.54 31.05
N THR E 84 30.05 -32.68 32.06
CA THR E 84 29.27 -31.45 31.92
C THR E 84 29.84 -30.33 32.80
N TYR E 85 29.13 -29.20 32.85
CA TYR E 85 29.56 -28.06 33.65
C TYR E 85 29.10 -28.20 35.10
N SER E 86 29.72 -27.41 35.97
CA SER E 86 29.41 -27.44 37.39
C SER E 86 27.93 -27.41 37.74
N GLU E 87 27.22 -26.37 37.32
CA GLU E 87 25.79 -26.26 37.63
C GLU E 87 24.97 -27.45 37.17
N VAL E 88 25.34 -28.03 36.03
CA VAL E 88 24.63 -29.20 35.53
C VAL E 88 24.90 -30.35 36.50
N GLU E 89 26.17 -30.54 36.82
CA GLU E 89 26.57 -31.58 37.76
C GLU E 89 25.79 -31.45 39.07
N LYS E 90 25.87 -30.27 39.69
CA LYS E 90 25.16 -30.05 40.94
C LYS E 90 23.66 -29.96 40.73
N ALA E 91 23.20 -30.40 39.56
CA ALA E 91 21.78 -30.40 39.23
C ALA E 91 21.31 -31.83 39.01
N LEU E 92 22.22 -32.68 38.54
CA LEU E 92 21.92 -34.09 38.30
C LEU E 92 22.18 -34.93 39.54
N GLU E 93 22.92 -34.36 40.51
CA GLU E 93 23.24 -35.08 41.74
C GLU E 93 22.07 -35.89 42.30
N PRO E 94 20.85 -35.33 42.30
CA PRO E 94 19.68 -36.04 42.82
C PRO E 94 19.34 -37.32 42.05
N PHE E 95 20.07 -37.58 40.97
CA PHE E 95 19.83 -38.76 40.14
C PHE E 95 20.99 -39.76 40.20
N GLY E 96 22.04 -39.38 40.92
CA GLY E 96 23.18 -40.27 41.03
C GLY E 96 23.75 -40.61 39.66
N VAL E 97 24.82 -39.92 39.29
CA VAL E 97 25.45 -40.14 38.00
C VAL E 97 26.96 -40.11 38.12
N SER E 98 27.63 -41.01 37.40
CA SER E 98 29.08 -41.06 37.41
C SER E 98 29.59 -39.84 36.64
N LEU E 99 30.36 -39.00 37.32
CA LEU E 99 30.91 -37.81 36.69
C LEU E 99 32.31 -38.11 36.16
N ALA E 100 32.58 -37.70 34.93
CA ALA E 100 33.88 -37.93 34.31
C ALA E 100 34.98 -37.17 35.03
N ARG E 101 36.20 -37.72 34.97
CA ARG E 101 37.36 -37.11 35.60
C ARG E 101 38.57 -37.28 34.71
N THR E 102 39.15 -36.16 34.28
CA THR E 102 40.31 -36.18 33.40
C THR E 102 40.11 -37.30 32.39
N PRO E 103 39.00 -37.25 31.63
CA PRO E 103 38.71 -38.28 30.64
C PRO E 103 39.53 -38.22 29.36
N GLU E 104 39.93 -39.38 28.88
CA GLU E 104 40.68 -39.51 27.64
C GLU E 104 39.73 -40.23 26.70
N PRO E 105 39.74 -39.88 25.41
CA PRO E 105 38.84 -40.56 24.48
C PRO E 105 39.00 -42.09 24.47
N GLU E 106 40.24 -42.54 24.64
CA GLU E 106 40.53 -43.97 24.61
C GLU E 106 40.09 -44.76 25.84
N ASP E 107 39.44 -44.08 26.79
CA ASP E 107 38.94 -44.74 27.99
C ASP E 107 37.51 -45.19 27.77
N TYR E 108 36.88 -44.69 26.71
CA TYR E 108 35.49 -45.00 26.43
C TYR E 108 35.26 -45.77 25.14
N SER E 109 34.16 -46.51 25.11
CA SER E 109 33.77 -47.29 23.94
C SER E 109 32.95 -46.41 23.00
N LEU E 110 32.34 -45.37 23.57
CA LEU E 110 31.50 -44.47 22.80
C LEU E 110 31.37 -43.10 23.46
N ILE E 111 31.42 -42.04 22.67
CA ILE E 111 31.28 -40.69 23.20
C ILE E 111 30.07 -40.04 22.55
N ILE E 112 29.07 -39.70 23.37
CA ILE E 112 27.82 -39.09 22.90
C ILE E 112 27.67 -37.66 23.40
N SER E 113 27.16 -36.78 22.53
CA SER E 113 26.93 -35.39 22.91
C SER E 113 25.47 -34.99 22.71
N VAL E 114 24.86 -34.48 23.78
CA VAL E 114 23.47 -34.02 23.72
C VAL E 114 23.47 -32.52 24.03
N GLU E 115 23.25 -31.71 23.00
CA GLU E 115 23.19 -30.24 23.15
C GLU E 115 24.45 -29.65 23.78
N THR E 116 25.57 -29.77 23.09
CA THR E 116 26.84 -29.24 23.59
C THR E 116 27.44 -28.34 22.53
N PRO E 117 27.97 -27.18 22.93
CA PRO E 117 28.59 -26.21 22.01
C PRO E 117 29.76 -26.82 21.25
N GLY E 118 29.84 -26.55 19.95
CA GLY E 118 30.92 -27.06 19.14
C GLY E 118 31.65 -25.94 18.43
N ARG E 119 32.97 -26.06 18.31
CA ARG E 119 33.80 -25.05 17.63
C ARG E 119 33.15 -24.58 16.34
N ALA E 120 33.17 -23.26 16.10
CA ALA E 120 32.62 -22.71 14.87
C ALA E 120 33.73 -22.73 13.82
N ALA E 121 33.47 -22.21 12.63
CA ALA E 121 34.47 -22.21 11.57
C ALA E 121 35.66 -21.31 11.84
N ASP E 122 35.50 -20.41 12.81
CA ASP E 122 36.58 -19.49 13.16
C ASP E 122 37.28 -19.92 14.43
N GLY E 123 36.77 -20.96 15.07
CA GLY E 123 37.37 -21.46 16.29
C GLY E 123 36.68 -21.00 17.56
N ARG E 124 35.56 -20.29 17.41
CA ARG E 124 34.84 -19.80 18.57
C ARG E 124 33.53 -20.55 18.79
N TYR E 125 32.88 -20.26 19.90
CA TYR E 125 31.62 -20.90 20.27
C TYR E 125 30.50 -19.86 20.33
N TYR E 126 29.41 -20.11 19.60
CA TYR E 126 28.29 -19.17 19.56
C TYR E 126 26.93 -19.80 19.85
N SER E 127 26.06 -19.04 20.49
CA SER E 127 24.71 -19.52 20.76
C SER E 127 23.93 -19.29 19.48
N MET E 128 22.62 -19.52 19.51
CA MET E 128 21.80 -19.33 18.33
C MET E 128 21.65 -17.87 17.93
N SER E 129 21.96 -16.97 18.86
CA SER E 129 21.86 -15.54 18.62
C SER E 129 23.20 -14.97 18.15
N ALA E 130 24.12 -15.85 17.77
CA ALA E 130 25.44 -15.45 17.31
C ALA E 130 26.29 -14.81 18.41
N LEU E 131 25.84 -14.95 19.65
CA LEU E 131 26.57 -14.40 20.80
C LEU E 131 27.66 -15.38 21.22
N GLU E 132 28.90 -14.90 21.29
CA GLU E 132 30.03 -15.75 21.66
C GLU E 132 29.84 -16.32 23.07
N ILE E 133 30.20 -17.59 23.22
CA ILE E 133 30.09 -18.25 24.51
C ILE E 133 31.44 -18.14 25.21
N LYS E 134 31.43 -17.61 26.44
CA LYS E 134 32.67 -17.48 27.20
C LYS E 134 32.68 -18.51 28.31
N ARG E 135 33.29 -19.65 28.01
CA ARG E 135 33.39 -20.77 28.93
C ARG E 135 34.40 -21.75 28.38
N ASP E 136 34.97 -22.57 29.25
CA ASP E 136 35.93 -23.57 28.80
C ASP E 136 35.09 -24.56 27.98
N PRO E 137 35.57 -24.91 26.78
CA PRO E 137 34.85 -25.84 25.91
C PRO E 137 34.73 -27.27 26.44
N LEU E 138 33.98 -28.08 25.68
CA LEU E 138 33.75 -29.47 26.04
C LEU E 138 33.84 -30.35 24.81
N ASP E 139 34.06 -29.75 23.65
CA ASP E 139 34.13 -30.50 22.40
C ASP E 139 35.53 -31.02 22.09
N GLY E 140 36.50 -30.65 22.90
CA GLY E 140 37.87 -31.10 22.68
C GLY E 140 38.03 -32.61 22.54
N ILE E 141 37.42 -33.37 23.44
CA ILE E 141 37.56 -34.82 23.38
C ILE E 141 37.00 -35.44 22.10
N PHE E 142 36.02 -34.77 21.47
CA PHE E 142 35.43 -35.29 20.25
C PHE E 142 36.39 -35.24 19.06
N LEU E 143 37.15 -34.15 18.96
CA LEU E 143 38.09 -34.01 17.85
C LEU E 143 39.18 -35.09 17.95
N LYS E 144 39.51 -35.48 19.18
CA LYS E 144 40.53 -36.50 19.41
C LYS E 144 39.95 -37.87 19.08
N ALA E 145 38.77 -38.15 19.61
CA ALA E 145 38.09 -39.43 19.37
C ALA E 145 38.03 -39.70 17.87
N ARG E 146 37.58 -38.72 17.11
CA ARG E 146 37.49 -38.88 15.65
C ARG E 146 38.86 -39.22 15.09
N ALA E 147 39.89 -38.59 15.65
CA ALA E 147 41.27 -38.80 15.21
C ALA E 147 41.72 -40.24 15.48
N LEU E 148 41.33 -40.77 16.63
CA LEU E 148 41.70 -42.12 17.03
C LEU E 148 40.81 -43.21 16.42
N GLY E 149 39.67 -42.81 15.86
CA GLY E 149 38.77 -43.77 15.26
C GLY E 149 37.71 -44.25 16.22
N ILE E 150 37.58 -43.57 17.35
CA ILE E 150 36.59 -43.91 18.36
C ILE E 150 35.20 -43.43 17.91
N PRO E 151 34.15 -44.24 18.14
CA PRO E 151 32.76 -43.95 17.77
C PRO E 151 32.15 -42.76 18.51
N THR E 152 31.55 -41.84 17.75
CA THR E 152 30.90 -40.67 18.33
C THR E 152 29.50 -40.44 17.77
N ILE E 153 28.61 -39.98 18.64
CA ILE E 153 27.24 -39.69 18.27
C ILE E 153 26.89 -38.28 18.72
N GLY E 154 26.33 -37.50 17.81
CA GLY E 154 25.95 -36.14 18.15
C GLY E 154 24.45 -35.97 18.15
N VAL E 155 23.95 -35.12 19.04
CA VAL E 155 22.51 -34.84 19.13
C VAL E 155 22.29 -33.33 19.30
N GLY E 156 21.67 -32.70 18.31
CA GLY E 156 21.44 -31.27 18.39
C GLY E 156 20.21 -30.80 17.65
N ASP E 157 19.82 -29.55 17.89
CA ASP E 157 18.63 -29.01 17.22
C ASP E 157 18.82 -27.57 16.76
N GLY E 158 20.02 -27.03 16.93
CA GLY E 158 20.27 -25.65 16.54
C GLY E 158 21.19 -25.49 15.35
N GLY E 159 22.25 -26.29 15.29
CA GLY E 159 23.19 -26.20 14.20
C GLY E 159 24.56 -25.78 14.69
N ASN E 160 24.62 -25.39 15.96
CA ASN E 160 25.86 -24.97 16.59
C ASN E 160 26.35 -26.00 17.62
N GLU E 161 25.79 -27.20 17.57
CA GLU E 161 26.18 -28.24 18.52
C GLU E 161 27.22 -29.20 17.98
N ILE E 162 27.84 -29.93 18.90
CA ILE E 162 28.83 -30.93 18.52
C ILE E 162 28.11 -31.94 17.65
N GLY E 163 28.70 -32.24 16.50
CA GLY E 163 28.08 -33.19 15.59
C GLY E 163 27.54 -32.54 14.33
N MET E 164 27.11 -31.28 14.43
CA MET E 164 26.55 -30.57 13.27
C MET E 164 27.57 -30.35 12.17
N GLY E 165 28.85 -30.55 12.49
CA GLY E 165 29.88 -30.38 11.48
C GLY E 165 29.65 -31.34 10.32
N LYS E 166 28.88 -32.40 10.56
CA LYS E 166 28.59 -33.39 9.53
C LYS E 166 27.64 -32.86 8.46
N ILE E 167 26.84 -31.86 8.81
CA ILE E 167 25.88 -31.28 7.88
C ILE E 167 25.95 -29.75 7.86
N ARG E 168 27.12 -29.20 8.15
CA ARG E 168 27.28 -27.75 8.20
C ARG E 168 26.74 -27.01 6.98
N GLU E 169 26.89 -27.60 5.79
CA GLU E 169 26.42 -26.95 4.57
C GLU E 169 24.88 -26.95 4.45
N LEU E 170 24.22 -27.51 5.46
CA LEU E 170 22.77 -27.56 5.51
C LEU E 170 22.33 -26.53 6.53
N VAL E 171 23.16 -26.34 7.55
CA VAL E 171 22.90 -25.39 8.62
C VAL E 171 23.11 -23.96 8.14
N VAL E 172 24.13 -23.76 7.30
CA VAL E 172 24.44 -22.44 6.78
C VAL E 172 23.25 -21.79 6.07
N GLY E 173 22.68 -22.50 5.11
CA GLY E 173 21.55 -21.95 4.35
C GLY E 173 20.20 -21.85 5.04
N HIS E 174 19.99 -22.60 6.13
CA HIS E 174 18.70 -22.55 6.81
C HIS E 174 18.68 -21.95 8.20
N VAL E 175 19.84 -21.59 8.74
CA VAL E 175 19.87 -21.02 10.08
C VAL E 175 20.45 -19.61 10.09
N PRO E 176 19.88 -18.73 10.94
CA PRO E 176 20.36 -17.33 11.05
C PRO E 176 21.80 -17.27 11.53
N HIS E 177 22.64 -16.55 10.79
CA HIS E 177 24.06 -16.41 11.12
C HIS E 177 24.74 -17.78 11.02
N GLY E 178 24.17 -18.64 10.18
CA GLY E 178 24.70 -19.98 9.99
C GLY E 178 26.21 -20.06 9.79
N GLU E 179 26.70 -19.47 8.70
CA GLU E 179 28.13 -19.48 8.38
C GLU E 179 29.00 -19.16 9.60
N LYS E 180 28.47 -18.35 10.51
CA LYS E 180 29.22 -17.96 11.69
C LYS E 180 29.03 -18.90 12.88
N ILE E 181 27.79 -19.27 13.15
CA ILE E 181 27.48 -20.13 14.29
C ILE E 181 27.61 -21.64 14.06
N ALA E 182 27.55 -22.07 12.80
CA ALA E 182 27.64 -23.49 12.48
C ALA E 182 28.89 -24.17 13.02
N SER E 183 28.70 -25.24 13.77
CA SER E 183 29.81 -25.99 14.35
C SER E 183 30.49 -26.81 13.26
N VAL E 184 31.81 -26.93 13.35
CA VAL E 184 32.57 -27.69 12.37
C VAL E 184 32.93 -29.07 12.92
N VAL E 185 32.52 -29.35 14.15
CA VAL E 185 32.80 -30.63 14.79
C VAL E 185 31.91 -31.75 14.30
N GLU E 186 32.52 -32.72 13.61
CA GLU E 186 31.79 -33.88 13.09
C GLU E 186 31.73 -35.02 14.11
N THR E 187 30.75 -35.89 13.92
CA THR E 187 30.59 -37.08 14.74
C THR E 187 30.26 -38.13 13.68
N ASP E 188 30.47 -39.40 14.01
CA ASP E 188 30.18 -40.45 13.04
C ASP E 188 28.70 -40.45 12.72
N GLU E 189 27.86 -40.37 13.75
CA GLU E 189 26.41 -40.36 13.57
C GLU E 189 25.82 -39.07 14.14
N LEU E 190 24.69 -38.62 13.60
CA LEU E 190 24.06 -37.40 14.06
C LEU E 190 22.53 -37.46 14.07
N ILE E 191 21.95 -37.11 15.21
CA ILE E 191 20.51 -37.08 15.35
C ILE E 191 20.05 -35.62 15.41
N VAL E 192 19.25 -35.22 14.43
CA VAL E 192 18.69 -33.88 14.38
C VAL E 192 17.28 -34.02 14.93
N SER E 193 16.88 -33.08 15.78
CA SER E 193 15.54 -33.10 16.38
C SER E 193 15.10 -31.65 16.62
N ALA E 194 13.83 -31.44 16.93
CA ALA E 194 13.31 -30.09 17.16
C ALA E 194 13.80 -29.55 18.50
N VAL E 195 14.07 -30.47 19.42
CA VAL E 195 14.57 -30.15 20.75
C VAL E 195 15.60 -31.25 21.06
N SER E 196 16.78 -30.85 21.52
CA SER E 196 17.82 -31.83 21.81
C SER E 196 17.37 -32.95 22.73
N ASN E 197 16.61 -32.62 23.76
CA ASN E 197 16.12 -33.65 24.66
C ASN E 197 15.35 -34.71 23.88
N TRP E 198 14.53 -34.27 22.93
CA TRP E 198 13.74 -35.19 22.11
C TRP E 198 14.64 -36.10 21.28
N GLY E 199 15.74 -35.55 20.79
CA GLY E 199 16.65 -36.35 20.00
C GLY E 199 17.20 -37.50 20.83
N ALA E 200 17.44 -37.23 22.12
CA ALA E 200 17.96 -38.23 23.04
C ALA E 200 16.93 -39.31 23.30
N TYR E 201 15.70 -38.90 23.62
CA TYR E 201 14.62 -39.84 23.88
C TYR E 201 14.33 -40.67 22.62
N GLY E 202 14.56 -40.06 21.47
CA GLY E 202 14.32 -40.77 20.22
C GLY E 202 15.32 -41.91 20.08
N LEU E 203 16.57 -41.63 20.46
CA LEU E 203 17.63 -42.62 20.40
C LEU E 203 17.26 -43.78 21.31
N VAL E 204 16.89 -43.45 22.55
CA VAL E 204 16.52 -44.46 23.53
C VAL E 204 15.28 -45.26 23.11
N ALA E 205 14.28 -44.57 22.56
CA ALA E 205 13.06 -45.23 22.12
C ALA E 205 13.35 -46.21 20.98
N GLN E 206 14.17 -45.78 20.02
CA GLN E 206 14.54 -46.62 18.90
C GLN E 206 15.34 -47.82 19.40
N ALA E 207 16.32 -47.55 20.25
CA ALA E 207 17.16 -48.61 20.82
C ALA E 207 16.26 -49.62 21.51
N SER E 208 15.22 -49.12 22.18
CA SER E 208 14.28 -49.97 22.88
C SER E 208 13.62 -50.96 21.93
N ILE E 209 13.13 -50.44 20.81
CA ILE E 209 12.47 -51.26 19.81
C ILE E 209 13.42 -52.32 19.24
N GLU E 210 14.64 -51.90 18.91
CA GLU E 210 15.62 -52.81 18.35
C GLU E 210 16.10 -53.83 19.38
N VAL E 211 15.74 -53.61 20.64
CA VAL E 211 16.13 -54.50 21.74
C VAL E 211 14.93 -55.30 22.27
N GLY E 212 13.73 -54.76 22.09
CA GLY E 212 12.53 -55.43 22.55
C GLY E 212 12.24 -55.13 24.01
N ARG E 213 12.83 -54.05 24.51
CA ARG E 213 12.64 -53.64 25.89
C ARG E 213 12.49 -52.12 25.95
N ASN E 214 11.46 -51.66 26.65
CA ASN E 214 11.19 -50.23 26.79
C ASN E 214 12.20 -49.58 27.74
N LEU E 215 13.26 -49.00 27.17
CA LEU E 215 14.30 -48.35 27.96
C LEU E 215 13.95 -46.95 28.47
N LEU E 216 12.71 -46.51 28.23
CA LEU E 216 12.26 -45.19 28.66
C LEU E 216 11.39 -45.28 29.91
N GLU E 217 10.98 -46.50 30.25
CA GLU E 217 10.14 -46.71 31.42
C GLU E 217 10.68 -46.00 32.65
N GLY E 218 9.76 -45.47 33.46
CA GLY E 218 10.16 -44.78 34.66
C GLY E 218 10.61 -43.36 34.39
N TRP E 219 10.60 -42.96 33.13
CA TRP E 219 11.02 -41.60 32.80
C TRP E 219 9.90 -40.58 33.01
N ASP E 220 10.09 -39.74 34.01
CA ASP E 220 9.13 -38.70 34.36
C ASP E 220 9.72 -37.38 33.87
N GLU E 221 9.17 -36.88 32.76
CA GLU E 221 9.66 -35.63 32.17
C GLU E 221 9.43 -34.41 33.05
N ARG E 222 8.20 -34.22 33.52
CA ARG E 222 7.87 -33.08 34.35
C ARG E 222 8.79 -32.96 35.57
N ARG E 223 9.02 -34.08 36.24
CA ARG E 223 9.87 -34.09 37.43
C ARG E 223 11.34 -33.74 37.17
N VAL E 224 11.95 -34.41 36.20
CA VAL E 224 13.35 -34.14 35.87
C VAL E 224 13.58 -32.67 35.58
N ILE E 225 12.72 -32.08 34.75
CA ILE E 225 12.85 -30.67 34.40
C ILE E 225 12.68 -29.77 35.63
N GLU E 226 11.71 -30.10 36.48
CA GLU E 226 11.45 -29.34 37.70
C GLU E 226 12.72 -29.27 38.54
N ALA E 227 13.28 -30.45 38.81
CA ALA E 227 14.50 -30.56 39.62
C ALA E 227 15.67 -29.81 39.02
N ILE E 228 15.93 -30.05 37.74
CA ILE E 228 17.03 -29.38 37.06
C ILE E 228 16.83 -27.87 37.00
N SER E 229 15.57 -27.45 36.85
CA SER E 229 15.26 -26.03 36.78
C SER E 229 15.41 -25.38 38.15
N SER E 230 15.10 -26.14 39.20
CA SER E 230 15.22 -25.64 40.56
C SER E 230 16.67 -25.60 41.00
N ALA E 231 17.54 -26.19 40.19
CA ALA E 231 18.97 -26.22 40.49
C ALA E 231 19.71 -25.06 39.84
N GLY E 232 18.97 -24.21 39.13
CA GLY E 232 19.60 -23.06 38.50
C GLY E 232 19.77 -23.11 36.99
N LEU E 233 19.38 -24.21 36.37
CA LEU E 233 19.51 -24.30 34.91
C LEU E 233 18.34 -23.57 34.26
N ILE E 234 18.68 -22.61 33.41
CA ILE E 234 17.69 -21.77 32.73
C ILE E 234 17.20 -22.30 31.39
N ASP E 235 16.16 -21.65 30.88
CA ASP E 235 15.58 -22.00 29.59
C ASP E 235 16.53 -21.37 28.56
N GLY E 236 16.81 -22.08 27.48
CA GLY E 236 17.72 -21.55 26.48
C GLY E 236 17.15 -20.45 25.59
N VAL E 237 15.84 -20.29 25.64
CA VAL E 237 15.17 -19.29 24.82
C VAL E 237 14.72 -18.08 25.67
N SER E 238 13.94 -18.34 26.71
CA SER E 238 13.48 -17.25 27.58
C SER E 238 14.63 -16.80 28.47
N LYS E 239 15.68 -17.61 28.52
CA LYS E 239 16.87 -17.33 29.32
C LYS E 239 16.53 -17.08 30.79
N THR E 240 15.34 -17.55 31.19
CA THR E 240 14.89 -17.37 32.56
C THR E 240 14.77 -18.73 33.23
N LEU E 241 14.71 -18.74 34.56
CA LEU E 241 14.57 -19.99 35.30
C LEU E 241 13.13 -20.46 35.23
N ALA E 242 12.66 -20.70 34.01
CA ALA E 242 11.31 -21.18 33.79
C ALA E 242 11.31 -22.71 33.78
N PRO E 243 10.22 -23.34 34.25
CA PRO E 243 10.13 -24.80 34.29
C PRO E 243 9.90 -25.38 32.89
N SER E 244 10.67 -24.91 31.93
CA SER E 244 10.55 -25.36 30.54
C SER E 244 11.90 -25.48 29.85
N VAL E 245 11.86 -25.83 28.57
CA VAL E 245 13.07 -25.98 27.77
C VAL E 245 12.76 -25.49 26.36
N ASP E 246 13.65 -24.63 25.84
CA ASP E 246 13.49 -24.04 24.52
C ASP E 246 12.14 -23.36 24.34
N GLY E 247 11.74 -22.58 25.35
CA GLY E 247 10.47 -21.89 25.30
C GLY E 247 9.30 -22.77 24.91
N ILE E 248 9.24 -23.96 25.48
CA ILE E 248 8.15 -24.91 25.20
C ILE E 248 7.64 -25.48 26.51
N ARG E 249 6.36 -25.24 26.81
CA ARG E 249 5.77 -25.71 28.06
C ARG E 249 5.94 -27.21 28.30
N LEU E 250 6.04 -27.56 29.58
CA LEU E 250 6.22 -28.93 30.02
C LEU E 250 5.17 -29.92 29.52
N MET E 251 3.98 -29.42 29.19
CA MET E 251 2.92 -30.31 28.70
C MET E 251 3.32 -30.95 27.38
N VAL E 252 3.97 -30.17 26.52
CA VAL E 252 4.41 -30.65 25.22
C VAL E 252 5.48 -31.72 25.38
N HIS E 253 6.46 -31.45 26.23
CA HIS E 253 7.55 -32.39 26.47
C HIS E 253 7.02 -33.68 27.08
N GLU E 254 6.13 -33.56 28.07
CA GLU E 254 5.56 -34.74 28.69
C GLU E 254 4.83 -35.55 27.63
N GLY E 255 4.15 -34.84 26.73
CA GLY E 255 3.42 -35.50 25.66
C GLY E 255 4.31 -36.28 24.73
N ILE E 256 5.42 -35.66 24.33
CA ILE E 256 6.38 -36.31 23.44
C ILE E 256 6.83 -37.61 24.10
N VAL E 257 7.28 -37.52 25.35
CA VAL E 257 7.75 -38.69 26.07
C VAL E 257 6.69 -39.78 26.14
N GLU E 258 5.45 -39.40 26.48
CA GLU E 258 4.37 -40.38 26.55
C GLU E 258 4.21 -41.07 25.20
N LEU E 259 4.06 -40.27 24.15
CA LEU E 259 3.90 -40.80 22.80
C LEU E 259 5.03 -41.76 22.43
N LEU E 260 6.27 -41.37 22.73
CA LEU E 260 7.41 -42.23 22.43
C LEU E 260 7.27 -43.57 23.16
N LYS E 261 6.91 -43.52 24.45
CA LYS E 261 6.73 -44.75 25.21
C LYS E 261 5.66 -45.61 24.56
N ALA E 262 4.61 -44.96 24.05
CA ALA E 262 3.51 -45.62 23.39
C ALA E 262 3.98 -46.34 22.13
N VAL E 263 4.76 -45.63 21.32
CA VAL E 263 5.29 -46.21 20.09
C VAL E 263 6.18 -47.41 20.39
N VAL E 264 6.93 -47.30 21.49
CA VAL E 264 7.83 -48.38 21.89
C VAL E 264 7.07 -49.64 22.27
N ASP E 265 6.09 -49.50 23.15
CA ASP E 265 5.30 -50.64 23.58
C ASP E 265 4.63 -51.34 22.39
N GLU E 266 4.03 -50.54 21.50
CA GLU E 266 3.36 -51.06 20.32
C GLU E 266 4.24 -51.94 19.44
N ALA E 267 5.46 -51.49 19.16
CA ALA E 267 6.38 -52.25 18.31
C ALA E 267 6.97 -53.46 19.03
N ILE E 268 7.16 -53.32 20.34
CA ILE E 268 7.72 -54.40 21.15
C ILE E 268 6.76 -55.60 21.21
N LEU E 269 5.51 -55.36 20.79
CA LEU E 269 4.46 -56.39 20.80
C LEU E 269 3.81 -56.44 22.17
N MET F 1 -11.92 -0.12 -6.08
CA MET F 1 -10.96 -0.71 -5.11
C MET F 1 -9.48 -0.60 -5.54
N ILE F 2 -8.60 -0.63 -4.54
CA ILE F 2 -7.16 -0.49 -4.72
C ILE F 2 -6.45 -1.45 -5.69
N ALA F 3 -6.46 -2.74 -5.38
CA ALA F 3 -5.79 -3.73 -6.24
C ALA F 3 -6.16 -3.53 -7.69
N HIS F 4 -7.43 -3.22 -7.93
CA HIS F 4 -7.94 -3.02 -9.27
C HIS F 4 -7.44 -1.71 -9.89
N LEU F 5 -7.39 -0.68 -9.06
CA LEU F 5 -6.96 0.65 -9.49
C LEU F 5 -5.50 0.68 -9.96
N ILE F 6 -4.62 0.00 -9.23
CA ILE F 6 -3.21 -0.02 -9.58
C ILE F 6 -2.93 -0.85 -10.83
N ASN F 7 -3.98 -1.46 -11.37
CA ASN F 7 -3.88 -2.26 -12.59
C ASN F 7 -4.73 -1.63 -13.70
N THR F 8 -4.91 -0.31 -13.61
CA THR F 8 -5.68 0.43 -14.60
C THR F 8 -5.18 0.17 -16.01
N ASP F 9 -6.11 -0.07 -16.93
CA ASP F 9 -5.80 -0.35 -18.33
C ASP F 9 -4.88 0.74 -18.88
N ILE F 10 -3.63 0.38 -19.13
CA ILE F 10 -2.65 1.34 -19.62
C ILE F 10 -2.05 1.05 -20.99
N GLY F 11 -2.56 0.03 -21.68
CA GLY F 11 -2.02 -0.29 -22.98
C GLY F 11 -1.26 -1.61 -23.07
N ASN F 12 -0.94 -2.19 -21.92
CA ASN F 12 -0.21 -3.46 -21.91
C ASN F 12 -1.20 -4.60 -21.70
N ARG F 13 -1.76 -5.11 -22.79
CA ARG F 13 -2.74 -6.19 -22.73
C ARG F 13 -2.22 -7.45 -22.05
N GLY F 14 -0.95 -7.74 -22.27
CA GLY F 14 -0.35 -8.93 -21.68
C GLY F 14 -0.39 -8.92 -20.17
N VAL F 15 0.11 -7.84 -19.57
CA VAL F 15 0.12 -7.73 -18.12
C VAL F 15 -1.29 -7.54 -17.56
N LEU F 16 -2.19 -6.94 -18.34
CA LEU F 16 -3.55 -6.78 -17.88
C LEU F 16 -4.13 -8.17 -17.75
N LYS F 17 -3.84 -9.01 -18.73
CA LYS F 17 -4.33 -10.39 -18.75
C LYS F 17 -3.76 -11.17 -17.56
N VAL F 18 -2.50 -10.91 -17.22
CA VAL F 18 -1.88 -11.58 -16.08
C VAL F 18 -2.66 -11.17 -14.82
N TYR F 19 -2.91 -9.87 -14.67
CA TYR F 19 -3.64 -9.37 -13.52
C TYR F 19 -4.99 -10.08 -13.39
N LEU F 20 -5.71 -10.16 -14.49
CA LEU F 20 -7.03 -10.80 -14.52
C LEU F 20 -6.98 -12.27 -14.08
N ASP F 21 -6.04 -13.04 -14.61
CA ASP F 21 -5.93 -14.46 -14.24
C ASP F 21 -5.47 -14.57 -12.79
N TYR F 22 -4.52 -13.75 -12.40
CA TYR F 22 -3.99 -13.78 -11.03
C TYR F 22 -5.07 -13.42 -10.01
N ARG F 23 -5.85 -12.38 -10.29
CA ARG F 23 -6.91 -11.95 -9.40
C ARG F 23 -7.99 -13.02 -9.25
N ARG F 24 -8.27 -13.72 -10.35
CA ARG F 24 -9.28 -14.76 -10.31
C ARG F 24 -8.90 -15.86 -9.29
N LYS F 25 -7.63 -16.26 -9.29
CA LYS F 25 -7.13 -17.28 -8.39
C LYS F 25 -6.84 -16.79 -6.97
N ASN F 26 -6.32 -15.56 -6.86
CA ASN F 26 -5.97 -14.96 -5.58
C ASN F 26 -6.58 -13.56 -5.50
N PHE F 27 -7.90 -13.51 -5.36
CA PHE F 27 -8.62 -12.25 -5.30
C PHE F 27 -8.08 -11.27 -4.26
N ASN F 28 -7.61 -11.79 -3.13
CA ASN F 28 -7.10 -10.90 -2.11
C ASN F 28 -5.58 -10.82 -1.98
N PHE F 29 -4.88 -10.87 -3.10
CA PHE F 29 -3.42 -10.79 -3.06
C PHE F 29 -2.94 -9.48 -2.42
N LEU F 30 -3.66 -8.38 -2.66
CA LEU F 30 -3.22 -7.11 -2.06
C LEU F 30 -3.39 -7.16 -0.54
N HIS F 31 -4.54 -7.62 -0.06
CA HIS F 31 -4.76 -7.70 1.37
C HIS F 31 -3.78 -8.69 2.03
N ASN F 32 -3.49 -9.80 1.36
CA ASN F 32 -2.56 -10.77 1.94
C ASN F 32 -1.16 -10.19 2.03
N SER F 33 -0.77 -9.40 1.03
CA SER F 33 0.55 -8.75 1.04
C SER F 33 0.58 -7.70 2.16
N THR F 34 -0.52 -6.95 2.29
CA THR F 34 -0.61 -5.93 3.31
C THR F 34 -0.54 -6.53 4.71
N LYS F 35 -1.16 -7.70 4.89
CA LYS F 35 -1.11 -8.33 6.20
C LYS F 35 0.34 -8.70 6.54
N MET F 36 1.07 -9.25 5.58
CA MET F 36 2.46 -9.62 5.82
C MET F 36 3.31 -8.39 6.13
N PHE F 37 3.05 -7.30 5.40
CA PHE F 37 3.77 -6.04 5.59
C PHE F 37 3.57 -5.50 7.01
N LEU F 38 2.31 -5.35 7.40
CA LEU F 38 1.98 -4.82 8.74
C LEU F 38 2.47 -5.67 9.91
N ASP F 39 2.54 -6.98 9.70
CA ASP F 39 2.99 -7.89 10.76
C ASP F 39 4.51 -7.99 10.92
N ASN F 40 5.26 -7.42 9.96
CA ASN F 40 6.72 -7.53 10.02
C ASN F 40 7.45 -6.23 9.73
N LEU F 41 7.03 -5.16 10.40
CA LEU F 41 7.60 -3.82 10.22
C LEU F 41 8.90 -3.49 10.96
N GLU F 42 9.28 -4.32 11.93
CA GLU F 42 10.49 -4.09 12.74
C GLU F 42 11.70 -3.53 11.98
N ARG F 43 12.13 -4.22 10.93
CA ARG F 43 13.27 -3.78 10.14
C ARG F 43 13.09 -4.30 8.72
N VAL F 44 12.66 -3.43 7.83
CA VAL F 44 12.39 -3.82 6.44
C VAL F 44 13.48 -3.46 5.45
N LEU F 45 13.87 -4.45 4.64
CA LEU F 45 14.87 -4.25 3.61
C LEU F 45 14.06 -4.09 2.33
N ILE F 46 14.20 -2.94 1.66
CA ILE F 46 13.49 -2.68 0.42
C ILE F 46 14.51 -2.72 -0.71
N VAL F 47 14.29 -3.60 -1.69
CA VAL F 47 15.21 -3.74 -2.81
C VAL F 47 14.57 -3.24 -4.09
N THR F 48 15.31 -2.46 -4.86
CA THR F 48 14.79 -1.91 -6.11
C THR F 48 15.97 -1.60 -7.00
N GLY F 49 15.70 -1.22 -8.24
CA GLY F 49 16.75 -0.91 -9.18
C GLY F 49 16.71 -1.88 -10.35
N PHE F 50 16.51 -1.37 -11.55
CA PHE F 50 16.40 -2.23 -12.73
C PHE F 50 17.23 -1.64 -13.87
N PRO F 51 18.40 -2.24 -14.16
CA PRO F 51 19.25 -1.74 -15.24
C PRO F 51 18.58 -2.02 -16.60
N ILE F 52 18.47 -0.99 -17.42
CA ILE F 52 17.84 -1.12 -18.73
C ILE F 52 18.86 -1.23 -19.84
N PRO F 53 18.88 -2.37 -20.55
CA PRO F 53 19.84 -2.56 -21.65
C PRO F 53 19.45 -1.64 -22.80
N PRO F 54 20.44 -1.24 -23.64
CA PRO F 54 21.85 -1.61 -23.54
C PRO F 54 22.69 -0.78 -22.59
N MET F 55 22.19 0.38 -22.19
CA MET F 55 22.94 1.26 -21.29
C MET F 55 23.18 0.65 -19.92
N MET F 56 22.28 -0.24 -19.51
CA MET F 56 22.40 -0.89 -18.20
C MET F 56 22.24 0.12 -17.06
N VAL F 57 21.56 1.23 -17.32
CA VAL F 57 21.30 2.28 -16.31
C VAL F 57 19.94 2.05 -15.67
N ALA F 58 19.84 2.21 -14.35
CA ALA F 58 18.55 2.00 -13.69
C ALA F 58 17.49 2.99 -14.17
N GLU F 59 16.23 2.57 -14.07
CA GLU F 59 15.08 3.37 -14.51
C GLU F 59 14.27 4.03 -13.41
N THR F 60 13.22 4.74 -13.85
CA THR F 60 12.34 5.47 -12.94
C THR F 60 11.24 4.62 -12.32
N ASP F 61 10.99 3.44 -12.85
CA ASP F 61 9.97 2.61 -12.21
C ASP F 61 10.67 1.79 -11.14
N GLY F 62 10.15 1.85 -9.93
CA GLY F 62 10.74 1.12 -8.83
C GLY F 62 11.12 2.00 -7.66
N PRO F 63 12.14 2.86 -7.82
CA PRO F 63 12.57 3.74 -6.73
C PRO F 63 11.45 4.58 -6.09
N PRO F 64 10.57 5.19 -6.90
CA PRO F 64 9.50 5.98 -6.28
C PRO F 64 8.65 5.09 -5.36
N GLY F 65 8.22 3.94 -5.88
CA GLY F 65 7.42 3.04 -5.07
C GLY F 65 8.19 2.60 -3.84
N ALA F 66 9.47 2.31 -4.02
CA ALA F 66 10.33 1.90 -2.92
C ALA F 66 10.38 3.01 -1.86
N LEU F 67 10.44 4.26 -2.30
CA LEU F 67 10.50 5.37 -1.36
C LEU F 67 9.18 5.51 -0.62
N ALA F 68 8.06 5.32 -1.31
CA ALA F 68 6.75 5.43 -0.67
C ALA F 68 6.58 4.39 0.42
N ILE F 69 7.06 3.17 0.15
CA ILE F 69 6.97 2.11 1.14
C ILE F 69 7.89 2.46 2.31
N TYR F 70 9.11 2.90 1.99
CA TYR F 70 10.09 3.28 2.99
C TYR F 70 9.47 4.29 3.96
N ARG F 71 8.86 5.31 3.38
CA ARG F 71 8.21 6.38 4.13
C ARG F 71 7.12 5.82 5.05
N ALA F 72 6.29 4.94 4.52
CA ALA F 72 5.21 4.32 5.28
C ALA F 72 5.70 3.49 6.46
N VAL F 73 6.79 2.74 6.25
CA VAL F 73 7.35 1.91 7.32
C VAL F 73 7.76 2.82 8.48
N GLU F 74 8.57 3.82 8.16
CA GLU F 74 9.05 4.76 9.15
C GLU F 74 7.90 5.46 9.87
N MET F 75 6.88 5.88 9.13
CA MET F 75 5.73 6.54 9.73
C MET F 75 5.00 5.60 10.68
N LEU F 76 5.07 4.31 10.38
CA LEU F 76 4.42 3.31 11.20
C LEU F 76 5.24 2.90 12.44
N GLY F 77 6.40 3.53 12.60
CA GLY F 77 7.23 3.26 13.76
C GLY F 77 8.29 2.18 13.57
N GLY F 78 8.46 1.72 12.33
CA GLY F 78 9.45 0.71 12.06
C GLY F 78 10.73 1.30 11.50
N LYS F 79 11.63 0.43 11.03
CA LYS F 79 12.89 0.87 10.44
C LYS F 79 12.99 0.27 9.05
N ALA F 80 13.47 1.04 8.10
CA ALA F 80 13.61 0.55 6.73
C ALA F 80 14.95 0.95 6.13
N GLU F 81 15.42 0.12 5.21
CA GLU F 81 16.69 0.36 4.52
C GLU F 81 16.48 -0.03 3.08
N ILE F 82 17.26 0.56 2.19
CA ILE F 82 17.15 0.26 0.78
C ILE F 82 18.43 -0.34 0.23
N LEU F 83 18.27 -1.37 -0.59
CA LEU F 83 19.39 -2.04 -1.23
C LEU F 83 19.13 -1.75 -2.70
N THR F 84 20.08 -1.12 -3.37
CA THR F 84 19.88 -0.79 -4.77
C THR F 84 21.20 -0.44 -5.44
N TYR F 85 21.14 -0.04 -6.70
CA TYR F 85 22.33 0.31 -7.45
C TYR F 85 22.81 1.74 -7.16
N SER F 86 24.11 1.97 -7.37
CA SER F 86 24.74 3.26 -7.15
C SER F 86 23.94 4.45 -7.65
N GLU F 87 23.60 4.45 -8.93
CA GLU F 87 22.85 5.57 -9.51
C GLU F 87 21.52 5.80 -8.80
N VAL F 88 20.91 4.73 -8.30
CA VAL F 88 19.63 4.85 -7.59
C VAL F 88 19.87 5.48 -6.22
N GLU F 89 20.97 5.09 -5.58
CA GLU F 89 21.31 5.66 -4.27
C GLU F 89 21.53 7.18 -4.39
N LYS F 90 22.22 7.60 -5.45
CA LYS F 90 22.49 9.02 -5.67
C LYS F 90 21.17 9.76 -5.89
N ALA F 91 20.32 9.21 -6.74
CA ALA F 91 19.03 9.81 -7.05
C ALA F 91 18.12 9.94 -5.84
N LEU F 92 18.31 9.09 -4.83
CA LEU F 92 17.47 9.13 -3.63
C LEU F 92 18.06 9.87 -2.46
N GLU F 93 19.32 10.27 -2.58
CA GLU F 93 20.02 10.96 -1.50
C GLU F 93 19.33 12.19 -0.90
N PRO F 94 18.66 13.00 -1.73
CA PRO F 94 17.99 14.17 -1.15
C PRO F 94 16.88 13.76 -0.19
N PHE F 95 16.40 12.54 -0.35
CA PHE F 95 15.32 12.04 0.49
C PHE F 95 15.76 11.42 1.81
N GLY F 96 17.06 11.37 2.02
CA GLY F 96 17.63 10.86 3.26
C GLY F 96 17.42 9.42 3.67
N VAL F 97 17.25 8.54 2.70
CA VAL F 97 17.02 7.13 2.99
C VAL F 97 18.23 6.39 3.57
N SER F 98 17.98 5.49 4.52
CA SER F 98 19.07 4.69 5.10
C SER F 98 19.41 3.63 4.08
N LEU F 99 20.67 3.58 3.67
CA LEU F 99 21.12 2.62 2.68
C LEU F 99 21.64 1.36 3.40
N ALA F 100 21.29 0.19 2.88
CA ALA F 100 21.74 -1.06 3.48
C ALA F 100 23.18 -1.35 3.08
N ARG F 101 23.96 -1.87 4.03
CA ARG F 101 25.34 -2.21 3.75
C ARG F 101 25.60 -3.66 4.19
N THR F 102 26.23 -4.44 3.32
CA THR F 102 26.52 -5.85 3.60
C THR F 102 25.29 -6.46 4.27
N PRO F 103 24.12 -6.31 3.64
CA PRO F 103 22.89 -6.86 4.23
C PRO F 103 22.80 -8.38 4.24
N GLU F 104 22.27 -8.91 5.32
CA GLU F 104 22.06 -10.33 5.47
C GLU F 104 20.57 -10.46 5.77
N PRO F 105 19.86 -11.31 5.02
CA PRO F 105 18.42 -11.49 5.22
C PRO F 105 17.95 -11.71 6.65
N GLU F 106 18.79 -12.33 7.49
CA GLU F 106 18.41 -12.60 8.87
C GLU F 106 18.29 -11.34 9.71
N ASP F 107 18.88 -10.24 9.23
CA ASP F 107 18.83 -8.98 9.95
C ASP F 107 17.49 -8.27 9.78
N TYR F 108 16.67 -8.76 8.86
CA TYR F 108 15.39 -8.12 8.57
C TYR F 108 14.15 -8.96 8.88
N SER F 109 13.08 -8.27 9.29
CA SER F 109 11.83 -8.95 9.60
C SER F 109 11.02 -9.08 8.31
N LEU F 110 11.50 -8.46 7.25
CA LEU F 110 10.79 -8.47 5.98
C LEU F 110 11.67 -7.93 4.86
N ILE F 111 11.59 -8.56 3.70
CA ILE F 111 12.36 -8.11 2.55
C ILE F 111 11.37 -7.87 1.40
N ILE F 112 11.38 -6.64 0.88
CA ILE F 112 10.46 -6.26 -0.19
C ILE F 112 11.21 -5.92 -1.46
N SER F 113 10.65 -6.32 -2.60
CA SER F 113 11.26 -6.00 -3.88
C SER F 113 10.29 -5.19 -4.70
N VAL F 114 10.77 -4.09 -5.29
CA VAL F 114 9.91 -3.28 -6.16
C VAL F 114 10.65 -3.09 -7.47
N GLU F 115 10.18 -3.76 -8.50
CA GLU F 115 10.78 -3.70 -9.83
C GLU F 115 12.28 -4.01 -9.83
N THR F 116 12.65 -5.21 -9.36
CA THR F 116 14.04 -5.65 -9.35
C THR F 116 14.14 -6.86 -10.28
N PRO F 117 15.15 -6.92 -11.15
CA PRO F 117 15.27 -8.07 -12.07
C PRO F 117 15.45 -9.40 -11.33
N GLY F 118 14.71 -10.42 -11.79
CA GLY F 118 14.81 -11.75 -11.20
C GLY F 118 15.29 -12.72 -12.26
N ARG F 119 16.17 -13.65 -11.89
CA ARG F 119 16.71 -14.60 -12.85
C ARG F 119 15.63 -15.41 -13.56
N ALA F 120 15.83 -15.65 -14.84
CA ALA F 120 14.89 -16.40 -15.66
C ALA F 120 15.15 -17.91 -15.58
N ALA F 121 14.56 -18.67 -16.49
CA ALA F 121 14.74 -20.12 -16.51
C ALA F 121 16.20 -20.48 -16.81
N ASP F 122 16.79 -19.81 -17.79
CA ASP F 122 18.17 -20.08 -18.17
C ASP F 122 19.19 -19.48 -17.19
N GLY F 123 18.70 -18.92 -16.08
CA GLY F 123 19.58 -18.33 -15.08
C GLY F 123 20.12 -16.95 -15.41
N ARG F 124 19.63 -16.37 -16.51
CA ARG F 124 20.07 -15.05 -16.91
C ARG F 124 18.97 -14.01 -16.66
N TYR F 125 19.30 -12.73 -16.79
CA TYR F 125 18.34 -11.65 -16.52
C TYR F 125 17.98 -10.90 -17.81
N TYR F 126 16.69 -10.65 -18.00
CA TYR F 126 16.23 -9.98 -19.21
C TYR F 126 15.27 -8.81 -19.03
N SER F 127 15.35 -7.85 -19.93
CA SER F 127 14.47 -6.69 -19.93
C SER F 127 13.20 -7.14 -20.65
N MET F 128 12.22 -6.25 -20.73
CA MET F 128 10.96 -6.57 -21.40
C MET F 128 11.11 -6.93 -22.86
N SER F 129 12.13 -6.39 -23.53
CA SER F 129 12.33 -6.70 -24.95
C SER F 129 13.25 -7.91 -25.12
N ALA F 130 13.55 -8.58 -24.02
CA ALA F 130 14.38 -9.77 -24.01
C ALA F 130 15.87 -9.50 -24.21
N LEU F 131 16.33 -8.32 -23.81
CA LEU F 131 17.73 -8.00 -23.91
C LEU F 131 18.32 -8.44 -22.56
N GLU F 132 19.52 -9.00 -22.57
CA GLU F 132 20.11 -9.45 -21.33
C GLU F 132 20.65 -8.29 -20.51
N ILE F 133 20.38 -8.34 -19.22
CA ILE F 133 20.83 -7.33 -18.29
C ILE F 133 22.26 -7.69 -17.86
N LYS F 134 23.21 -6.84 -18.19
CA LYS F 134 24.62 -7.09 -17.85
C LYS F 134 25.06 -6.29 -16.64
N ARG F 135 24.82 -6.85 -15.45
CA ARG F 135 25.19 -6.16 -14.23
C ARG F 135 24.97 -7.07 -13.04
N ASP F 136 25.67 -6.79 -11.95
CA ASP F 136 25.54 -7.59 -10.74
C ASP F 136 24.10 -7.57 -10.27
N PRO F 137 23.52 -8.77 -10.06
CA PRO F 137 22.14 -8.95 -9.62
C PRO F 137 21.86 -8.66 -8.16
N LEU F 138 20.58 -8.50 -7.86
CA LEU F 138 20.13 -8.21 -6.51
C LEU F 138 19.18 -9.29 -5.99
N ASP F 139 18.80 -10.25 -6.83
CA ASP F 139 17.87 -11.27 -6.37
C ASP F 139 18.45 -12.32 -5.40
N GLY F 140 19.77 -12.45 -5.38
CA GLY F 140 20.39 -13.42 -4.50
C GLY F 140 19.85 -13.44 -3.08
N ILE F 141 19.68 -12.26 -2.48
CA ILE F 141 19.18 -12.18 -1.11
C ILE F 141 17.78 -12.75 -0.91
N PHE F 142 17.00 -12.84 -1.98
CA PHE F 142 15.66 -13.41 -1.85
C PHE F 142 15.69 -14.94 -1.84
N LEU F 143 16.65 -15.52 -2.56
CA LEU F 143 16.80 -16.96 -2.59
C LEU F 143 17.21 -17.34 -1.17
N LYS F 144 18.09 -16.54 -0.61
CA LYS F 144 18.59 -16.74 0.75
C LYS F 144 17.46 -16.58 1.75
N ALA F 145 16.66 -15.52 1.57
CA ALA F 145 15.54 -15.26 2.47
C ALA F 145 14.53 -16.39 2.47
N ARG F 146 14.30 -16.95 1.28
CA ARG F 146 13.35 -18.03 1.14
C ARG F 146 13.84 -19.27 1.88
N ALA F 147 15.15 -19.48 1.87
CA ALA F 147 15.72 -20.64 2.56
C ALA F 147 15.72 -20.43 4.08
N LEU F 148 15.64 -19.18 4.51
CA LEU F 148 15.64 -18.87 5.93
C LEU F 148 14.24 -18.65 6.49
N GLY F 149 13.24 -18.69 5.62
CA GLY F 149 11.89 -18.47 6.07
C GLY F 149 11.58 -17.03 6.44
N ILE F 150 12.32 -16.09 5.86
CA ILE F 150 12.09 -14.67 6.13
C ILE F 150 11.03 -14.13 5.16
N PRO F 151 9.97 -13.50 5.69
CA PRO F 151 8.88 -12.96 4.86
C PRO F 151 9.36 -12.11 3.69
N THR F 152 8.81 -12.37 2.50
CA THR F 152 9.18 -11.63 1.31
C THR F 152 7.95 -11.23 0.49
N ILE F 153 7.96 -9.99 0.00
CA ILE F 153 6.88 -9.47 -0.84
C ILE F 153 7.51 -8.95 -2.12
N GLY F 154 6.96 -9.33 -3.28
CA GLY F 154 7.49 -8.85 -4.54
C GLY F 154 6.48 -7.98 -5.26
N VAL F 155 6.96 -6.97 -5.98
CA VAL F 155 6.09 -6.07 -6.75
C VAL F 155 6.63 -5.92 -8.15
N GLY F 156 5.80 -6.16 -9.14
CA GLY F 156 6.27 -6.06 -10.50
C GLY F 156 5.13 -5.86 -11.47
N ASP F 157 5.47 -5.50 -12.71
CA ASP F 157 4.45 -5.28 -13.70
C ASP F 157 4.87 -5.78 -15.08
N GLY F 158 6.00 -6.47 -15.13
CA GLY F 158 6.48 -6.97 -16.41
C GLY F 158 6.51 -8.49 -16.54
N GLY F 159 6.83 -9.18 -15.45
CA GLY F 159 6.89 -10.64 -15.47
C GLY F 159 8.32 -11.12 -15.27
N ASN F 160 9.27 -10.21 -15.43
CA ASN F 160 10.69 -10.53 -15.27
C ASN F 160 11.26 -10.09 -13.92
N GLU F 161 10.40 -9.70 -12.99
CA GLU F 161 10.84 -9.23 -11.69
C GLU F 161 10.86 -10.27 -10.59
N ILE F 162 11.58 -9.96 -9.52
CA ILE F 162 11.65 -10.84 -8.37
C ILE F 162 10.21 -11.00 -7.89
N GLY F 163 9.79 -12.24 -7.64
CA GLY F 163 8.44 -12.48 -7.18
C GLY F 163 7.53 -13.12 -8.23
N MET F 164 7.80 -12.84 -9.49
CA MET F 164 6.97 -13.38 -10.57
C MET F 164 7.05 -14.91 -10.72
N GLY F 165 8.05 -15.53 -10.11
CA GLY F 165 8.17 -16.97 -10.21
C GLY F 165 6.90 -17.68 -9.77
N LYS F 166 6.16 -17.05 -8.87
CA LYS F 166 4.92 -17.61 -8.35
C LYS F 166 3.83 -17.72 -9.42
N ILE F 167 3.99 -17.02 -10.54
CA ILE F 167 2.99 -17.06 -11.58
C ILE F 167 3.60 -17.15 -12.96
N ARG F 168 4.72 -17.85 -13.07
CA ARG F 168 5.40 -17.97 -14.35
C ARG F 168 4.47 -18.46 -15.46
N GLU F 169 3.50 -19.30 -15.12
CA GLU F 169 2.57 -19.81 -16.14
C GLU F 169 1.79 -18.67 -16.78
N LEU F 170 1.36 -17.71 -15.98
CA LEU F 170 0.62 -16.56 -16.51
C LEU F 170 1.49 -15.68 -17.40
N VAL F 171 2.74 -15.47 -16.99
CA VAL F 171 3.67 -14.64 -17.74
C VAL F 171 4.00 -15.21 -19.12
N VAL F 172 4.31 -16.51 -19.16
CA VAL F 172 4.62 -17.18 -20.42
C VAL F 172 3.39 -17.14 -21.33
N GLY F 173 2.22 -17.34 -20.73
CA GLY F 173 0.99 -17.35 -21.50
C GLY F 173 0.48 -16.02 -22.05
N HIS F 174 0.79 -14.90 -21.39
CA HIS F 174 0.29 -13.60 -21.85
C HIS F 174 1.34 -12.55 -22.23
N VAL F 175 2.53 -12.64 -21.67
CA VAL F 175 3.55 -11.64 -21.93
C VAL F 175 4.55 -11.92 -23.06
N PRO F 176 4.82 -10.90 -23.90
CA PRO F 176 5.75 -11.04 -25.03
C PRO F 176 7.12 -11.53 -24.52
N HIS F 177 7.67 -12.53 -25.19
CA HIS F 177 8.96 -13.10 -24.79
C HIS F 177 8.80 -13.78 -23.43
N GLY F 178 7.56 -14.10 -23.08
CA GLY F 178 7.28 -14.73 -21.80
C GLY F 178 8.21 -15.85 -21.35
N GLU F 179 8.36 -16.87 -22.20
CA GLU F 179 9.20 -18.01 -21.90
C GLU F 179 10.64 -17.64 -21.52
N LYS F 180 11.22 -16.71 -22.26
CA LYS F 180 12.58 -16.31 -22.00
C LYS F 180 12.82 -15.38 -20.80
N ILE F 181 12.03 -14.33 -20.68
CA ILE F 181 12.24 -13.35 -19.62
C ILE F 181 11.60 -13.58 -18.26
N ALA F 182 10.54 -14.37 -18.21
CA ALA F 182 9.86 -14.62 -16.94
C ALA F 182 10.83 -15.10 -15.88
N SER F 183 10.71 -14.52 -14.69
CA SER F 183 11.58 -14.91 -13.58
C SER F 183 11.04 -16.12 -12.82
N VAL F 184 11.96 -16.92 -12.30
CA VAL F 184 11.60 -18.11 -11.54
C VAL F 184 11.66 -17.81 -10.04
N VAL F 185 12.14 -16.61 -9.70
CA VAL F 185 12.24 -16.20 -8.30
C VAL F 185 10.86 -15.93 -7.69
N GLU F 186 10.59 -16.60 -6.59
CA GLU F 186 9.32 -16.47 -5.89
C GLU F 186 9.48 -15.67 -4.60
N THR F 187 8.37 -15.10 -4.13
CA THR F 187 8.33 -14.37 -2.89
C THR F 187 7.08 -14.92 -2.21
N ASP F 188 6.95 -14.73 -0.90
CA ASP F 188 5.78 -15.23 -0.20
C ASP F 188 4.48 -14.58 -0.70
N GLU F 189 4.51 -13.27 -0.93
CA GLU F 189 3.36 -12.55 -1.44
C GLU F 189 3.77 -11.78 -2.70
N LEU F 190 2.82 -11.58 -3.61
CA LEU F 190 3.11 -10.88 -4.85
C LEU F 190 2.05 -9.88 -5.26
N ILE F 191 2.47 -8.65 -5.55
CA ILE F 191 1.52 -7.65 -6.00
C ILE F 191 1.83 -7.44 -7.49
N VAL F 192 0.81 -7.60 -8.33
CA VAL F 192 0.94 -7.39 -9.77
C VAL F 192 0.26 -6.04 -10.04
N SER F 193 0.89 -5.18 -10.84
CA SER F 193 0.31 -3.86 -11.15
C SER F 193 0.67 -3.42 -12.57
N ALA F 194 0.05 -2.35 -13.06
CA ALA F 194 0.36 -1.89 -14.43
C ALA F 194 1.71 -1.19 -14.47
N VAL F 195 2.12 -0.65 -13.34
CA VAL F 195 3.39 0.04 -13.20
C VAL F 195 3.82 -0.36 -11.79
N SER F 196 5.09 -0.72 -11.63
CA SER F 196 5.58 -1.16 -10.32
C SER F 196 5.36 -0.13 -9.21
N ASN F 197 5.68 1.14 -9.49
CA ASN F 197 5.46 2.19 -8.49
C ASN F 197 4.02 2.13 -7.97
N TRP F 198 3.07 1.96 -8.88
CA TRP F 198 1.65 1.91 -8.51
C TRP F 198 1.37 0.73 -7.58
N GLY F 199 2.02 -0.39 -7.85
CA GLY F 199 1.83 -1.55 -7.01
C GLY F 199 2.28 -1.21 -5.60
N ALA F 200 3.41 -0.51 -5.50
CA ALA F 200 3.93 -0.09 -4.21
C ALA F 200 2.98 0.89 -3.54
N TYR F 201 2.46 1.86 -4.30
CA TYR F 201 1.52 2.82 -3.73
C TYR F 201 0.25 2.08 -3.29
N GLY F 202 -0.09 1.00 -3.99
CA GLY F 202 -1.27 0.24 -3.62
C GLY F 202 -1.09 -0.39 -2.25
N LEU F 203 0.09 -0.94 -2.01
CA LEU F 203 0.39 -1.58 -0.73
C LEU F 203 0.30 -0.53 0.38
N VAL F 204 0.84 0.66 0.13
CA VAL F 204 0.81 1.71 1.12
C VAL F 204 -0.64 2.13 1.39
N ALA F 205 -1.44 2.22 0.33
CA ALA F 205 -2.86 2.61 0.46
C ALA F 205 -3.68 1.58 1.25
N GLN F 206 -3.45 0.30 0.97
CA GLN F 206 -4.19 -0.76 1.68
C GLN F 206 -3.76 -0.73 3.15
N ALA F 207 -2.48 -0.57 3.38
CA ALA F 207 -1.97 -0.50 4.75
C ALA F 207 -2.60 0.71 5.46
N SER F 208 -2.74 1.80 4.73
CA SER F 208 -3.33 3.03 5.29
C SER F 208 -4.73 2.75 5.79
N ILE F 209 -5.52 2.08 4.96
CA ILE F 209 -6.89 1.76 5.31
C ILE F 209 -6.96 0.83 6.52
N GLU F 210 -6.14 -0.21 6.52
CA GLU F 210 -6.16 -1.17 7.62
C GLU F 210 -5.63 -0.55 8.91
N VAL F 211 -4.82 0.50 8.78
CA VAL F 211 -4.22 1.19 9.92
C VAL F 211 -5.02 2.45 10.32
N GLY F 212 -5.90 2.91 9.43
CA GLY F 212 -6.69 4.09 9.72
C GLY F 212 -5.94 5.40 9.64
N ARG F 213 -4.88 5.44 8.84
CA ARG F 213 -4.07 6.65 8.65
C ARG F 213 -3.66 6.71 7.19
N ASN F 214 -3.79 7.87 6.54
CA ASN F 214 -3.40 7.96 5.15
C ASN F 214 -1.89 8.15 5.03
N LEU F 215 -1.19 7.04 4.82
CA LEU F 215 0.26 7.03 4.70
C LEU F 215 0.80 7.62 3.39
N LEU F 216 -0.09 7.88 2.43
CA LEU F 216 0.34 8.47 1.17
C LEU F 216 0.25 9.99 1.21
N GLU F 217 -0.44 10.53 2.21
CA GLU F 217 -0.61 11.98 2.30
C GLU F 217 0.72 12.72 2.39
N GLY F 218 0.90 13.71 1.52
CA GLY F 218 2.14 14.46 1.51
C GLY F 218 3.05 14.02 0.37
N TRP F 219 2.74 12.88 -0.22
CA TRP F 219 3.55 12.37 -1.33
C TRP F 219 3.43 13.27 -2.54
N ASP F 220 4.55 13.62 -3.17
CA ASP F 220 4.50 14.44 -4.38
C ASP F 220 5.15 13.64 -5.50
N GLU F 221 4.29 12.96 -6.26
CA GLU F 221 4.71 12.12 -7.37
C GLU F 221 5.58 12.86 -8.38
N ARG F 222 5.13 14.03 -8.82
CA ARG F 222 5.88 14.80 -9.79
C ARG F 222 7.27 15.20 -9.29
N ARG F 223 7.37 15.60 -8.03
CA ARG F 223 8.67 16.01 -7.48
C ARG F 223 9.62 14.82 -7.43
N VAL F 224 9.13 13.68 -6.96
CA VAL F 224 10.01 12.51 -6.87
C VAL F 224 10.49 12.06 -8.24
N ILE F 225 9.58 11.97 -9.21
CA ILE F 225 9.97 11.56 -10.55
C ILE F 225 10.97 12.53 -11.17
N GLU F 226 10.68 13.82 -11.07
CA GLU F 226 11.59 14.84 -11.62
C GLU F 226 12.96 14.76 -10.96
N ALA F 227 12.96 14.55 -9.64
CA ALA F 227 14.22 14.46 -8.90
C ALA F 227 15.11 13.29 -9.35
N ILE F 228 14.55 12.08 -9.42
CA ILE F 228 15.36 10.94 -9.82
C ILE F 228 15.70 10.97 -11.30
N SER F 229 14.88 11.66 -12.08
CA SER F 229 15.15 11.79 -13.51
C SER F 229 16.35 12.73 -13.69
N SER F 230 16.35 13.85 -12.96
CA SER F 230 17.44 14.81 -13.02
C SER F 230 18.72 14.17 -12.51
N ALA F 231 18.56 13.16 -11.64
CA ALA F 231 19.70 12.46 -11.07
C ALA F 231 20.29 11.45 -12.05
N GLY F 232 19.64 11.23 -13.19
CA GLY F 232 20.17 10.30 -14.16
C GLY F 232 19.39 9.02 -14.42
N LEU F 233 18.35 8.77 -13.62
CA LEU F 233 17.53 7.58 -13.82
C LEU F 233 16.66 7.78 -15.05
N ILE F 234 16.78 6.86 -16.01
CA ILE F 234 16.03 6.96 -17.25
C ILE F 234 14.66 6.32 -17.23
N ASP F 235 13.86 6.66 -18.25
CA ASP F 235 12.54 6.08 -18.42
C ASP F 235 12.82 4.69 -18.98
N GLY F 236 12.21 3.67 -18.38
CA GLY F 236 12.43 2.31 -18.81
C GLY F 236 12.04 1.93 -20.23
N VAL F 237 11.02 2.57 -20.76
CA VAL F 237 10.56 2.26 -22.11
C VAL F 237 11.17 3.14 -23.18
N SER F 238 11.13 4.45 -23.00
CA SER F 238 11.70 5.36 -23.99
C SER F 238 13.22 5.31 -23.95
N LYS F 239 13.76 4.96 -22.79
CA LYS F 239 15.21 4.88 -22.59
C LYS F 239 15.90 6.24 -22.71
N THR F 240 15.22 7.27 -22.24
CA THR F 240 15.75 8.63 -22.26
C THR F 240 15.53 9.28 -20.90
N LEU F 241 16.17 10.42 -20.68
CA LEU F 241 16.03 11.14 -19.41
C LEU F 241 14.77 12.00 -19.36
N ALA F 242 13.63 11.41 -19.67
CA ALA F 242 12.38 12.14 -19.64
C ALA F 242 11.71 11.90 -18.29
N PRO F 243 11.07 12.92 -17.72
CA PRO F 243 10.41 12.75 -16.42
C PRO F 243 9.11 11.97 -16.58
N SER F 244 9.26 10.66 -16.79
CA SER F 244 8.11 9.78 -16.96
C SER F 244 8.49 8.40 -16.45
N VAL F 245 7.50 7.52 -16.37
CA VAL F 245 7.73 6.14 -15.90
C VAL F 245 7.14 5.23 -16.97
N ASP F 246 7.97 4.32 -17.48
CA ASP F 246 7.52 3.38 -18.51
C ASP F 246 6.81 4.01 -19.69
N GLY F 247 7.28 5.17 -20.13
CA GLY F 247 6.66 5.83 -21.25
C GLY F 247 5.30 6.44 -20.99
N ILE F 248 4.89 6.49 -19.73
CA ILE F 248 3.60 7.09 -19.38
C ILE F 248 3.89 8.44 -18.72
N ARG F 249 3.25 9.50 -19.22
CA ARG F 249 3.47 10.85 -18.70
C ARG F 249 2.98 11.05 -17.26
N LEU F 250 3.59 12.02 -16.58
CA LEU F 250 3.27 12.33 -15.20
C LEU F 250 1.81 12.56 -14.80
N MET F 251 1.00 13.14 -15.68
CA MET F 251 -0.38 13.37 -15.29
C MET F 251 -1.13 12.07 -14.95
N VAL F 252 -0.80 10.97 -15.62
CA VAL F 252 -1.46 9.71 -15.31
C VAL F 252 -1.03 9.23 -13.92
N HIS F 253 0.27 9.27 -13.67
CA HIS F 253 0.82 8.85 -12.38
C HIS F 253 0.26 9.68 -11.23
N GLU F 254 0.21 11.00 -11.41
CA GLU F 254 -0.33 11.88 -10.38
C GLU F 254 -1.80 11.53 -10.15
N GLY F 255 -2.51 11.27 -11.24
CA GLY F 255 -3.92 10.93 -11.14
C GLY F 255 -4.13 9.64 -10.37
N ILE F 256 -3.21 8.70 -10.52
CA ILE F 256 -3.29 7.42 -9.80
C ILE F 256 -3.13 7.70 -8.31
N VAL F 257 -2.06 8.43 -7.97
CA VAL F 257 -1.78 8.75 -6.57
C VAL F 257 -2.90 9.57 -5.92
N GLU F 258 -3.38 10.58 -6.64
CA GLU F 258 -4.45 11.39 -6.12
C GLU F 258 -5.71 10.55 -5.93
N LEU F 259 -5.98 9.64 -6.86
CA LEU F 259 -7.18 8.83 -6.71
C LEU F 259 -6.99 7.90 -5.52
N LEU F 260 -5.77 7.39 -5.34
CA LEU F 260 -5.50 6.49 -4.22
C LEU F 260 -5.66 7.22 -2.90
N LYS F 261 -5.19 8.47 -2.84
CA LYS F 261 -5.32 9.25 -1.59
C LYS F 261 -6.79 9.46 -1.26
N ALA F 262 -7.60 9.76 -2.28
CA ALA F 262 -9.03 10.00 -2.10
C ALA F 262 -9.73 8.73 -1.65
N VAL F 263 -9.34 7.59 -2.21
CA VAL F 263 -9.96 6.33 -1.81
C VAL F 263 -9.61 6.03 -0.36
N VAL F 264 -8.35 6.23 0.01
CA VAL F 264 -7.95 5.99 1.40
C VAL F 264 -8.75 6.88 2.34
N ASP F 265 -8.76 8.19 2.07
CA ASP F 265 -9.49 9.13 2.92
C ASP F 265 -10.95 8.71 3.12
N GLU F 266 -11.61 8.32 2.03
CA GLU F 266 -13.00 7.88 2.07
C GLU F 266 -13.18 6.66 2.97
N ALA F 267 -12.34 5.66 2.77
CA ALA F 267 -12.39 4.45 3.56
C ALA F 267 -12.19 4.76 5.04
N ILE F 268 -11.23 5.63 5.35
CA ILE F 268 -10.96 6.00 6.72
C ILE F 268 -12.12 6.82 7.31
N LEU F 269 -12.86 7.50 6.45
CA LEU F 269 -14.00 8.32 6.89
C LEU F 269 -13.62 9.38 7.90
CA CA G . -0.63 39.13 -15.08
CA CA H . 4.57 30.04 16.96
CA CA I . -25.38 2.21 -9.02
CA CA J . -4.87 -43.24 0.41
CA CA K . 17.79 -26.48 22.04
CA CA L . 7.84 -1.32 -15.08
#